data_6NCJ
# 
_entry.id   6NCJ 
# 
_audit_conform.dict_name       mmcif_pdbx.dic 
_audit_conform.dict_version    5.387 
_audit_conform.dict_location   http://mmcif.pdb.org/dictionaries/ascii/mmcif_pdbx.dic 
# 
loop_
_database_2.database_id 
_database_2.database_code 
_database_2.pdbx_database_accession 
_database_2.pdbx_DOI 
PDB   6NCJ         pdb_00006ncj 10.2210/pdb6ncj/pdb 
WWPDB D_1000238559 ?            ?                   
# 
loop_
_pdbx_audit_revision_history.ordinal 
_pdbx_audit_revision_history.data_content_type 
_pdbx_audit_revision_history.major_revision 
_pdbx_audit_revision_history.minor_revision 
_pdbx_audit_revision_history.revision_date 
1 'Structure model' 1 0 2019-01-16 
2 'Structure model' 1 1 2019-05-01 
3 'Structure model' 1 2 2024-03-13 
# 
_pdbx_audit_revision_details.ordinal             1 
_pdbx_audit_revision_details.revision_ordinal    1 
_pdbx_audit_revision_details.data_content_type   'Structure model' 
_pdbx_audit_revision_details.provider            repository 
_pdbx_audit_revision_details.type                'Initial release' 
_pdbx_audit_revision_details.description         ? 
_pdbx_audit_revision_details.details             ? 
# 
loop_
_pdbx_audit_revision_group.ordinal 
_pdbx_audit_revision_group.revision_ordinal 
_pdbx_audit_revision_group.data_content_type 
_pdbx_audit_revision_group.group 
1 2 'Structure model' 'Data collection'     
2 2 'Structure model' 'Database references' 
3 3 'Structure model' 'Data collection'     
4 3 'Structure model' 'Database references' 
# 
loop_
_pdbx_audit_revision_category.ordinal 
_pdbx_audit_revision_category.revision_ordinal 
_pdbx_audit_revision_category.data_content_type 
_pdbx_audit_revision_category.category 
1 2 'Structure model' citation        
2 2 'Structure model' citation_author 
3 3 'Structure model' chem_comp_atom  
4 3 'Structure model' chem_comp_bond  
5 3 'Structure model' database_2      
# 
loop_
_pdbx_audit_revision_item.ordinal 
_pdbx_audit_revision_item.revision_ordinal 
_pdbx_audit_revision_item.data_content_type 
_pdbx_audit_revision_item.item 
1 2 'Structure model' '_citation.journal_volume'            
2 2 'Structure model' '_citation.page_first'                
3 2 'Structure model' '_citation.page_last'                 
4 2 'Structure model' '_citation.title'                     
5 2 'Structure model' '_citation_author.name'               
6 3 'Structure model' '_database_2.pdbx_DOI'                
7 3 'Structure model' '_database_2.pdbx_database_accession' 
# 
_pdbx_database_status.status_code                     REL 
_pdbx_database_status.status_code_sf                  REL 
_pdbx_database_status.status_code_mr                  ? 
_pdbx_database_status.entry_id                        6NCJ 
_pdbx_database_status.recvd_initial_deposition_date   2018-12-11 
_pdbx_database_status.SG_entry                        N 
_pdbx_database_status.deposit_site                    RCSB 
_pdbx_database_status.process_site                    RCSB 
_pdbx_database_status.status_code_cs                  ? 
_pdbx_database_status.methods_development_category    ? 
_pdbx_database_status.pdb_format_compatible           Y 
_pdbx_database_status.status_code_nmr_data            ? 
# 
_audit_author.name               'Nolte, R.T.' 
_audit_author.pdbx_ordinal       1 
_audit_author.identifier_ORCID   0000-0003-1876-2049 
# 
_citation.abstract                  ? 
_citation.abstract_id_CAS           ? 
_citation.book_id_ISBN              ? 
_citation.book_publisher            ? 
_citation.book_publisher_city       ? 
_citation.book_title                ? 
_citation.coordinate_linkage        ? 
_citation.country                   US 
_citation.database_id_Medline       ? 
_citation.details                   ? 
_citation.id                        primary 
_citation.journal_abbrev            'J. Med. Chem.' 
_citation.journal_id_ASTM           JMCMAR 
_citation.journal_id_CSD            0151 
_citation.journal_id_ISSN           1520-4804 
_citation.journal_full              ? 
_citation.journal_issue             ? 
_citation.journal_volume            62 
_citation.language                  ? 
_citation.page_first                1348 
_citation.page_last                 1361 
_citation.title                     
'5,6,7,8-Tetrahydro-1,6-naphthyridine Derivatives as Potent HIV-1-Integrase-Allosteric-Site Inhibitors.' 
_citation.year                      2019 
_citation.database_id_CSD           ? 
_citation.pdbx_database_id_DOI      10.1021/acs.jmedchem.8b01473 
_citation.pdbx_database_id_PubMed   30609350 
_citation.unpublished_flag          ? 
# 
loop_
_citation_author.citation_id 
_citation_author.name 
_citation_author.ordinal 
_citation_author.identifier_ORCID 
primary 'Peese, K.M.'      1  ? 
primary 'Allard, C.W.'     2  ? 
primary 'Connolly, T.'     3  ? 
primary 'Johnson, B.L.'    4  ? 
primary 'Li, C.'           5  ? 
primary 'Patel, M.'        6  ? 
primary 'Sorensen, M.E.'   7  ? 
primary 'Walker, M.A.'     8  ? 
primary 'Meanwell, N.A.'   9  ? 
primary 'McAuliffe, B.'    10 ? 
primary 'Minassian, B.'    11 ? 
primary 'Krystal, M.'      12 ? 
primary 'Parker, D.D.'     13 ? 
primary 'Lewis, H.A.'      14 ? 
primary 'Kish, K.'         15 ? 
primary 'Zhang, P.'        16 ? 
primary 'Nolte, R.T.'      17 ? 
primary 'Simmermacher, J.' 18 ? 
primary 'Jenkins, S.'      19 ? 
primary 'Cianci, C.'       20 ? 
primary 'Naidu, B.N.'      21 ? 
# 
loop_
_entity.id 
_entity.type 
_entity.src_method 
_entity.pdbx_description 
_entity.formula_weight 
_entity.pdbx_number_of_molecules 
_entity.pdbx_ec 
_entity.pdbx_mutation 
_entity.pdbx_fragment 
_entity.details 
1 polymer     man Integrase 19685.273 1  ? 'C56S, F139D, F185H' ? ? 
2 non-polymer syn 1,2-ETHANEDIOL 62.068    4  ? ?                    ? ? 
3 non-polymer syn 
;(2~{S})-2-[4-(8-fluoranyl-5-methyl-3,4-dihydro-2~{H}-chromen-6-yl)-2-methyl-6-[[(1~{S},2~{R})-2-phenylcyclopropyl]methyl]-7,8-dihydro-5~{H}-1,6-naphthyridin-3-yl]-2-[(2-methylpropan-2-yl)oxy]ethanoic acid
;
572.709   1  ? ?                    ? ? 
4 non-polymer syn 'SULFATE ION' 96.063    2  ? ?                    ? ? 
5 water       nat water 18.015    92 ? ?                    ? ? 
# 
_entity_poly.entity_id                      1 
_entity_poly.type                           'polypeptide(L)' 
_entity_poly.nstd_linkage                   no 
_entity_poly.nstd_monomer                   no 
_entity_poly.pdbx_seq_one_letter_code       
;MGSSHHHHHHSSGLVPRGSHMHGQVDSSPGIWQLDCTHLEGKVILVAVHVASGYIEAEVIPAETGQETAYFLLKLAGRWP
VKTVHTDNGSNFTSTTVKAACWWAGIKQEDGIPYNPQSQGVIESMNKELKKIIGQVRDQAEHLKTAVQMAVFIHNHKRKG
GIGGYSAGERIVDIIATDIQ
;
_entity_poly.pdbx_seq_one_letter_code_can   
;MGSSHHHHHHSSGLVPRGSHMHGQVDSSPGIWQLDCTHLEGKVILVAVHVASGYIEAEVIPAETGQETAYFLLKLAGRWP
VKTVHTDNGSNFTSTTVKAACWWAGIKQEDGIPYNPQSQGVIESMNKELKKIIGQVRDQAEHLKTAVQMAVFIHNHKRKG
GIGGYSAGERIVDIIATDIQ
;
_entity_poly.pdbx_strand_id                 A 
_entity_poly.pdbx_target_identifier         ? 
# 
loop_
_pdbx_entity_nonpoly.entity_id 
_pdbx_entity_nonpoly.name 
_pdbx_entity_nonpoly.comp_id 
2 1,2-ETHANEDIOL EDO 
3 
;(2~{S})-2-[4-(8-fluoranyl-5-methyl-3,4-dihydro-2~{H}-chromen-6-yl)-2-methyl-6-[[(1~{S},2~{R})-2-phenylcyclopropyl]methyl]-7,8-dihydro-5~{H}-1,6-naphthyridin-3-yl]-2-[(2-methylpropan-2-yl)oxy]ethanoic acid
;
KJJ 
4 'SULFATE ION' SO4 
5 water HOH 
# 
loop_
_entity_poly_seq.entity_id 
_entity_poly_seq.num 
_entity_poly_seq.mon_id 
_entity_poly_seq.hetero 
1 1   MET n 
1 2   GLY n 
1 3   SER n 
1 4   SER n 
1 5   HIS n 
1 6   HIS n 
1 7   HIS n 
1 8   HIS n 
1 9   HIS n 
1 10  HIS n 
1 11  SER n 
1 12  SER n 
1 13  GLY n 
1 14  LEU n 
1 15  VAL n 
1 16  PRO n 
1 17  ARG n 
1 18  GLY n 
1 19  SER n 
1 20  HIS n 
1 21  MET n 
1 22  HIS n 
1 23  GLY n 
1 24  GLN n 
1 25  VAL n 
1 26  ASP n 
1 27  SER n 
1 28  SER n 
1 29  PRO n 
1 30  GLY n 
1 31  ILE n 
1 32  TRP n 
1 33  GLN n 
1 34  LEU n 
1 35  ASP n 
1 36  CYS n 
1 37  THR n 
1 38  HIS n 
1 39  LEU n 
1 40  GLU n 
1 41  GLY n 
1 42  LYS n 
1 43  VAL n 
1 44  ILE n 
1 45  LEU n 
1 46  VAL n 
1 47  ALA n 
1 48  VAL n 
1 49  HIS n 
1 50  VAL n 
1 51  ALA n 
1 52  SER n 
1 53  GLY n 
1 54  TYR n 
1 55  ILE n 
1 56  GLU n 
1 57  ALA n 
1 58  GLU n 
1 59  VAL n 
1 60  ILE n 
1 61  PRO n 
1 62  ALA n 
1 63  GLU n 
1 64  THR n 
1 65  GLY n 
1 66  GLN n 
1 67  GLU n 
1 68  THR n 
1 69  ALA n 
1 70  TYR n 
1 71  PHE n 
1 72  LEU n 
1 73  LEU n 
1 74  LYS n 
1 75  LEU n 
1 76  ALA n 
1 77  GLY n 
1 78  ARG n 
1 79  TRP n 
1 80  PRO n 
1 81  VAL n 
1 82  LYS n 
1 83  THR n 
1 84  VAL n 
1 85  HIS n 
1 86  THR n 
1 87  ASP n 
1 88  ASN n 
1 89  GLY n 
1 90  SER n 
1 91  ASN n 
1 92  PHE n 
1 93  THR n 
1 94  SER n 
1 95  THR n 
1 96  THR n 
1 97  VAL n 
1 98  LYS n 
1 99  ALA n 
1 100 ALA n 
1 101 CYS n 
1 102 TRP n 
1 103 TRP n 
1 104 ALA n 
1 105 GLY n 
1 106 ILE n 
1 107 LYS n 
1 108 GLN n 
1 109 GLU n 
1 110 ASP n 
1 111 GLY n 
1 112 ILE n 
1 113 PRO n 
1 114 TYR n 
1 115 ASN n 
1 116 PRO n 
1 117 GLN n 
1 118 SER n 
1 119 GLN n 
1 120 GLY n 
1 121 VAL n 
1 122 ILE n 
1 123 GLU n 
1 124 SER n 
1 125 MET n 
1 126 ASN n 
1 127 LYS n 
1 128 GLU n 
1 129 LEU n 
1 130 LYS n 
1 131 LYS n 
1 132 ILE n 
1 133 ILE n 
1 134 GLY n 
1 135 GLN n 
1 136 VAL n 
1 137 ARG n 
1 138 ASP n 
1 139 GLN n 
1 140 ALA n 
1 141 GLU n 
1 142 HIS n 
1 143 LEU n 
1 144 LYS n 
1 145 THR n 
1 146 ALA n 
1 147 VAL n 
1 148 GLN n 
1 149 MET n 
1 150 ALA n 
1 151 VAL n 
1 152 PHE n 
1 153 ILE n 
1 154 HIS n 
1 155 ASN n 
1 156 HIS n 
1 157 LYS n 
1 158 ARG n 
1 159 LYS n 
1 160 GLY n 
1 161 GLY n 
1 162 ILE n 
1 163 GLY n 
1 164 GLY n 
1 165 TYR n 
1 166 SER n 
1 167 ALA n 
1 168 GLY n 
1 169 GLU n 
1 170 ARG n 
1 171 ILE n 
1 172 VAL n 
1 173 ASP n 
1 174 ILE n 
1 175 ILE n 
1 176 ALA n 
1 177 THR n 
1 178 ASP n 
1 179 ILE n 
1 180 GLN n 
# 
_entity_src_gen.entity_id                          1 
_entity_src_gen.pdbx_src_id                        1 
_entity_src_gen.pdbx_alt_source_flag               sample 
_entity_src_gen.pdbx_seq_type                      'Biological sequence' 
_entity_src_gen.pdbx_beg_seq_num                   1 
_entity_src_gen.pdbx_end_seq_num                   180 
_entity_src_gen.gene_src_common_name               ? 
_entity_src_gen.gene_src_genus                     ? 
_entity_src_gen.pdbx_gene_src_gene                 pol 
_entity_src_gen.gene_src_species                   ? 
_entity_src_gen.gene_src_strain                    ? 
_entity_src_gen.gene_src_tissue                    ? 
_entity_src_gen.gene_src_tissue_fraction           ? 
_entity_src_gen.gene_src_details                   ? 
_entity_src_gen.pdbx_gene_src_fragment             ? 
_entity_src_gen.pdbx_gene_src_scientific_name      'Human immunodeficiency virus 1' 
_entity_src_gen.pdbx_gene_src_ncbi_taxonomy_id     11676 
_entity_src_gen.pdbx_gene_src_variant              ? 
_entity_src_gen.pdbx_gene_src_cell_line            ? 
_entity_src_gen.pdbx_gene_src_atcc                 ? 
_entity_src_gen.pdbx_gene_src_organ                ? 
_entity_src_gen.pdbx_gene_src_organelle            ? 
_entity_src_gen.pdbx_gene_src_cell                 ? 
_entity_src_gen.pdbx_gene_src_cellular_location    ? 
_entity_src_gen.host_org_common_name               ? 
_entity_src_gen.pdbx_host_org_scientific_name      'Escherichia coli BL21(DE3)' 
_entity_src_gen.pdbx_host_org_ncbi_taxonomy_id     469008 
_entity_src_gen.host_org_genus                     ? 
_entity_src_gen.pdbx_host_org_gene                 ? 
_entity_src_gen.pdbx_host_org_organ                ? 
_entity_src_gen.host_org_species                   ? 
_entity_src_gen.pdbx_host_org_tissue               ? 
_entity_src_gen.pdbx_host_org_tissue_fraction      ? 
_entity_src_gen.pdbx_host_org_strain               ? 
_entity_src_gen.pdbx_host_org_variant              ? 
_entity_src_gen.pdbx_host_org_cell_line            ? 
_entity_src_gen.pdbx_host_org_atcc                 ? 
_entity_src_gen.pdbx_host_org_culture_collection   ? 
_entity_src_gen.pdbx_host_org_cell                 ? 
_entity_src_gen.pdbx_host_org_organelle            ? 
_entity_src_gen.pdbx_host_org_cellular_location    ? 
_entity_src_gen.pdbx_host_org_vector_type          ? 
_entity_src_gen.pdbx_host_org_vector               ? 
_entity_src_gen.host_org_details                   ? 
_entity_src_gen.expression_system_id               ? 
_entity_src_gen.plasmid_name                       ? 
_entity_src_gen.plasmid_details                    ? 
_entity_src_gen.pdbx_description                   ? 
# 
loop_
_chem_comp.id 
_chem_comp.type 
_chem_comp.mon_nstd_flag 
_chem_comp.name 
_chem_comp.pdbx_synonyms 
_chem_comp.formula 
_chem_comp.formula_weight 
ALA 'L-peptide linking' y ALANINE ?                 'C3 H7 N O2'      89.093  
ARG 'L-peptide linking' y ARGININE ?                 'C6 H15 N4 O2 1'  175.209 
ASN 'L-peptide linking' y ASPARAGINE ?                 'C4 H8 N2 O3'     132.118 
ASP 'L-peptide linking' y 'ASPARTIC ACID' ?                 'C4 H7 N O4'      133.103 
CYS 'L-peptide linking' y CYSTEINE ?                 'C3 H7 N O2 S'    121.158 
EDO non-polymer         . 1,2-ETHANEDIOL 'ETHYLENE GLYCOL' 'C2 H6 O2'        62.068  
GLN 'L-peptide linking' y GLUTAMINE ?                 'C5 H10 N2 O3'    146.144 
GLU 'L-peptide linking' y 'GLUTAMIC ACID' ?                 'C5 H9 N O4'      147.129 
GLY 'peptide linking'   y GLYCINE ?                 'C2 H5 N O2'      75.067  
HIS 'L-peptide linking' y HISTIDINE ?                 'C6 H10 N3 O2 1'  156.162 
HOH non-polymer         . WATER ?                 'H2 O'            18.015  
ILE 'L-peptide linking' y ISOLEUCINE ?                 'C6 H13 N O2'     131.173 
KJJ non-polymer         . 
;(2~{S})-2-[4-(8-fluoranyl-5-methyl-3,4-dihydro-2~{H}-chromen-6-yl)-2-methyl-6-[[(1~{S},2~{R})-2-phenylcyclopropyl]methyl]-7,8-dihydro-5~{H}-1,6-naphthyridin-3-yl]-2-[(2-methylpropan-2-yl)oxy]ethanoic acid
;
?                 'C35 H41 F N2 O4' 572.709 
LEU 'L-peptide linking' y LEUCINE ?                 'C6 H13 N O2'     131.173 
LYS 'L-peptide linking' y LYSINE ?                 'C6 H15 N2 O2 1'  147.195 
MET 'L-peptide linking' y METHIONINE ?                 'C5 H11 N O2 S'   149.211 
PHE 'L-peptide linking' y PHENYLALANINE ?                 'C9 H11 N O2'     165.189 
PRO 'L-peptide linking' y PROLINE ?                 'C5 H9 N O2'      115.130 
SER 'L-peptide linking' y SERINE ?                 'C3 H7 N O3'      105.093 
SO4 non-polymer         . 'SULFATE ION' ?                 'O4 S -2'         96.063  
THR 'L-peptide linking' y THREONINE ?                 'C4 H9 N O3'      119.119 
TRP 'L-peptide linking' y TRYPTOPHAN ?                 'C11 H12 N2 O2'   204.225 
TYR 'L-peptide linking' y TYROSINE ?                 'C9 H11 N O3'     181.189 
VAL 'L-peptide linking' y VALINE ?                 'C5 H11 N O2'     117.146 
# 
loop_
_pdbx_poly_seq_scheme.asym_id 
_pdbx_poly_seq_scheme.entity_id 
_pdbx_poly_seq_scheme.seq_id 
_pdbx_poly_seq_scheme.mon_id 
_pdbx_poly_seq_scheme.ndb_seq_num 
_pdbx_poly_seq_scheme.pdb_seq_num 
_pdbx_poly_seq_scheme.auth_seq_num 
_pdbx_poly_seq_scheme.pdb_mon_id 
_pdbx_poly_seq_scheme.auth_mon_id 
_pdbx_poly_seq_scheme.pdb_strand_id 
_pdbx_poly_seq_scheme.pdb_ins_code 
_pdbx_poly_seq_scheme.hetero 
A 1 1   MET 1   30  ?   ?   ?   A . n 
A 1 2   GLY 2   31  ?   ?   ?   A . n 
A 1 3   SER 3   32  ?   ?   ?   A . n 
A 1 4   SER 4   33  ?   ?   ?   A . n 
A 1 5   HIS 5   34  ?   ?   ?   A . n 
A 1 6   HIS 6   35  ?   ?   ?   A . n 
A 1 7   HIS 7   36  ?   ?   ?   A . n 
A 1 8   HIS 8   37  ?   ?   ?   A . n 
A 1 9   HIS 9   38  ?   ?   ?   A . n 
A 1 10  HIS 10  39  ?   ?   ?   A . n 
A 1 11  SER 11  40  ?   ?   ?   A . n 
A 1 12  SER 12  41  ?   ?   ?   A . n 
A 1 13  GLY 13  42  ?   ?   ?   A . n 
A 1 14  LEU 14  43  ?   ?   ?   A . n 
A 1 15  VAL 15  44  ?   ?   ?   A . n 
A 1 16  PRO 16  45  ?   ?   ?   A . n 
A 1 17  ARG 17  46  ?   ?   ?   A . n 
A 1 18  GLY 18  47  ?   ?   ?   A . n 
A 1 19  SER 19  48  ?   ?   ?   A . n 
A 1 20  HIS 20  49  ?   ?   ?   A . n 
A 1 21  MET 21  50  ?   ?   ?   A . n 
A 1 22  HIS 22  51  ?   ?   ?   A . n 
A 1 23  GLY 23  52  ?   ?   ?   A . n 
A 1 24  GLN 24  53  ?   ?   ?   A . n 
A 1 25  VAL 25  54  ?   ?   ?   A . n 
A 1 26  ASP 26  55  ?   ?   ?   A . n 
A 1 27  SER 27  56  56  SER SER A . n 
A 1 28  SER 28  57  57  SER SER A . n 
A 1 29  PRO 29  58  58  PRO PRO A . n 
A 1 30  GLY 30  59  59  GLY GLY A . n 
A 1 31  ILE 31  60  60  ILE ILE A . n 
A 1 32  TRP 32  61  61  TRP TRP A . n 
A 1 33  GLN 33  62  62  GLN GLN A . n 
A 1 34  LEU 34  63  63  LEU LEU A . n 
A 1 35  ASP 35  64  64  ASP ASP A . n 
A 1 36  CYS 36  65  65  CYS CYS A . n 
A 1 37  THR 37  66  66  THR THR A . n 
A 1 38  HIS 38  67  67  HIS HIS A . n 
A 1 39  LEU 39  68  68  LEU LEU A . n 
A 1 40  GLU 40  69  69  GLU GLU A . n 
A 1 41  GLY 41  70  70  GLY GLY A . n 
A 1 42  LYS 42  71  71  LYS LYS A . n 
A 1 43  VAL 43  72  72  VAL VAL A . n 
A 1 44  ILE 44  73  73  ILE ILE A . n 
A 1 45  LEU 45  74  74  LEU LEU A . n 
A 1 46  VAL 46  75  75  VAL VAL A . n 
A 1 47  ALA 47  76  76  ALA ALA A . n 
A 1 48  VAL 48  77  77  VAL VAL A . n 
A 1 49  HIS 49  78  78  HIS HIS A . n 
A 1 50  VAL 50  79  79  VAL VAL A . n 
A 1 51  ALA 51  80  80  ALA ALA A . n 
A 1 52  SER 52  81  81  SER SER A . n 
A 1 53  GLY 53  82  82  GLY GLY A . n 
A 1 54  TYR 54  83  83  TYR TYR A . n 
A 1 55  ILE 55  84  84  ILE ILE A . n 
A 1 56  GLU 56  85  85  GLU GLU A . n 
A 1 57  ALA 57  86  86  ALA ALA A . n 
A 1 58  GLU 58  87  87  GLU GLU A . n 
A 1 59  VAL 59  88  88  VAL VAL A . n 
A 1 60  ILE 60  89  89  ILE ILE A . n 
A 1 61  PRO 61  90  90  PRO PRO A . n 
A 1 62  ALA 62  91  91  ALA ALA A . n 
A 1 63  GLU 63  92  92  GLU GLU A . n 
A 1 64  THR 64  93  93  THR THR A . n 
A 1 65  GLY 65  94  94  GLY GLY A . n 
A 1 66  GLN 66  95  95  GLN GLN A . n 
A 1 67  GLU 67  96  96  GLU GLU A . n 
A 1 68  THR 68  97  97  THR THR A . n 
A 1 69  ALA 69  98  98  ALA ALA A . n 
A 1 70  TYR 70  99  99  TYR TYR A . n 
A 1 71  PHE 71  100 100 PHE PHE A . n 
A 1 72  LEU 72  101 101 LEU LEU A . n 
A 1 73  LEU 73  102 102 LEU LEU A . n 
A 1 74  LYS 74  103 103 LYS LYS A . n 
A 1 75  LEU 75  104 104 LEU LEU A . n 
A 1 76  ALA 76  105 105 ALA ALA A . n 
A 1 77  GLY 77  106 106 GLY GLY A . n 
A 1 78  ARG 78  107 107 ARG ARG A . n 
A 1 79  TRP 79  108 108 TRP TRP A . n 
A 1 80  PRO 80  109 109 PRO PRO A . n 
A 1 81  VAL 81  110 110 VAL VAL A . n 
A 1 82  LYS 82  111 111 LYS LYS A . n 
A 1 83  THR 83  112 112 THR THR A . n 
A 1 84  VAL 84  113 113 VAL VAL A . n 
A 1 85  HIS 85  114 114 HIS HIS A . n 
A 1 86  THR 86  115 115 THR THR A . n 
A 1 87  ASP 87  116 116 ASP ASP A . n 
A 1 88  ASN 88  117 117 ASN ASN A . n 
A 1 89  GLY 89  118 118 GLY GLY A . n 
A 1 90  SER 90  119 119 SER SER A . n 
A 1 91  ASN 91  120 120 ASN ASN A . n 
A 1 92  PHE 92  121 121 PHE PHE A . n 
A 1 93  THR 93  122 122 THR THR A . n 
A 1 94  SER 94  123 123 SER SER A . n 
A 1 95  THR 95  124 124 THR THR A . n 
A 1 96  THR 96  125 125 THR THR A . n 
A 1 97  VAL 97  126 126 VAL VAL A . n 
A 1 98  LYS 98  127 127 LYS LYS A . n 
A 1 99  ALA 99  128 128 ALA ALA A . n 
A 1 100 ALA 100 129 129 ALA ALA A . n 
A 1 101 CYS 101 130 130 CYS CYS A . n 
A 1 102 TRP 102 131 131 TRP TRP A . n 
A 1 103 TRP 103 132 132 TRP TRP A . n 
A 1 104 ALA 104 133 133 ALA ALA A . n 
A 1 105 GLY 105 134 134 GLY GLY A . n 
A 1 106 ILE 106 135 135 ILE ILE A . n 
A 1 107 LYS 107 136 136 LYS LYS A . n 
A 1 108 GLN 108 137 137 GLN GLN A . n 
A 1 109 GLU 109 138 138 GLU GLU A . n 
A 1 110 ASP 110 139 139 ASP ASP A . n 
A 1 111 GLY 111 140 140 GLY GLY A . n 
A 1 112 ILE 112 141 141 ILE ILE A . n 
A 1 113 PRO 113 142 ?   ?   ?   A . n 
A 1 114 TYR 114 143 ?   ?   ?   A . n 
A 1 115 ASN 115 144 ?   ?   ?   A . n 
A 1 116 PRO 116 145 ?   ?   ?   A . n 
A 1 117 GLN 117 146 ?   ?   ?   A . n 
A 1 118 SER 118 147 ?   ?   ?   A . n 
A 1 119 GLN 119 148 ?   ?   ?   A . n 
A 1 120 GLY 120 149 ?   ?   ?   A . n 
A 1 121 VAL 121 150 150 VAL VAL A . n 
A 1 122 ILE 122 151 151 ILE ILE A . n 
A 1 123 GLU 123 152 152 GLU GLU A . n 
A 1 124 SER 124 153 153 SER SER A . n 
A 1 125 MET 125 154 154 MET MET A . n 
A 1 126 ASN 126 155 155 ASN ASN A . n 
A 1 127 LYS 127 156 156 LYS LYS A . n 
A 1 128 GLU 128 157 157 GLU GLU A . n 
A 1 129 LEU 129 158 158 LEU LEU A . n 
A 1 130 LYS 130 159 159 LYS LYS A . n 
A 1 131 LYS 131 160 160 LYS LYS A . n 
A 1 132 ILE 132 161 161 ILE ILE A . n 
A 1 133 ILE 133 162 162 ILE ILE A . n 
A 1 134 GLY 134 163 163 GLY GLY A . n 
A 1 135 GLN 135 164 164 GLN GLN A . n 
A 1 136 VAL 136 165 165 VAL VAL A . n 
A 1 137 ARG 137 166 166 ARG ARG A . n 
A 1 138 ASP 138 167 167 ASP ASP A . n 
A 1 139 GLN 139 168 168 GLN GLN A . n 
A 1 140 ALA 140 169 169 ALA ALA A . n 
A 1 141 GLU 141 170 170 GLU GLU A . n 
A 1 142 HIS 142 171 171 HIS HIS A . n 
A 1 143 LEU 143 172 172 LEU LEU A . n 
A 1 144 LYS 144 173 173 LYS LYS A . n 
A 1 145 THR 145 174 174 THR THR A . n 
A 1 146 ALA 146 175 175 ALA ALA A . n 
A 1 147 VAL 147 176 176 VAL VAL A . n 
A 1 148 GLN 148 177 177 GLN GLN A . n 
A 1 149 MET 149 178 178 MET MET A . n 
A 1 150 ALA 150 179 179 ALA ALA A . n 
A 1 151 VAL 151 180 180 VAL VAL A . n 
A 1 152 PHE 152 181 181 PHE PHE A . n 
A 1 153 ILE 153 182 182 ILE ILE A . n 
A 1 154 HIS 154 183 183 HIS HIS A . n 
A 1 155 ASN 155 184 184 ASN ASN A . n 
A 1 156 HIS 156 185 185 HIS HIS A . n 
A 1 157 LYS 157 186 186 LYS LYS A . n 
A 1 158 ARG 158 187 187 ARG ARG A . n 
A 1 159 LYS 159 188 188 LYS LYS A . n 
A 1 160 GLY 160 189 ?   ?   ?   A . n 
A 1 161 GLY 161 190 ?   ?   ?   A . n 
A 1 162 ILE 162 191 ?   ?   ?   A . n 
A 1 163 GLY 163 192 192 GLY GLY A . n 
A 1 164 GLY 164 193 193 GLY GLY A . n 
A 1 165 TYR 165 194 194 TYR TYR A . n 
A 1 166 SER 166 195 195 SER SER A . n 
A 1 167 ALA 167 196 196 ALA ALA A . n 
A 1 168 GLY 168 197 197 GLY GLY A . n 
A 1 169 GLU 169 198 198 GLU GLU A . n 
A 1 170 ARG 170 199 199 ARG ARG A . n 
A 1 171 ILE 171 200 200 ILE ILE A . n 
A 1 172 VAL 172 201 201 VAL VAL A . n 
A 1 173 ASP 173 202 202 ASP ASP A . n 
A 1 174 ILE 174 203 203 ILE ILE A . n 
A 1 175 ILE 175 204 204 ILE ILE A . n 
A 1 176 ALA 176 205 205 ALA ALA A . n 
A 1 177 THR 177 206 206 THR THR A . n 
A 1 178 ASP 178 207 207 ASP ASP A . n 
A 1 179 ILE 179 208 208 ILE ILE A . n 
A 1 180 GLN 180 209 ?   ?   ?   A . n 
# 
loop_
_pdbx_nonpoly_scheme.asym_id 
_pdbx_nonpoly_scheme.entity_id 
_pdbx_nonpoly_scheme.mon_id 
_pdbx_nonpoly_scheme.ndb_seq_num 
_pdbx_nonpoly_scheme.pdb_seq_num 
_pdbx_nonpoly_scheme.auth_seq_num 
_pdbx_nonpoly_scheme.pdb_mon_id 
_pdbx_nonpoly_scheme.auth_mon_id 
_pdbx_nonpoly_scheme.pdb_strand_id 
_pdbx_nonpoly_scheme.pdb_ins_code 
B 2 EDO 1  301 1   EDO EDO A . 
C 2 EDO 1  302 2   EDO EDO A . 
D 2 EDO 1  303 3   EDO EDO A . 
E 2 EDO 1  304 4   EDO EDO A . 
F 3 KJJ 1  305 1   KJJ LG1 A . 
G 4 SO4 1  306 1   SO4 SO4 A . 
H 4 SO4 1  307 2   SO4 SO4 A . 
I 5 HOH 1  401 103 HOH HOH A . 
I 5 HOH 2  402 109 HOH HOH A . 
I 5 HOH 3  403 5   HOH HOH A . 
I 5 HOH 4  404 102 HOH HOH A . 
I 5 HOH 5  405 6   HOH HOH A . 
I 5 HOH 6  406 56  HOH HOH A . 
I 5 HOH 7  407 2   HOH HOH A . 
I 5 HOH 8  408 19  HOH HOH A . 
I 5 HOH 9  409 66  HOH HOH A . 
I 5 HOH 10 410 52  HOH HOH A . 
I 5 HOH 11 411 18  HOH HOH A . 
I 5 HOH 12 412 1   HOH HOH A . 
I 5 HOH 13 413 81  HOH HOH A . 
I 5 HOH 14 414 14  HOH HOH A . 
I 5 HOH 15 415 108 HOH HOH A . 
I 5 HOH 16 416 57  HOH HOH A . 
I 5 HOH 17 417 53  HOH HOH A . 
I 5 HOH 18 418 59  HOH HOH A . 
I 5 HOH 19 419 71  HOH HOH A . 
I 5 HOH 20 420 43  HOH HOH A . 
I 5 HOH 21 421 20  HOH HOH A . 
I 5 HOH 22 422 88  HOH HOH A . 
I 5 HOH 23 423 7   HOH HOH A . 
I 5 HOH 24 424 76  HOH HOH A . 
I 5 HOH 25 425 40  HOH HOH A . 
I 5 HOH 26 426 107 HOH HOH A . 
I 5 HOH 27 427 74  HOH HOH A . 
I 5 HOH 28 428 13  HOH HOH A . 
I 5 HOH 29 429 73  HOH HOH A . 
I 5 HOH 30 430 17  HOH HOH A . 
I 5 HOH 31 431 3   HOH HOH A . 
I 5 HOH 32 432 25  HOH HOH A . 
I 5 HOH 33 433 22  HOH HOH A . 
I 5 HOH 34 434 62  HOH HOH A . 
I 5 HOH 35 435 78  HOH HOH A . 
I 5 HOH 36 436 27  HOH HOH A . 
I 5 HOH 37 437 98  HOH HOH A . 
I 5 HOH 38 438 10  HOH HOH A . 
I 5 HOH 39 439 24  HOH HOH A . 
I 5 HOH 40 440 44  HOH HOH A . 
I 5 HOH 41 441 82  HOH HOH A . 
I 5 HOH 42 442 45  HOH HOH A . 
I 5 HOH 43 443 46  HOH HOH A . 
I 5 HOH 44 444 36  HOH HOH A . 
I 5 HOH 45 445 64  HOH HOH A . 
I 5 HOH 46 446 77  HOH HOH A . 
I 5 HOH 47 447 33  HOH HOH A . 
I 5 HOH 48 448 39  HOH HOH A . 
I 5 HOH 49 449 50  HOH HOH A . 
I 5 HOH 50 450 60  HOH HOH A . 
I 5 HOH 51 451 58  HOH HOH A . 
I 5 HOH 52 452 67  HOH HOH A . 
I 5 HOH 53 453 8   HOH HOH A . 
I 5 HOH 54 454 26  HOH HOH A . 
I 5 HOH 55 455 96  HOH HOH A . 
I 5 HOH 56 456 32  HOH HOH A . 
I 5 HOH 57 457 93  HOH HOH A . 
I 5 HOH 58 458 35  HOH HOH A . 
I 5 HOH 59 459 31  HOH HOH A . 
I 5 HOH 60 460 34  HOH HOH A . 
I 5 HOH 61 461 16  HOH HOH A . 
I 5 HOH 62 462 51  HOH HOH A . 
I 5 HOH 63 463 21  HOH HOH A . 
I 5 HOH 64 464 30  HOH HOH A . 
I 5 HOH 65 465 104 HOH HOH A . 
I 5 HOH 66 466 100 HOH HOH A . 
I 5 HOH 67 467 97  HOH HOH A . 
I 5 HOH 68 468 101 HOH HOH A . 
I 5 HOH 69 469 55  HOH HOH A . 
I 5 HOH 70 470 15  HOH HOH A . 
I 5 HOH 71 471 61  HOH HOH A . 
I 5 HOH 72 472 47  HOH HOH A . 
I 5 HOH 73 473 86  HOH HOH A . 
I 5 HOH 74 474 49  HOH HOH A . 
I 5 HOH 75 475 65  HOH HOH A . 
I 5 HOH 76 476 29  HOH HOH A . 
I 5 HOH 77 477 84  HOH HOH A . 
I 5 HOH 78 478 99  HOH HOH A . 
I 5 HOH 79 479 11  HOH HOH A . 
I 5 HOH 80 480 70  HOH HOH A . 
I 5 HOH 81 481 38  HOH HOH A . 
I 5 HOH 82 482 83  HOH HOH A . 
I 5 HOH 83 483 89  HOH HOH A . 
I 5 HOH 84 484 54  HOH HOH A . 
I 5 HOH 85 485 42  HOH HOH A . 
I 5 HOH 86 486 41  HOH HOH A . 
I 5 HOH 87 487 75  HOH HOH A . 
I 5 HOH 88 488 94  HOH HOH A . 
I 5 HOH 89 489 37  HOH HOH A . 
I 5 HOH 90 490 105 HOH HOH A . 
I 5 HOH 91 491 63  HOH HOH A . 
I 5 HOH 92 492 69  HOH HOH A . 
# 
loop_
_pdbx_unobs_or_zero_occ_atoms.id 
_pdbx_unobs_or_zero_occ_atoms.PDB_model_num 
_pdbx_unobs_or_zero_occ_atoms.polymer_flag 
_pdbx_unobs_or_zero_occ_atoms.occupancy_flag 
_pdbx_unobs_or_zero_occ_atoms.auth_asym_id 
_pdbx_unobs_or_zero_occ_atoms.auth_comp_id 
_pdbx_unobs_or_zero_occ_atoms.auth_seq_id 
_pdbx_unobs_or_zero_occ_atoms.PDB_ins_code 
_pdbx_unobs_or_zero_occ_atoms.auth_atom_id 
_pdbx_unobs_or_zero_occ_atoms.label_alt_id 
_pdbx_unobs_or_zero_occ_atoms.label_asym_id 
_pdbx_unobs_or_zero_occ_atoms.label_comp_id 
_pdbx_unobs_or_zero_occ_atoms.label_seq_id 
_pdbx_unobs_or_zero_occ_atoms.label_atom_id 
1  1 Y 1 A GLU 152 ? CG  ? A GLU 123 CG  
2  1 Y 1 A GLU 152 ? CD  ? A GLU 123 CD  
3  1 Y 1 A GLU 152 ? OE1 ? A GLU 123 OE1 
4  1 Y 1 A GLU 152 ? OE2 ? A GLU 123 OE2 
5  1 Y 1 A LYS 156 ? CG  ? A LYS 127 CG  
6  1 Y 1 A LYS 156 ? CD  ? A LYS 127 CD  
7  1 Y 1 A LYS 156 ? CE  ? A LYS 127 CE  
8  1 Y 1 A LYS 156 ? NZ  ? A LYS 127 NZ  
9  1 Y 1 A LYS 188 ? CG  ? A LYS 159 CG  
10 1 Y 1 A LYS 188 ? CD  ? A LYS 159 CD  
11 1 Y 1 A LYS 188 ? CE  ? A LYS 159 CE  
12 1 Y 1 A LYS 188 ? NZ  ? A LYS 159 NZ  
13 1 Y 1 A ASP 207 ? CG  ? A ASP 178 CG  
14 1 Y 1 A ASP 207 ? OD1 ? A ASP 178 OD1 
15 1 Y 1 A ASP 207 ? OD2 ? A ASP 178 OD2 
# 
loop_
_software.citation_id 
_software.classification 
_software.compiler_name 
_software.compiler_version 
_software.contact_author 
_software.contact_author_email 
_software.date 
_software.description 
_software.dependencies 
_software.hardware 
_software.language 
_software.location 
_software.mods 
_software.name 
_software.os 
_software.os_version 
_software.type 
_software.version 
_software.pdbx_ordinal 
? 'data reduction'  ? ? ? ? ? ? ? ? ? ? ? DENZO       ? ? ? .    1 
? 'data scaling'    ? ? ? ? ? ? ? ? ? ? ? SCALEPACK   ? ? ? .    2 
? refinement        ? ? ? ? ? ? ? ? ? ? ? BUSTER      ? ? ? .    3 
? 'data extraction' ? ? ? ? ? ? ? ? ? ? ? PDB_EXTRACT ? ? ? 3.24 4 
? phasing           ? ? ? ? ? ? ? ? ? ? ? PHENIX      ? ? ? .    5 
# 
_cell.angle_alpha                  90.000 
_cell.angle_alpha_esd              ? 
_cell.angle_beta                   90.000 
_cell.angle_beta_esd               ? 
_cell.angle_gamma                  120.000 
_cell.angle_gamma_esd              ? 
_cell.entry_id                     6NCJ 
_cell.details                      ? 
_cell.formula_units_Z              ? 
_cell.length_a                     72.290 
_cell.length_a_esd                 ? 
_cell.length_b                     72.290 
_cell.length_b_esd                 ? 
_cell.length_c                     64.790 
_cell.length_c_esd                 ? 
_cell.volume                       ? 
_cell.volume_esd                   ? 
_cell.Z_PDB                        6 
_cell.reciprocal_angle_alpha       ? 
_cell.reciprocal_angle_beta        ? 
_cell.reciprocal_angle_gamma       ? 
_cell.reciprocal_angle_alpha_esd   ? 
_cell.reciprocal_angle_beta_esd    ? 
_cell.reciprocal_angle_gamma_esd   ? 
_cell.reciprocal_length_a          ? 
_cell.reciprocal_length_b          ? 
_cell.reciprocal_length_c          ? 
_cell.reciprocal_length_a_esd      ? 
_cell.reciprocal_length_b_esd      ? 
_cell.reciprocal_length_c_esd      ? 
_cell.pdbx_unique_axis             ? 
# 
_symmetry.entry_id                         6NCJ 
_symmetry.cell_setting                     ? 
_symmetry.Int_Tables_number                152 
_symmetry.space_group_name_Hall            ? 
_symmetry.space_group_name_H-M             'P 31 2 1' 
_symmetry.pdbx_full_space_group_name_H-M   ? 
# 
_exptl.absorpt_coefficient_mu     ? 
_exptl.absorpt_correction_T_max   ? 
_exptl.absorpt_correction_T_min   ? 
_exptl.absorpt_correction_type    ? 
_exptl.absorpt_process_details    ? 
_exptl.entry_id                   6NCJ 
_exptl.crystals_number            1 
_exptl.details                    ? 
_exptl.method                     'X-RAY DIFFRACTION' 
_exptl.method_details             ? 
# 
_exptl_crystal.colour                      ? 
_exptl_crystal.density_diffrn              ? 
_exptl_crystal.density_Matthews            2.48 
_exptl_crystal.density_method              ? 
_exptl_crystal.density_percent_sol         50.45 
_exptl_crystal.description                 ? 
_exptl_crystal.F_000                       ? 
_exptl_crystal.id                          1 
_exptl_crystal.preparation                 ? 
_exptl_crystal.size_max                    ? 
_exptl_crystal.size_mid                    ? 
_exptl_crystal.size_min                    ? 
_exptl_crystal.size_rad                    ? 
_exptl_crystal.colour_lustre               ? 
_exptl_crystal.colour_modifier             ? 
_exptl_crystal.colour_primary              ? 
_exptl_crystal.density_meas                ? 
_exptl_crystal.density_meas_esd            ? 
_exptl_crystal.density_meas_gt             ? 
_exptl_crystal.density_meas_lt             ? 
_exptl_crystal.density_meas_temp           ? 
_exptl_crystal.density_meas_temp_esd       ? 
_exptl_crystal.density_meas_temp_gt        ? 
_exptl_crystal.density_meas_temp_lt        ? 
_exptl_crystal.pdbx_crystal_image_url      ? 
_exptl_crystal.pdbx_crystal_image_format   ? 
_exptl_crystal.pdbx_mosaicity              ? 
_exptl_crystal.pdbx_mosaicity_esd          ? 
# 
_exptl_crystal_grow.apparatus       ? 
_exptl_crystal_grow.atmosphere      ? 
_exptl_crystal_grow.crystal_id      1 
_exptl_crystal_grow.details         ? 
_exptl_crystal_grow.method          'VAPOR DIFFUSION, SITTING DROP' 
_exptl_crystal_grow.method_ref      ? 
_exptl_crystal_grow.pH              ? 
_exptl_crystal_grow.pressure        ? 
_exptl_crystal_grow.pressure_esd    ? 
_exptl_crystal_grow.seeding         ? 
_exptl_crystal_grow.seeding_ref     ? 
_exptl_crystal_grow.temp            293 
_exptl_crystal_grow.temp_details    ? 
_exptl_crystal_grow.temp_esd        ? 
_exptl_crystal_grow.time            ? 
_exptl_crystal_grow.pdbx_details    
;The optimized conditions consisted of a reservoir solution with 1.8 - 2.2 M ammonium sulfate and 100 mM sodium acetate pH 4.6 - 5.5. Drops were formed from 0.3 mL of the protein solution and 0.3 mL of the reservoir solution (total initial volume of 0.6 mL), mixed, and placed at 20C to equilibrate.
;
_exptl_crystal_grow.pdbx_pH_range   '4.6 - 5.5' 
# 
_diffrn.ambient_environment              ? 
_diffrn.ambient_temp                     100.000 
_diffrn.ambient_temp_details             ? 
_diffrn.ambient_temp_esd                 ? 
_diffrn.crystal_id                       1 
_diffrn.crystal_support                  ? 
_diffrn.crystal_treatment                ? 
_diffrn.details                          ? 
_diffrn.id                               1 
_diffrn.ambient_pressure                 ? 
_diffrn.ambient_pressure_esd             ? 
_diffrn.ambient_pressure_gt              ? 
_diffrn.ambient_pressure_lt              ? 
_diffrn.ambient_temp_gt                  ? 
_diffrn.ambient_temp_lt                  ? 
_diffrn.pdbx_serial_crystal_experiment   N 
# 
_diffrn_detector.details                      ? 
_diffrn_detector.detector                     PIXEL 
_diffrn_detector.diffrn_id                    1 
_diffrn_detector.type                         'DECTRIS PILATUS 6M' 
_diffrn_detector.area_resol_mean              ? 
_diffrn_detector.dtime                        ? 
_diffrn_detector.pdbx_frames_total            ? 
_diffrn_detector.pdbx_collection_time_total   ? 
_diffrn_detector.pdbx_collection_date         2012-11-20 
_diffrn_detector.pdbx_frequency               ? 
# 
_diffrn_radiation.collimation                      ? 
_diffrn_radiation.diffrn_id                        1 
_diffrn_radiation.filter_edge                      ? 
_diffrn_radiation.inhomogeneity                    ? 
_diffrn_radiation.monochromator                    'Si(111)' 
_diffrn_radiation.polarisn_norm                    ? 
_diffrn_radiation.polarisn_ratio                   ? 
_diffrn_radiation.probe                            ? 
_diffrn_radiation.type                             ? 
_diffrn_radiation.xray_symbol                      ? 
_diffrn_radiation.wavelength_id                    1 
_diffrn_radiation.pdbx_monochromatic_or_laue_m_l   M 
_diffrn_radiation.pdbx_wavelength_list             ? 
_diffrn_radiation.pdbx_wavelength                  ? 
_diffrn_radiation.pdbx_diffrn_protocol             'SINGLE WAVELENGTH' 
_diffrn_radiation.pdbx_analyzer                    ? 
_diffrn_radiation.pdbx_scattering_type             x-ray 
# 
_diffrn_radiation_wavelength.id           1 
_diffrn_radiation_wavelength.wavelength   1.00000 
_diffrn_radiation_wavelength.wt           1.0 
# 
_diffrn_source.current                     ? 
_diffrn_source.details                     ? 
_diffrn_source.diffrn_id                   1 
_diffrn_source.power                       ? 
_diffrn_source.size                        ? 
_diffrn_source.source                      SYNCHROTRON 
_diffrn_source.target                      ? 
_diffrn_source.type                        'APS BEAMLINE 17-ID' 
_diffrn_source.voltage                     ? 
_diffrn_source.take-off_angle              ? 
_diffrn_source.pdbx_wavelength_list        1.00000 
_diffrn_source.pdbx_wavelength             ? 
_diffrn_source.pdbx_synchrotron_beamline   17-ID 
_diffrn_source.pdbx_synchrotron_site       APS 
# 
_reflns.B_iso_Wilson_estimate            28.460 
_reflns.entry_id                         6NCJ 
_reflns.data_reduction_details           ? 
_reflns.data_reduction_method            ? 
_reflns.d_resolution_high                2.000 
_reflns.d_resolution_low                 44.990 
_reflns.details                          ? 
_reflns.limit_h_max                      ? 
_reflns.limit_h_min                      ? 
_reflns.limit_k_max                      ? 
_reflns.limit_k_min                      ? 
_reflns.limit_l_max                      ? 
_reflns.limit_l_min                      ? 
_reflns.number_all                       ? 
_reflns.number_obs                       13589 
_reflns.observed_criterion               ? 
_reflns.observed_criterion_F_max         ? 
_reflns.observed_criterion_F_min         ? 
_reflns.observed_criterion_I_max         ? 
_reflns.observed_criterion_I_min         ? 
_reflns.observed_criterion_sigma_F       ? 
_reflns.observed_criterion_sigma_I       ? 
_reflns.percent_possible_obs             100.000 
_reflns.R_free_details                   ? 
_reflns.Rmerge_F_all                     ? 
_reflns.Rmerge_F_obs                     ? 
_reflns.Friedel_coverage                 ? 
_reflns.number_gt                        ? 
_reflns.threshold_expression             ? 
_reflns.pdbx_redundancy                  9.600 
_reflns.pdbx_Rmerge_I_obs                0.034 
_reflns.pdbx_Rmerge_I_all                ? 
_reflns.pdbx_Rsym_value                  ? 
_reflns.pdbx_netI_over_av_sigmaI         ? 
_reflns.pdbx_netI_over_sigmaI            36.100 
_reflns.pdbx_res_netI_over_av_sigmaI_2   ? 
_reflns.pdbx_res_netI_over_sigmaI_2      ? 
_reflns.pdbx_chi_squared                 0.966 
_reflns.pdbx_scaling_rejects             ? 
_reflns.pdbx_d_res_high_opt              ? 
_reflns.pdbx_d_res_low_opt               ? 
_reflns.pdbx_d_res_opt_method            ? 
_reflns.phase_calculation_details        ? 
_reflns.pdbx_Rrim_I_all                  0.033 
_reflns.pdbx_Rpim_I_all                  0.011 
_reflns.pdbx_d_opt                       ? 
_reflns.pdbx_number_measured_all         ? 
_reflns.pdbx_diffrn_id                   1 
_reflns.pdbx_ordinal                     1 
_reflns.pdbx_CC_half                     ? 
_reflns.pdbx_R_split                     ? 
# 
_reflns_shell.d_res_high                  2.00 
_reflns_shell.d_res_low                   2.03 
_reflns_shell.meanI_over_sigI_all         ? 
_reflns_shell.meanI_over_sigI_obs         2.14 
_reflns_shell.number_measured_all         ? 
_reflns_shell.number_measured_obs         ? 
_reflns_shell.number_possible             ? 
_reflns_shell.number_unique_all           ? 
_reflns_shell.number_unique_obs           668 
_reflns_shell.percent_possible_all        100.000 
_reflns_shell.percent_possible_obs        ? 
_reflns_shell.Rmerge_F_all                ? 
_reflns_shell.Rmerge_F_obs                ? 
_reflns_shell.Rmerge_I_all                ? 
_reflns_shell.Rmerge_I_obs                0.916 
_reflns_shell.meanI_over_sigI_gt          ? 
_reflns_shell.meanI_over_uI_all           ? 
_reflns_shell.meanI_over_uI_gt            ? 
_reflns_shell.number_measured_gt          ? 
_reflns_shell.number_unique_gt            ? 
_reflns_shell.percent_possible_gt         ? 
_reflns_shell.Rmerge_F_gt                 ? 
_reflns_shell.Rmerge_I_gt                 ? 
_reflns_shell.pdbx_redundancy             8.6 
_reflns_shell.pdbx_Rsym_value             ? 
_reflns_shell.pdbx_chi_squared            0.871 
_reflns_shell.pdbx_netI_over_sigmaI_all   ? 
_reflns_shell.pdbx_netI_over_sigmaI_obs   ? 
_reflns_shell.pdbx_Rrim_I_all             0.974 
_reflns_shell.pdbx_Rpim_I_all             0.329 
_reflns_shell.pdbx_rejects                ? 
_reflns_shell.pdbx_ordinal                1 
_reflns_shell.pdbx_diffrn_id              1 
_reflns_shell.pdbx_CC_half                0.785 
_reflns_shell.pdbx_R_split                ? 
# 
_refine.aniso_B[1][1]                            1.1402 
_refine.aniso_B[1][2]                            0.0000 
_refine.aniso_B[1][3]                            0.0000 
_refine.aniso_B[2][2]                            1.1402 
_refine.aniso_B[2][3]                            0.0000 
_refine.aniso_B[3][3]                            -2.2803 
_refine.B_iso_max                                121.400 
_refine.B_iso_mean                               32.2500 
_refine.B_iso_min                                8.420 
_refine.correlation_coeff_Fo_to_Fc               0.9450 
_refine.correlation_coeff_Fo_to_Fc_free          0.9220 
_refine.details                                  ? 
_refine.diff_density_max                         ? 
_refine.diff_density_max_esd                     ? 
_refine.diff_density_min                         ? 
_refine.diff_density_min_esd                     ? 
_refine.diff_density_rms                         ? 
_refine.diff_density_rms_esd                     ? 
_refine.entry_id                                 6NCJ 
_refine.pdbx_refine_id                           'X-RAY DIFFRACTION' 
_refine.ls_abs_structure_details                 ? 
_refine.ls_abs_structure_Flack                   ? 
_refine.ls_abs_structure_Flack_esd               ? 
_refine.ls_abs_structure_Rogers                  ? 
_refine.ls_abs_structure_Rogers_esd              ? 
_refine.ls_d_res_high                            2.0000 
_refine.ls_d_res_low                             31.5700 
_refine.ls_extinction_coef                       ? 
_refine.ls_extinction_coef_esd                   ? 
_refine.ls_extinction_expression                 ? 
_refine.ls_extinction_method                     ? 
_refine.ls_goodness_of_fit_all                   ? 
_refine.ls_goodness_of_fit_all_esd               ? 
_refine.ls_goodness_of_fit_obs                   ? 
_refine.ls_goodness_of_fit_obs_esd               ? 
_refine.ls_hydrogen_treatment                    ? 
_refine.ls_matrix_type                           ? 
_refine.ls_number_constraints                    ? 
_refine.ls_number_parameters                     ? 
_refine.ls_number_reflns_all                     ? 
_refine.ls_number_reflns_obs                     13507 
_refine.ls_number_reflns_R_free                  643 
_refine.ls_number_reflns_R_work                  ? 
_refine.ls_number_restraints                     ? 
_refine.ls_percent_reflns_obs                    99.7000 
_refine.ls_percent_reflns_R_free                 4.7600 
_refine.ls_R_factor_all                          ? 
_refine.ls_R_factor_obs                          0.1960 
_refine.ls_R_factor_R_free                       0.2400 
_refine.ls_R_factor_R_free_error                 ? 
_refine.ls_R_factor_R_free_error_details         ? 
_refine.ls_R_factor_R_work                       0.1940 
_refine.ls_R_Fsqd_factor_obs                     ? 
_refine.ls_R_I_factor_obs                        ? 
_refine.ls_redundancy_reflns_all                 ? 
_refine.ls_redundancy_reflns_obs                 ? 
_refine.ls_restrained_S_all                      ? 
_refine.ls_restrained_S_obs                      ? 
_refine.ls_shift_over_esd_max                    ? 
_refine.ls_shift_over_esd_mean                   ? 
_refine.ls_structure_factor_coef                 ? 
_refine.ls_weighting_details                     ? 
_refine.ls_weighting_scheme                      ? 
_refine.ls_wR_factor_all                         ? 
_refine.ls_wR_factor_obs                         ? 
_refine.ls_wR_factor_R_free                      ? 
_refine.ls_wR_factor_R_work                      ? 
_refine.occupancy_max                            ? 
_refine.occupancy_min                            ? 
_refine.solvent_model_details                    ? 
_refine.solvent_model_param_bsol                 ? 
_refine.solvent_model_param_ksol                 ? 
_refine.ls_R_factor_gt                           ? 
_refine.ls_goodness_of_fit_gt                    ? 
_refine.ls_goodness_of_fit_ref                   ? 
_refine.ls_shift_over_su_max                     ? 
_refine.ls_shift_over_su_max_lt                  ? 
_refine.ls_shift_over_su_mean                    ? 
_refine.ls_shift_over_su_mean_lt                 ? 
_refine.pdbx_ls_sigma_I                          ? 
_refine.pdbx_ls_sigma_F                          0.000 
_refine.pdbx_ls_sigma_Fsqd                       ? 
_refine.pdbx_data_cutoff_high_absF               ? 
_refine.pdbx_data_cutoff_high_rms_absF           ? 
_refine.pdbx_data_cutoff_low_absF                ? 
_refine.pdbx_isotropic_thermal_model             ? 
_refine.pdbx_ls_cross_valid_method               THROUGHOUT 
_refine.pdbx_method_to_determine_struct          ? 
_refine.pdbx_starting_model                      ? 
_refine.pdbx_stereochemistry_target_values       ? 
_refine.pdbx_R_Free_selection_details            RANDOM 
_refine.pdbx_stereochem_target_val_spec_case     ? 
_refine.pdbx_overall_ESU_R                       ? 
_refine.pdbx_overall_ESU_R_Free                  ? 
_refine.pdbx_solvent_vdw_probe_radii             ? 
_refine.pdbx_solvent_ion_probe_radii             ? 
_refine.pdbx_solvent_shrinkage_radii             ? 
_refine.pdbx_real_space_R                        ? 
_refine.pdbx_density_correlation                 ? 
_refine.pdbx_pd_number_of_powder_patterns        ? 
_refine.pdbx_pd_number_of_points                 ? 
_refine.pdbx_pd_meas_number_of_points            ? 
_refine.pdbx_pd_proc_ls_prof_R_factor            ? 
_refine.pdbx_pd_proc_ls_prof_wR_factor           ? 
_refine.pdbx_pd_Marquardt_correlation_coeff      ? 
_refine.pdbx_pd_Fsqrd_R_factor                   ? 
_refine.pdbx_pd_ls_matrix_band_width             ? 
_refine.pdbx_overall_phase_error                 ? 
_refine.pdbx_overall_SU_R_free_Cruickshank_DPI   0.1460 
_refine.pdbx_overall_SU_R_free_Blow_DPI          0.1500 
_refine.pdbx_overall_SU_R_Blow_DPI               0.1570 
_refine.pdbx_TLS_residual_ADP_flag               ? 
_refine.pdbx_diffrn_id                           1 
_refine.overall_SU_B                             ? 
_refine.overall_SU_ML                            ? 
_refine.overall_SU_R_Cruickshank_DPI             0.1490 
_refine.overall_SU_R_free                        ? 
_refine.overall_FOM_free_R_set                   ? 
_refine.overall_FOM_work_R_set                   ? 
_refine.pdbx_average_fsc_overall                 ? 
_refine.pdbx_average_fsc_work                    ? 
_refine.pdbx_average_fsc_free                    ? 
# 
_refine_analyze.entry_id                        6NCJ 
_refine_analyze.pdbx_refine_id                  'X-RAY DIFFRACTION' 
_refine_analyze.Luzzati_coordinate_error_free   ? 
_refine_analyze.Luzzati_coordinate_error_obs    0.270 
_refine_analyze.Luzzati_d_res_low_free          ? 
_refine_analyze.Luzzati_d_res_low_obs           ? 
_refine_analyze.Luzzati_sigma_a_free            ? 
_refine_analyze.Luzzati_sigma_a_free_details    ? 
_refine_analyze.Luzzati_sigma_a_obs             ? 
_refine_analyze.Luzzati_sigma_a_obs_details     ? 
_refine_analyze.number_disordered_residues      ? 
_refine_analyze.occupancy_sum_hydrogen          ? 
_refine_analyze.occupancy_sum_non_hydrogen      ? 
_refine_analyze.RG_d_res_high                   ? 
_refine_analyze.RG_d_res_low                    ? 
_refine_analyze.RG_free                         ? 
_refine_analyze.RG_work                         ? 
_refine_analyze.RG_free_work_ratio              ? 
_refine_analyze.pdbx_Luzzati_d_res_high_obs     ? 
# 
_refine_hist.cycle_id                         final 
_refine_hist.pdbx_refine_id                   'X-RAY DIFFRACTION' 
_refine_hist.d_res_high                       2.0000 
_refine_hist.d_res_low                        31.5700 
_refine_hist.pdbx_number_atoms_ligand         68 
_refine_hist.number_atoms_solvent             92 
_refine_hist.number_atoms_total               1243 
_refine_hist.pdbx_number_residues_total       142 
_refine_hist.pdbx_B_iso_mean_ligand           34.40 
_refine_hist.pdbx_B_iso_mean_solvent          47.92 
_refine_hist.pdbx_number_atoms_protein        1083 
_refine_hist.pdbx_number_atoms_nucleic_acid   0 
# 
loop_
_refine_ls_restr.pdbx_refine_id 
_refine_ls_restr.criterion 
_refine_ls_restr.dev_ideal 
_refine_ls_restr.dev_ideal_target 
_refine_ls_restr.number 
_refine_ls_restr.rejects 
_refine_ls_restr.type 
_refine_ls_restr.weight 
_refine_ls_restr.pdbx_restraint_function 
'X-RAY DIFFRACTION' ? ?      ? 387  ? t_dihedral_angle_d        2.000  SINUSOIDAL   
'X-RAY DIFFRACTION' ? ?      ? ?    ? t_trig_c_planes           ?      ?            
'X-RAY DIFFRACTION' ? ?      ? 194  ? t_gen_planes              5.000  HARMONIC     
'X-RAY DIFFRACTION' ? ?      ? 1190 ? t_it                      20.000 HARMONIC     
'X-RAY DIFFRACTION' ? ?      ? ?    ? t_nbd                     ?      ?            
'X-RAY DIFFRACTION' ? ?      ? ?    ? t_improper_torsion        ?      ?            
'X-RAY DIFFRACTION' ? ?      ? ?    ? t_pseud_angle             ?      ?            
'X-RAY DIFFRACTION' ? ?      ? 157  ? t_chiral_improper_torsion 5.000  SEMIHARMONIC 
'X-RAY DIFFRACTION' ? ?      ? ?    ? t_sum_occupancies         ?      ?            
'X-RAY DIFFRACTION' ? ?      ? ?    ? t_utility_distance        ?      ?            
'X-RAY DIFFRACTION' ? ?      ? ?    ? t_utility_angle           ?      ?            
'X-RAY DIFFRACTION' ? ?      ? ?    ? t_utility_torsion         ?      ?            
'X-RAY DIFFRACTION' ? ?      ? 1459 ? t_ideal_dist_contact      4.000  SEMIHARMONIC 
'X-RAY DIFFRACTION' ? 0.010  ? 1190 ? t_bond_d                  2.000  HARMONIC     
'X-RAY DIFFRACTION' ? 1.070  ? 1615 ? t_angle_deg               2.000  HARMONIC     
'X-RAY DIFFRACTION' ? 3.100  ? ?    ? t_omega_torsion           ?      ?            
'X-RAY DIFFRACTION' ? 16.240 ? ?    ? t_other_torsion           ?      ?            
# 
_refine_ls_shell.pdbx_refine_id                   'X-RAY DIFFRACTION' 
_refine_ls_shell.d_res_high                       2.0000 
_refine_ls_shell.d_res_low                        2.0200 
_refine_ls_shell.number_reflns_all                423 
_refine_ls_shell.number_reflns_obs                ? 
_refine_ls_shell.number_reflns_R_free             13 
_refine_ls_shell.number_reflns_R_work             410 
_refine_ls_shell.percent_reflns_obs               93.7600 
_refine_ls_shell.percent_reflns_R_free            3.0700 
_refine_ls_shell.R_factor_all                     0.2843 
_refine_ls_shell.R_factor_obs                     ? 
_refine_ls_shell.R_factor_R_free                  0.2699 
_refine_ls_shell.R_factor_R_free_error            0.0000 
_refine_ls_shell.R_factor_R_work                  0.2848 
_refine_ls_shell.redundancy_reflns_all            ? 
_refine_ls_shell.redundancy_reflns_obs            ? 
_refine_ls_shell.wR_factor_all                    ? 
_refine_ls_shell.wR_factor_obs                    ? 
_refine_ls_shell.wR_factor_R_free                 ? 
_refine_ls_shell.wR_factor_R_work                 ? 
_refine_ls_shell.pdbx_total_number_of_bins_used   32 
_refine_ls_shell.pdbx_phase_error                 ? 
_refine_ls_shell.pdbx_fsc_work                    ? 
_refine_ls_shell.pdbx_fsc_free                    ? 
# 
_struct.entry_id                     6NCJ 
_struct.title                        
'Structure of HIV-1 Integrase with potent 5,6,7,8-Tetrahydro-1,6-naphthyridine Derivatives Allosteric Site Inhibitors' 
_struct.pdbx_model_details           ? 
_struct.pdbx_formula_weight          ? 
_struct.pdbx_formula_weight_method   ? 
_struct.pdbx_model_type_details      ? 
_struct.pdbx_CASP_flag               N 
# 
_struct_keywords.entry_id        6NCJ 
_struct_keywords.text            'Integrase, Catalytic, Inhibitor, VIRAL PROTEIN' 
_struct_keywords.pdbx_keywords   'VIRAL PROTEIN' 
# 
loop_
_struct_asym.id 
_struct_asym.pdbx_blank_PDB_chainid_flag 
_struct_asym.pdbx_modified 
_struct_asym.entity_id 
_struct_asym.details 
A N N 1 ? 
B N N 2 ? 
C N N 2 ? 
D N N 2 ? 
E N N 2 ? 
F N N 3 ? 
G N N 4 ? 
H N N 4 ? 
I N N 5 ? 
# 
_struct_ref.id                         1 
_struct_ref.db_name                    UNP 
_struct_ref.db_code                    F2WR52_9HIV1 
_struct_ref.pdbx_db_accession          F2WR52 
_struct_ref.pdbx_db_isoform            ? 
_struct_ref.entity_id                  1 
_struct_ref.pdbx_seq_one_letter_code   
;MHGQVDCSPGIWQLDCTHLEGKVILVAVHVASGYIEAEVIPAETGQETAYFLLKLAGRWPVKTVHTDNGSNFTSTTVKAA
CWWAGIKQEFGIPYNPQSQGVIESMNKELKKIIGQVRDQAEHLKTAVQMAVFIHNFKRKGGIGGYSAGERIVDIIATDIQ

;
_struct_ref.pdbx_align_begin           50 
# 
_struct_ref_seq.align_id                      1 
_struct_ref_seq.ref_id                        1 
_struct_ref_seq.pdbx_PDB_id_code              6NCJ 
_struct_ref_seq.pdbx_strand_id                A 
_struct_ref_seq.seq_align_beg                 21 
_struct_ref_seq.pdbx_seq_align_beg_ins_code   ? 
_struct_ref_seq.seq_align_end                 180 
_struct_ref_seq.pdbx_seq_align_end_ins_code   ? 
_struct_ref_seq.pdbx_db_accession             F2WR52 
_struct_ref_seq.db_align_beg                  50 
_struct_ref_seq.pdbx_db_align_beg_ins_code    ? 
_struct_ref_seq.db_align_end                  209 
_struct_ref_seq.pdbx_db_align_end_ins_code    ? 
_struct_ref_seq.pdbx_auth_seq_align_beg       50 
_struct_ref_seq.pdbx_auth_seq_align_end       209 
# 
loop_
_struct_ref_seq_dif.align_id 
_struct_ref_seq_dif.pdbx_pdb_id_code 
_struct_ref_seq_dif.mon_id 
_struct_ref_seq_dif.pdbx_pdb_strand_id 
_struct_ref_seq_dif.seq_num 
_struct_ref_seq_dif.pdbx_pdb_ins_code 
_struct_ref_seq_dif.pdbx_seq_db_name 
_struct_ref_seq_dif.pdbx_seq_db_accession_code 
_struct_ref_seq_dif.db_mon_id 
_struct_ref_seq_dif.pdbx_seq_db_seq_num 
_struct_ref_seq_dif.details 
_struct_ref_seq_dif.pdbx_auth_seq_num 
_struct_ref_seq_dif.pdbx_ordinal 
1 6NCJ MET A 1   ? UNP F2WR52 ?   ?   'expression tag'      30  1  
1 6NCJ GLY A 2   ? UNP F2WR52 ?   ?   'expression tag'      31  2  
1 6NCJ SER A 3   ? UNP F2WR52 ?   ?   'expression tag'      32  3  
1 6NCJ SER A 4   ? UNP F2WR52 ?   ?   'expression tag'      33  4  
1 6NCJ HIS A 5   ? UNP F2WR52 ?   ?   'expression tag'      34  5  
1 6NCJ HIS A 6   ? UNP F2WR52 ?   ?   'expression tag'      35  6  
1 6NCJ HIS A 7   ? UNP F2WR52 ?   ?   'expression tag'      36  7  
1 6NCJ HIS A 8   ? UNP F2WR52 ?   ?   'expression tag'      37  8  
1 6NCJ HIS A 9   ? UNP F2WR52 ?   ?   'expression tag'      38  9  
1 6NCJ HIS A 10  ? UNP F2WR52 ?   ?   'expression tag'      39  10 
1 6NCJ SER A 11  ? UNP F2WR52 ?   ?   'expression tag'      40  11 
1 6NCJ SER A 12  ? UNP F2WR52 ?   ?   'expression tag'      41  12 
1 6NCJ GLY A 13  ? UNP F2WR52 ?   ?   'expression tag'      42  13 
1 6NCJ LEU A 14  ? UNP F2WR52 ?   ?   'expression tag'      43  14 
1 6NCJ VAL A 15  ? UNP F2WR52 ?   ?   'expression tag'      44  15 
1 6NCJ PRO A 16  ? UNP F2WR52 ?   ?   'expression tag'      45  16 
1 6NCJ ARG A 17  ? UNP F2WR52 ?   ?   'expression tag'      46  17 
1 6NCJ GLY A 18  ? UNP F2WR52 ?   ?   'expression tag'      47  18 
1 6NCJ SER A 19  ? UNP F2WR52 ?   ?   'expression tag'      48  19 
1 6NCJ HIS A 20  ? UNP F2WR52 ?   ?   'expression tag'      49  20 
1 6NCJ SER A 27  ? UNP F2WR52 CYS 56  'engineered mutation' 56  21 
1 6NCJ ASP A 110 ? UNP F2WR52 PHE 139 'engineered mutation' 139 22 
1 6NCJ HIS A 156 ? UNP F2WR52 PHE 185 'engineered mutation' 185 23 
# 
_pdbx_struct_assembly.id                   1 
_pdbx_struct_assembly.details              author_and_software_defined_assembly 
_pdbx_struct_assembly.method_details       PISA 
_pdbx_struct_assembly.oligomeric_details   dimeric 
_pdbx_struct_assembly.oligomeric_count     2 
# 
loop_
_pdbx_struct_assembly_prop.biol_id 
_pdbx_struct_assembly_prop.type 
_pdbx_struct_assembly_prop.value 
_pdbx_struct_assembly_prop.details 
1 'ABSA (A^2)' 5420  ? 
1 MORE         -40   ? 
1 'SSA (A^2)'  12380 ? 
# 
_pdbx_struct_assembly_gen.assembly_id       1 
_pdbx_struct_assembly_gen.oper_expression   1,2 
_pdbx_struct_assembly_gen.asym_id_list      A,B,C,D,E,F,G,H,I 
# 
_pdbx_struct_assembly_auth_evidence.id                     1 
_pdbx_struct_assembly_auth_evidence.assembly_id            1 
_pdbx_struct_assembly_auth_evidence.experimental_support   none 
_pdbx_struct_assembly_auth_evidence.details                ? 
# 
loop_
_pdbx_struct_oper_list.id 
_pdbx_struct_oper_list.type 
_pdbx_struct_oper_list.name 
_pdbx_struct_oper_list.symmetry_operation 
_pdbx_struct_oper_list.matrix[1][1] 
_pdbx_struct_oper_list.matrix[1][2] 
_pdbx_struct_oper_list.matrix[1][3] 
_pdbx_struct_oper_list.vector[1] 
_pdbx_struct_oper_list.matrix[2][1] 
_pdbx_struct_oper_list.matrix[2][2] 
_pdbx_struct_oper_list.matrix[2][3] 
_pdbx_struct_oper_list.vector[2] 
_pdbx_struct_oper_list.matrix[3][1] 
_pdbx_struct_oper_list.matrix[3][2] 
_pdbx_struct_oper_list.matrix[3][3] 
_pdbx_struct_oper_list.vector[3] 
1 'identity operation'         1_555 x,y,z         1.0000000000  0.0000000000 0.0000000000  0.0000000000  0.0000000000 1.0000000000 0.0000000000  0.0000000000 0.0000000000  0.0000000000  1.0000000000  0.0000000000  
2 'crystal symmetry operation' 5_554 x-y,-y,-z-1/3 -0.7867396139 0.6109748914 -0.0880367088 -5.1690897778 0.6109748914 0.7503968958 -0.2522185181 4.4875445128 -0.0880367088 -0.2522185181 -0.9636572819 18.6219471684 
# 
loop_
_struct_conf.conf_type_id 
_struct_conf.id 
_struct_conf.pdbx_PDB_helix_id 
_struct_conf.beg_label_comp_id 
_struct_conf.beg_label_asym_id 
_struct_conf.beg_label_seq_id 
_struct_conf.pdbx_beg_PDB_ins_code 
_struct_conf.end_label_comp_id 
_struct_conf.end_label_asym_id 
_struct_conf.end_label_seq_id 
_struct_conf.pdbx_end_PDB_ins_code 
_struct_conf.beg_auth_comp_id 
_struct_conf.beg_auth_asym_id 
_struct_conf.beg_auth_seq_id 
_struct_conf.end_auth_comp_id 
_struct_conf.end_auth_asym_id 
_struct_conf.end_auth_seq_id 
_struct_conf.pdbx_PDB_helix_class 
_struct_conf.details 
_struct_conf.pdbx_PDB_helix_length 
HELX_P HELX_P1 AA1 SER A 27  ? PRO A 29  ? SER A 56  PRO A 58  5 ? 3  
HELX_P HELX_P2 AA2 THR A 64  ? TRP A 79  ? THR A 93  TRP A 108 1 ? 16 
HELX_P HELX_P3 AA3 ASN A 88  ? SER A 94  ? ASN A 117 SER A 123 1 ? 7  
HELX_P HELX_P4 AA4 SER A 94  ? GLY A 105 ? SER A 123 GLY A 134 1 ? 12 
HELX_P HELX_P5 AA5 ILE A 122 ? ARG A 137 ? ILE A 151 ARG A 166 1 ? 16 
HELX_P HELX_P6 AA6 ASP A 138 ? ALA A 140 ? ASP A 167 ALA A 169 5 ? 3  
HELX_P HELX_P7 AA7 HIS A 142 ? LYS A 157 ? HIS A 171 LYS A 186 1 ? 16 
HELX_P HELX_P8 AA8 SER A 166 ? ILE A 179 ? SER A 195 ILE A 208 1 ? 14 
# 
_struct_conf_type.id          HELX_P 
_struct_conf_type.criteria    ? 
_struct_conf_type.reference   ? 
# 
_struct_sheet.id               AA1 
_struct_sheet.type             ? 
_struct_sheet.number_strands   5 
_struct_sheet.details          ? 
# 
loop_
_struct_sheet_order.sheet_id 
_struct_sheet_order.range_id_1 
_struct_sheet_order.range_id_2 
_struct_sheet_order.offset 
_struct_sheet_order.sense 
AA1 1 2 ? anti-parallel 
AA1 2 3 ? anti-parallel 
AA1 3 4 ? parallel      
AA1 4 5 ? parallel      
# 
loop_
_struct_sheet_range.sheet_id 
_struct_sheet_range.id 
_struct_sheet_range.beg_label_comp_id 
_struct_sheet_range.beg_label_asym_id 
_struct_sheet_range.beg_label_seq_id 
_struct_sheet_range.pdbx_beg_PDB_ins_code 
_struct_sheet_range.end_label_comp_id 
_struct_sheet_range.end_label_asym_id 
_struct_sheet_range.end_label_seq_id 
_struct_sheet_range.pdbx_end_PDB_ins_code 
_struct_sheet_range.beg_auth_comp_id 
_struct_sheet_range.beg_auth_asym_id 
_struct_sheet_range.beg_auth_seq_id 
_struct_sheet_range.end_auth_comp_id 
_struct_sheet_range.end_auth_asym_id 
_struct_sheet_range.end_auth_seq_id 
AA1 1 ILE A 55  ? ILE A 60  ? ILE A 84  ILE A 89  
AA1 2 LYS A 42  ? HIS A 49  ? LYS A 71  HIS A 78  
AA1 3 ILE A 31  ? LEU A 39  ? ILE A 60  LEU A 68  
AA1 4 THR A 83  ? THR A 86  ? THR A 112 THR A 115 
AA1 5 LYS A 107 ? GLN A 108 ? LYS A 136 GLN A 137 
# 
loop_
_pdbx_struct_sheet_hbond.sheet_id 
_pdbx_struct_sheet_hbond.range_id_1 
_pdbx_struct_sheet_hbond.range_id_2 
_pdbx_struct_sheet_hbond.range_1_label_atom_id 
_pdbx_struct_sheet_hbond.range_1_label_comp_id 
_pdbx_struct_sheet_hbond.range_1_label_asym_id 
_pdbx_struct_sheet_hbond.range_1_label_seq_id 
_pdbx_struct_sheet_hbond.range_1_PDB_ins_code 
_pdbx_struct_sheet_hbond.range_1_auth_atom_id 
_pdbx_struct_sheet_hbond.range_1_auth_comp_id 
_pdbx_struct_sheet_hbond.range_1_auth_asym_id 
_pdbx_struct_sheet_hbond.range_1_auth_seq_id 
_pdbx_struct_sheet_hbond.range_2_label_atom_id 
_pdbx_struct_sheet_hbond.range_2_label_comp_id 
_pdbx_struct_sheet_hbond.range_2_label_asym_id 
_pdbx_struct_sheet_hbond.range_2_label_seq_id 
_pdbx_struct_sheet_hbond.range_2_PDB_ins_code 
_pdbx_struct_sheet_hbond.range_2_auth_atom_id 
_pdbx_struct_sheet_hbond.range_2_auth_comp_id 
_pdbx_struct_sheet_hbond.range_2_auth_asym_id 
_pdbx_struct_sheet_hbond.range_2_auth_seq_id 
AA1 1 2 O GLU A 56 ? O GLU A 85  N ALA A 47  ? N ALA A 76  
AA1 2 3 O VAL A 46 ? O VAL A 75  N ASP A 35  ? N ASP A 64  
AA1 3 4 N LEU A 34 ? N LEU A 63  O HIS A 85  ? O HIS A 114 
AA1 4 5 N VAL A 84 ? N VAL A 113 O LYS A 107 ? O LYS A 136 
# 
loop_
_struct_site.id 
_struct_site.pdbx_evidence_code 
_struct_site.pdbx_auth_asym_id 
_struct_site.pdbx_auth_comp_id 
_struct_site.pdbx_auth_seq_id 
_struct_site.pdbx_auth_ins_code 
_struct_site.pdbx_num_residues 
_struct_site.details 
AC1 Software A EDO 301 ? 2  'binding site for residue EDO A 301' 
AC2 Software A EDO 302 ? 5  'binding site for residue EDO A 302' 
AC3 Software A EDO 303 ? 4  'binding site for residue EDO A 303' 
AC4 Software A EDO 304 ? 5  'binding site for residue EDO A 304' 
AC5 Software A KJJ 305 ? 14 'binding site for residue KJJ A 305' 
AC6 Software A SO4 306 ? 6  'binding site for residue SO4 A 306' 
AC7 Software A SO4 307 ? 5  'binding site for residue SO4 A 307' 
# 
loop_
_struct_site_gen.id 
_struct_site_gen.site_id 
_struct_site_gen.pdbx_num_res 
_struct_site_gen.label_comp_id 
_struct_site_gen.label_asym_id 
_struct_site_gen.label_seq_id 
_struct_site_gen.pdbx_auth_ins_code 
_struct_site_gen.auth_comp_id 
_struct_site_gen.auth_asym_id 
_struct_site_gen.auth_seq_id 
_struct_site_gen.label_atom_id 
_struct_site_gen.label_alt_id 
_struct_site_gen.symmetry 
_struct_site_gen.details 
1  AC1 2  ARG A 78  ? ARG A 107 . ? 1_555 ? 
2  AC1 2  GLY A 168 ? GLY A 197 . ? 5_554 ? 
3  AC2 5  GLU A 63  ? GLU A 92  . ? 1_555 ? 
4  AC2 5  THR A 86  ? THR A 115 . ? 1_555 ? 
5  AC2 5  ASP A 87  ? ASP A 116 . ? 1_555 ? 
6  AC2 5  ASN A 91  ? ASN A 120 . ? 1_555 ? 
7  AC2 5  PHE A 92  ? PHE A 121 . ? 1_555 ? 
8  AC3 4  GLU A 56  ? GLU A 85  . ? 1_555 ? 
9  AC3 4  PHE A 71  ? PHE A 100 . ? 1_555 ? 
10 AC3 4  LYS A 74  ? LYS A 103 . ? 5_554 ? 
11 AC3 4  ARG A 78  ? ARG A 107 . ? 5_554 ? 
12 AC4 5  GLU A 67  ? GLU A 96  . ? 1_555 ? 
13 AC4 5  TYR A 70  ? TYR A 99  . ? 1_555 ? 
14 AC4 5  LYS A 144 ? LYS A 173 . ? 5_554 ? 
15 AC4 5  HOH I .   ? HOH A 422 . ? 1_555 ? 
16 AC4 5  HOH I .   ? HOH A 455 . ? 1_555 ? 
17 AC5 14 LEU A 73  ? LEU A 102 . ? 1_555 ? 
18 AC5 14 THR A 95  ? THR A 124 . ? 1_555 ? 
19 AC5 14 THR A 96  ? THR A 125 . ? 1_555 ? 
20 AC5 14 ALA A 99  ? ALA A 128 . ? 1_555 ? 
21 AC5 14 ALA A 100 ? ALA A 129 . ? 1_555 ? 
22 AC5 14 TRP A 103 ? TRP A 132 . ? 1_555 ? 
23 AC5 14 GLY A 111 ? GLY A 140 . ? 3_454 ? 
24 AC5 14 GLN A 139 ? GLN A 168 . ? 5_554 ? 
25 AC5 14 ALA A 140 ? ALA A 169 . ? 5_554 ? 
26 AC5 14 GLU A 141 ? GLU A 170 . ? 5_554 ? 
27 AC5 14 HIS A 142 ? HIS A 171 . ? 5_554 ? 
28 AC5 14 THR A 145 ? THR A 174 . ? 5_554 ? 
29 AC5 14 HOH I .   ? HOH A 432 . ? 1_555 ? 
30 AC5 14 HOH I .   ? HOH A 438 . ? 1_555 ? 
31 AC6 6  LYS A 42  ? LYS A 71  . ? 1_555 ? 
32 AC6 6  ARG A 137 ? ARG A 166 . ? 1_555 ? 
33 AC6 6  HIS A 142 ? HIS A 171 . ? 1_555 ? 
34 AC6 6  LEU A 143 ? LEU A 172 . ? 1_555 ? 
35 AC6 6  HOH I .   ? HOH A 411 . ? 1_555 ? 
36 AC6 6  HOH I .   ? HOH A 425 . ? 1_555 ? 
37 AC7 5  THR A 37  ? THR A 66  . ? 3_454 ? 
38 AC7 5  HIS A 38  ? HIS A 67  . ? 3_454 ? 
39 AC7 5  LYS A 82  ? LYS A 111 . ? 1_555 ? 
40 AC7 5  LYS A 107 ? LYS A 136 . ? 1_555 ? 
41 AC7 5  LYS A 130 ? LYS A 159 . ? 3_454 ? 
# 
loop_
_pdbx_struct_special_symmetry.id 
_pdbx_struct_special_symmetry.PDB_model_num 
_pdbx_struct_special_symmetry.auth_asym_id 
_pdbx_struct_special_symmetry.auth_comp_id 
_pdbx_struct_special_symmetry.auth_seq_id 
_pdbx_struct_special_symmetry.PDB_ins_code 
_pdbx_struct_special_symmetry.label_asym_id 
_pdbx_struct_special_symmetry.label_comp_id 
_pdbx_struct_special_symmetry.label_seq_id 
1 1 A HOH 407 ? I HOH . 
2 1 A HOH 453 ? I HOH . 
# 
loop_
_pdbx_unobs_or_zero_occ_residues.id 
_pdbx_unobs_or_zero_occ_residues.PDB_model_num 
_pdbx_unobs_or_zero_occ_residues.polymer_flag 
_pdbx_unobs_or_zero_occ_residues.occupancy_flag 
_pdbx_unobs_or_zero_occ_residues.auth_asym_id 
_pdbx_unobs_or_zero_occ_residues.auth_comp_id 
_pdbx_unobs_or_zero_occ_residues.auth_seq_id 
_pdbx_unobs_or_zero_occ_residues.PDB_ins_code 
_pdbx_unobs_or_zero_occ_residues.label_asym_id 
_pdbx_unobs_or_zero_occ_residues.label_comp_id 
_pdbx_unobs_or_zero_occ_residues.label_seq_id 
1  1 Y 1 A MET 30  ? A MET 1   
2  1 Y 1 A GLY 31  ? A GLY 2   
3  1 Y 1 A SER 32  ? A SER 3   
4  1 Y 1 A SER 33  ? A SER 4   
5  1 Y 1 A HIS 34  ? A HIS 5   
6  1 Y 1 A HIS 35  ? A HIS 6   
7  1 Y 1 A HIS 36  ? A HIS 7   
8  1 Y 1 A HIS 37  ? A HIS 8   
9  1 Y 1 A HIS 38  ? A HIS 9   
10 1 Y 1 A HIS 39  ? A HIS 10  
11 1 Y 1 A SER 40  ? A SER 11  
12 1 Y 1 A SER 41  ? A SER 12  
13 1 Y 1 A GLY 42  ? A GLY 13  
14 1 Y 1 A LEU 43  ? A LEU 14  
15 1 Y 1 A VAL 44  ? A VAL 15  
16 1 Y 1 A PRO 45  ? A PRO 16  
17 1 Y 1 A ARG 46  ? A ARG 17  
18 1 Y 1 A GLY 47  ? A GLY 18  
19 1 Y 1 A SER 48  ? A SER 19  
20 1 Y 1 A HIS 49  ? A HIS 20  
21 1 Y 1 A MET 50  ? A MET 21  
22 1 Y 1 A HIS 51  ? A HIS 22  
23 1 Y 1 A GLY 52  ? A GLY 23  
24 1 Y 1 A GLN 53  ? A GLN 24  
25 1 Y 1 A VAL 54  ? A VAL 25  
26 1 Y 1 A ASP 55  ? A ASP 26  
27 1 Y 1 A PRO 142 ? A PRO 113 
28 1 Y 1 A TYR 143 ? A TYR 114 
29 1 Y 1 A ASN 144 ? A ASN 115 
30 1 Y 1 A PRO 145 ? A PRO 116 
31 1 Y 1 A GLN 146 ? A GLN 117 
32 1 Y 1 A SER 147 ? A SER 118 
33 1 Y 1 A GLN 148 ? A GLN 119 
34 1 Y 1 A GLY 149 ? A GLY 120 
35 1 Y 1 A GLY 189 ? A GLY 160 
36 1 Y 1 A GLY 190 ? A GLY 161 
37 1 Y 1 A ILE 191 ? A ILE 162 
38 1 Y 1 A GLN 209 ? A GLN 180 
# 
loop_
_chem_comp_atom.comp_id 
_chem_comp_atom.atom_id 
_chem_comp_atom.type_symbol 
_chem_comp_atom.pdbx_aromatic_flag 
_chem_comp_atom.pdbx_stereo_config 
_chem_comp_atom.pdbx_ordinal 
ALA N    N N N 1   
ALA CA   C N S 2   
ALA C    C N N 3   
ALA O    O N N 4   
ALA CB   C N N 5   
ALA OXT  O N N 6   
ALA H    H N N 7   
ALA H2   H N N 8   
ALA HA   H N N 9   
ALA HB1  H N N 10  
ALA HB2  H N N 11  
ALA HB3  H N N 12  
ALA HXT  H N N 13  
ARG N    N N N 14  
ARG CA   C N S 15  
ARG C    C N N 16  
ARG O    O N N 17  
ARG CB   C N N 18  
ARG CG   C N N 19  
ARG CD   C N N 20  
ARG NE   N N N 21  
ARG CZ   C N N 22  
ARG NH1  N N N 23  
ARG NH2  N N N 24  
ARG OXT  O N N 25  
ARG H    H N N 26  
ARG H2   H N N 27  
ARG HA   H N N 28  
ARG HB2  H N N 29  
ARG HB3  H N N 30  
ARG HG2  H N N 31  
ARG HG3  H N N 32  
ARG HD2  H N N 33  
ARG HD3  H N N 34  
ARG HE   H N N 35  
ARG HH11 H N N 36  
ARG HH12 H N N 37  
ARG HH21 H N N 38  
ARG HH22 H N N 39  
ARG HXT  H N N 40  
ASN N    N N N 41  
ASN CA   C N S 42  
ASN C    C N N 43  
ASN O    O N N 44  
ASN CB   C N N 45  
ASN CG   C N N 46  
ASN OD1  O N N 47  
ASN ND2  N N N 48  
ASN OXT  O N N 49  
ASN H    H N N 50  
ASN H2   H N N 51  
ASN HA   H N N 52  
ASN HB2  H N N 53  
ASN HB3  H N N 54  
ASN HD21 H N N 55  
ASN HD22 H N N 56  
ASN HXT  H N N 57  
ASP N    N N N 58  
ASP CA   C N S 59  
ASP C    C N N 60  
ASP O    O N N 61  
ASP CB   C N N 62  
ASP CG   C N N 63  
ASP OD1  O N N 64  
ASP OD2  O N N 65  
ASP OXT  O N N 66  
ASP H    H N N 67  
ASP H2   H N N 68  
ASP HA   H N N 69  
ASP HB2  H N N 70  
ASP HB3  H N N 71  
ASP HD2  H N N 72  
ASP HXT  H N N 73  
CYS N    N N N 74  
CYS CA   C N R 75  
CYS C    C N N 76  
CYS O    O N N 77  
CYS CB   C N N 78  
CYS SG   S N N 79  
CYS OXT  O N N 80  
CYS H    H N N 81  
CYS H2   H N N 82  
CYS HA   H N N 83  
CYS HB2  H N N 84  
CYS HB3  H N N 85  
CYS HG   H N N 86  
CYS HXT  H N N 87  
EDO C1   C N N 88  
EDO O1   O N N 89  
EDO C2   C N N 90  
EDO O2   O N N 91  
EDO H11  H N N 92  
EDO H12  H N N 93  
EDO HO1  H N N 94  
EDO H21  H N N 95  
EDO H22  H N N 96  
EDO HO2  H N N 97  
GLN N    N N N 98  
GLN CA   C N S 99  
GLN C    C N N 100 
GLN O    O N N 101 
GLN CB   C N N 102 
GLN CG   C N N 103 
GLN CD   C N N 104 
GLN OE1  O N N 105 
GLN NE2  N N N 106 
GLN OXT  O N N 107 
GLN H    H N N 108 
GLN H2   H N N 109 
GLN HA   H N N 110 
GLN HB2  H N N 111 
GLN HB3  H N N 112 
GLN HG2  H N N 113 
GLN HG3  H N N 114 
GLN HE21 H N N 115 
GLN HE22 H N N 116 
GLN HXT  H N N 117 
GLU N    N N N 118 
GLU CA   C N S 119 
GLU C    C N N 120 
GLU O    O N N 121 
GLU CB   C N N 122 
GLU CG   C N N 123 
GLU CD   C N N 124 
GLU OE1  O N N 125 
GLU OE2  O N N 126 
GLU OXT  O N N 127 
GLU H    H N N 128 
GLU H2   H N N 129 
GLU HA   H N N 130 
GLU HB2  H N N 131 
GLU HB3  H N N 132 
GLU HG2  H N N 133 
GLU HG3  H N N 134 
GLU HE2  H N N 135 
GLU HXT  H N N 136 
GLY N    N N N 137 
GLY CA   C N N 138 
GLY C    C N N 139 
GLY O    O N N 140 
GLY OXT  O N N 141 
GLY H    H N N 142 
GLY H2   H N N 143 
GLY HA2  H N N 144 
GLY HA3  H N N 145 
GLY HXT  H N N 146 
HIS N    N N N 147 
HIS CA   C N S 148 
HIS C    C N N 149 
HIS O    O N N 150 
HIS CB   C N N 151 
HIS CG   C Y N 152 
HIS ND1  N Y N 153 
HIS CD2  C Y N 154 
HIS CE1  C Y N 155 
HIS NE2  N Y N 156 
HIS OXT  O N N 157 
HIS H    H N N 158 
HIS H2   H N N 159 
HIS HA   H N N 160 
HIS HB2  H N N 161 
HIS HB3  H N N 162 
HIS HD1  H N N 163 
HIS HD2  H N N 164 
HIS HE1  H N N 165 
HIS HE2  H N N 166 
HIS HXT  H N N 167 
HOH O    O N N 168 
HOH H1   H N N 169 
HOH H2   H N N 170 
ILE N    N N N 171 
ILE CA   C N S 172 
ILE C    C N N 173 
ILE O    O N N 174 
ILE CB   C N S 175 
ILE CG1  C N N 176 
ILE CG2  C N N 177 
ILE CD1  C N N 178 
ILE OXT  O N N 179 
ILE H    H N N 180 
ILE H2   H N N 181 
ILE HA   H N N 182 
ILE HB   H N N 183 
ILE HG12 H N N 184 
ILE HG13 H N N 185 
ILE HG21 H N N 186 
ILE HG22 H N N 187 
ILE HG23 H N N 188 
ILE HD11 H N N 189 
ILE HD12 H N N 190 
ILE HD13 H N N 191 
ILE HXT  H N N 192 
KJJ C13  C Y N 193 
KJJ C18  C Y N 194 
KJJ C17  C Y N 195 
KJJ C15  C Y N 196 
KJJ C19  C N S 197 
KJJ C20  C N N 198 
KJJ C24  C N N 199 
KJJ C34  C N S 200 
KJJ C27  C N N 201 
KJJ C33  C N N 202 
KJJ C1   C N N 203 
KJJ C2   C Y N 204 
KJJ C3   C Y N 205 
KJJ C4   C Y N 206 
KJJ C5   C Y N 207 
KJJ C6   C Y N 208 
KJJ C7   C Y N 209 
KJJ C8   C N N 210 
KJJ C9   C N N 211 
KJJ C10  C N N 212 
KJJ O11  O N N 213 
KJJ F12  F N N 214 
KJJ C14  C Y N 215 
KJJ N16  N Y N 216 
KJJ O21  O N N 217 
KJJ O22  O N N 218 
KJJ O23  O N N 219 
KJJ C25  C N N 220 
KJJ C26  C N N 221 
KJJ C28  C N N 222 
KJJ C29  C N N 223 
KJJ C30  C N N 224 
KJJ N31  N N N 225 
KJJ C32  C N N 226 
KJJ C35  C N N 227 
KJJ C36  C N R 228 
KJJ C37  C Y N 229 
KJJ C38  C Y N 230 
KJJ C39  C Y N 231 
KJJ C40  C Y N 232 
KJJ C41  C Y N 233 
KJJ C42  C Y N 234 
KJJ H1   H N N 235 
KJJ H2   H N N 236 
KJJ H3   H N N 237 
KJJ H4   H N N 238 
KJJ H5   H N N 239 
KJJ H6   H N N 240 
KJJ H7   H N N 241 
KJJ H8   H N N 242 
KJJ H9   H N N 243 
KJJ H10  H N N 244 
KJJ H11  H N N 245 
KJJ H12  H N N 246 
KJJ H13  H N N 247 
KJJ H14  H N N 248 
KJJ H15  H N N 249 
KJJ H16  H N N 250 
KJJ H17  H N N 251 
KJJ H18  H N N 252 
KJJ H19  H N N 253 
KJJ H20  H N N 254 
KJJ H21  H N N 255 
KJJ H22  H N N 256 
KJJ H23  H N N 257 
KJJ H24  H N N 258 
KJJ H25  H N N 259 
KJJ H26  H N N 260 
KJJ H27  H N N 261 
KJJ H28  H N N 262 
KJJ H29  H N N 263 
KJJ H30  H N N 264 
KJJ H31  H N N 265 
KJJ H33  H N N 266 
KJJ H34  H N N 267 
KJJ H35  H N N 268 
KJJ H36  H N N 269 
KJJ H37  H N N 270 
KJJ H38  H N N 271 
KJJ H39  H N N 272 
KJJ H40  H N N 273 
KJJ H41  H N N 274 
KJJ H42  H N N 275 
LEU N    N N N 276 
LEU CA   C N S 277 
LEU C    C N N 278 
LEU O    O N N 279 
LEU CB   C N N 280 
LEU CG   C N N 281 
LEU CD1  C N N 282 
LEU CD2  C N N 283 
LEU OXT  O N N 284 
LEU H    H N N 285 
LEU H2   H N N 286 
LEU HA   H N N 287 
LEU HB2  H N N 288 
LEU HB3  H N N 289 
LEU HG   H N N 290 
LEU HD11 H N N 291 
LEU HD12 H N N 292 
LEU HD13 H N N 293 
LEU HD21 H N N 294 
LEU HD22 H N N 295 
LEU HD23 H N N 296 
LEU HXT  H N N 297 
LYS N    N N N 298 
LYS CA   C N S 299 
LYS C    C N N 300 
LYS O    O N N 301 
LYS CB   C N N 302 
LYS CG   C N N 303 
LYS CD   C N N 304 
LYS CE   C N N 305 
LYS NZ   N N N 306 
LYS OXT  O N N 307 
LYS H    H N N 308 
LYS H2   H N N 309 
LYS HA   H N N 310 
LYS HB2  H N N 311 
LYS HB3  H N N 312 
LYS HG2  H N N 313 
LYS HG3  H N N 314 
LYS HD2  H N N 315 
LYS HD3  H N N 316 
LYS HE2  H N N 317 
LYS HE3  H N N 318 
LYS HZ1  H N N 319 
LYS HZ2  H N N 320 
LYS HZ3  H N N 321 
LYS HXT  H N N 322 
MET N    N N N 323 
MET CA   C N S 324 
MET C    C N N 325 
MET O    O N N 326 
MET CB   C N N 327 
MET CG   C N N 328 
MET SD   S N N 329 
MET CE   C N N 330 
MET OXT  O N N 331 
MET H    H N N 332 
MET H2   H N N 333 
MET HA   H N N 334 
MET HB2  H N N 335 
MET HB3  H N N 336 
MET HG2  H N N 337 
MET HG3  H N N 338 
MET HE1  H N N 339 
MET HE2  H N N 340 
MET HE3  H N N 341 
MET HXT  H N N 342 
PHE N    N N N 343 
PHE CA   C N S 344 
PHE C    C N N 345 
PHE O    O N N 346 
PHE CB   C N N 347 
PHE CG   C Y N 348 
PHE CD1  C Y N 349 
PHE CD2  C Y N 350 
PHE CE1  C Y N 351 
PHE CE2  C Y N 352 
PHE CZ   C Y N 353 
PHE OXT  O N N 354 
PHE H    H N N 355 
PHE H2   H N N 356 
PHE HA   H N N 357 
PHE HB2  H N N 358 
PHE HB3  H N N 359 
PHE HD1  H N N 360 
PHE HD2  H N N 361 
PHE HE1  H N N 362 
PHE HE2  H N N 363 
PHE HZ   H N N 364 
PHE HXT  H N N 365 
PRO N    N N N 366 
PRO CA   C N S 367 
PRO C    C N N 368 
PRO O    O N N 369 
PRO CB   C N N 370 
PRO CG   C N N 371 
PRO CD   C N N 372 
PRO OXT  O N N 373 
PRO H    H N N 374 
PRO HA   H N N 375 
PRO HB2  H N N 376 
PRO HB3  H N N 377 
PRO HG2  H N N 378 
PRO HG3  H N N 379 
PRO HD2  H N N 380 
PRO HD3  H N N 381 
PRO HXT  H N N 382 
SER N    N N N 383 
SER CA   C N S 384 
SER C    C N N 385 
SER O    O N N 386 
SER CB   C N N 387 
SER OG   O N N 388 
SER OXT  O N N 389 
SER H    H N N 390 
SER H2   H N N 391 
SER HA   H N N 392 
SER HB2  H N N 393 
SER HB3  H N N 394 
SER HG   H N N 395 
SER HXT  H N N 396 
SO4 S    S N N 397 
SO4 O1   O N N 398 
SO4 O2   O N N 399 
SO4 O3   O N N 400 
SO4 O4   O N N 401 
THR N    N N N 402 
THR CA   C N S 403 
THR C    C N N 404 
THR O    O N N 405 
THR CB   C N R 406 
THR OG1  O N N 407 
THR CG2  C N N 408 
THR OXT  O N N 409 
THR H    H N N 410 
THR H2   H N N 411 
THR HA   H N N 412 
THR HB   H N N 413 
THR HG1  H N N 414 
THR HG21 H N N 415 
THR HG22 H N N 416 
THR HG23 H N N 417 
THR HXT  H N N 418 
TRP N    N N N 419 
TRP CA   C N S 420 
TRP C    C N N 421 
TRP O    O N N 422 
TRP CB   C N N 423 
TRP CG   C Y N 424 
TRP CD1  C Y N 425 
TRP CD2  C Y N 426 
TRP NE1  N Y N 427 
TRP CE2  C Y N 428 
TRP CE3  C Y N 429 
TRP CZ2  C Y N 430 
TRP CZ3  C Y N 431 
TRP CH2  C Y N 432 
TRP OXT  O N N 433 
TRP H    H N N 434 
TRP H2   H N N 435 
TRP HA   H N N 436 
TRP HB2  H N N 437 
TRP HB3  H N N 438 
TRP HD1  H N N 439 
TRP HE1  H N N 440 
TRP HE3  H N N 441 
TRP HZ2  H N N 442 
TRP HZ3  H N N 443 
TRP HH2  H N N 444 
TRP HXT  H N N 445 
TYR N    N N N 446 
TYR CA   C N S 447 
TYR C    C N N 448 
TYR O    O N N 449 
TYR CB   C N N 450 
TYR CG   C Y N 451 
TYR CD1  C Y N 452 
TYR CD2  C Y N 453 
TYR CE1  C Y N 454 
TYR CE2  C Y N 455 
TYR CZ   C Y N 456 
TYR OH   O N N 457 
TYR OXT  O N N 458 
TYR H    H N N 459 
TYR H2   H N N 460 
TYR HA   H N N 461 
TYR HB2  H N N 462 
TYR HB3  H N N 463 
TYR HD1  H N N 464 
TYR HD2  H N N 465 
TYR HE1  H N N 466 
TYR HE2  H N N 467 
TYR HH   H N N 468 
TYR HXT  H N N 469 
VAL N    N N N 470 
VAL CA   C N S 471 
VAL C    C N N 472 
VAL O    O N N 473 
VAL CB   C N N 474 
VAL CG1  C N N 475 
VAL CG2  C N N 476 
VAL OXT  O N N 477 
VAL H    H N N 478 
VAL H2   H N N 479 
VAL HA   H N N 480 
VAL HB   H N N 481 
VAL HG11 H N N 482 
VAL HG12 H N N 483 
VAL HG13 H N N 484 
VAL HG21 H N N 485 
VAL HG22 H N N 486 
VAL HG23 H N N 487 
VAL HXT  H N N 488 
# 
loop_
_chem_comp_bond.comp_id 
_chem_comp_bond.atom_id_1 
_chem_comp_bond.atom_id_2 
_chem_comp_bond.value_order 
_chem_comp_bond.pdbx_aromatic_flag 
_chem_comp_bond.pdbx_stereo_config 
_chem_comp_bond.pdbx_ordinal 
ALA N   CA   sing N N 1   
ALA N   H    sing N N 2   
ALA N   H2   sing N N 3   
ALA CA  C    sing N N 4   
ALA CA  CB   sing N N 5   
ALA CA  HA   sing N N 6   
ALA C   O    doub N N 7   
ALA C   OXT  sing N N 8   
ALA CB  HB1  sing N N 9   
ALA CB  HB2  sing N N 10  
ALA CB  HB3  sing N N 11  
ALA OXT HXT  sing N N 12  
ARG N   CA   sing N N 13  
ARG N   H    sing N N 14  
ARG N   H2   sing N N 15  
ARG CA  C    sing N N 16  
ARG CA  CB   sing N N 17  
ARG CA  HA   sing N N 18  
ARG C   O    doub N N 19  
ARG C   OXT  sing N N 20  
ARG CB  CG   sing N N 21  
ARG CB  HB2  sing N N 22  
ARG CB  HB3  sing N N 23  
ARG CG  CD   sing N N 24  
ARG CG  HG2  sing N N 25  
ARG CG  HG3  sing N N 26  
ARG CD  NE   sing N N 27  
ARG CD  HD2  sing N N 28  
ARG CD  HD3  sing N N 29  
ARG NE  CZ   sing N N 30  
ARG NE  HE   sing N N 31  
ARG CZ  NH1  sing N N 32  
ARG CZ  NH2  doub N N 33  
ARG NH1 HH11 sing N N 34  
ARG NH1 HH12 sing N N 35  
ARG NH2 HH21 sing N N 36  
ARG NH2 HH22 sing N N 37  
ARG OXT HXT  sing N N 38  
ASN N   CA   sing N N 39  
ASN N   H    sing N N 40  
ASN N   H2   sing N N 41  
ASN CA  C    sing N N 42  
ASN CA  CB   sing N N 43  
ASN CA  HA   sing N N 44  
ASN C   O    doub N N 45  
ASN C   OXT  sing N N 46  
ASN CB  CG   sing N N 47  
ASN CB  HB2  sing N N 48  
ASN CB  HB3  sing N N 49  
ASN CG  OD1  doub N N 50  
ASN CG  ND2  sing N N 51  
ASN ND2 HD21 sing N N 52  
ASN ND2 HD22 sing N N 53  
ASN OXT HXT  sing N N 54  
ASP N   CA   sing N N 55  
ASP N   H    sing N N 56  
ASP N   H2   sing N N 57  
ASP CA  C    sing N N 58  
ASP CA  CB   sing N N 59  
ASP CA  HA   sing N N 60  
ASP C   O    doub N N 61  
ASP C   OXT  sing N N 62  
ASP CB  CG   sing N N 63  
ASP CB  HB2  sing N N 64  
ASP CB  HB3  sing N N 65  
ASP CG  OD1  doub N N 66  
ASP CG  OD2  sing N N 67  
ASP OD2 HD2  sing N N 68  
ASP OXT HXT  sing N N 69  
CYS N   CA   sing N N 70  
CYS N   H    sing N N 71  
CYS N   H2   sing N N 72  
CYS CA  C    sing N N 73  
CYS CA  CB   sing N N 74  
CYS CA  HA   sing N N 75  
CYS C   O    doub N N 76  
CYS C   OXT  sing N N 77  
CYS CB  SG   sing N N 78  
CYS CB  HB2  sing N N 79  
CYS CB  HB3  sing N N 80  
CYS SG  HG   sing N N 81  
CYS OXT HXT  sing N N 82  
EDO C1  O1   sing N N 83  
EDO C1  C2   sing N N 84  
EDO C1  H11  sing N N 85  
EDO C1  H12  sing N N 86  
EDO O1  HO1  sing N N 87  
EDO C2  O2   sing N N 88  
EDO C2  H21  sing N N 89  
EDO C2  H22  sing N N 90  
EDO O2  HO2  sing N N 91  
GLN N   CA   sing N N 92  
GLN N   H    sing N N 93  
GLN N   H2   sing N N 94  
GLN CA  C    sing N N 95  
GLN CA  CB   sing N N 96  
GLN CA  HA   sing N N 97  
GLN C   O    doub N N 98  
GLN C   OXT  sing N N 99  
GLN CB  CG   sing N N 100 
GLN CB  HB2  sing N N 101 
GLN CB  HB3  sing N N 102 
GLN CG  CD   sing N N 103 
GLN CG  HG2  sing N N 104 
GLN CG  HG3  sing N N 105 
GLN CD  OE1  doub N N 106 
GLN CD  NE2  sing N N 107 
GLN NE2 HE21 sing N N 108 
GLN NE2 HE22 sing N N 109 
GLN OXT HXT  sing N N 110 
GLU N   CA   sing N N 111 
GLU N   H    sing N N 112 
GLU N   H2   sing N N 113 
GLU CA  C    sing N N 114 
GLU CA  CB   sing N N 115 
GLU CA  HA   sing N N 116 
GLU C   O    doub N N 117 
GLU C   OXT  sing N N 118 
GLU CB  CG   sing N N 119 
GLU CB  HB2  sing N N 120 
GLU CB  HB3  sing N N 121 
GLU CG  CD   sing N N 122 
GLU CG  HG2  sing N N 123 
GLU CG  HG3  sing N N 124 
GLU CD  OE1  doub N N 125 
GLU CD  OE2  sing N N 126 
GLU OE2 HE2  sing N N 127 
GLU OXT HXT  sing N N 128 
GLY N   CA   sing N N 129 
GLY N   H    sing N N 130 
GLY N   H2   sing N N 131 
GLY CA  C    sing N N 132 
GLY CA  HA2  sing N N 133 
GLY CA  HA3  sing N N 134 
GLY C   O    doub N N 135 
GLY C   OXT  sing N N 136 
GLY OXT HXT  sing N N 137 
HIS N   CA   sing N N 138 
HIS N   H    sing N N 139 
HIS N   H2   sing N N 140 
HIS CA  C    sing N N 141 
HIS CA  CB   sing N N 142 
HIS CA  HA   sing N N 143 
HIS C   O    doub N N 144 
HIS C   OXT  sing N N 145 
HIS CB  CG   sing N N 146 
HIS CB  HB2  sing N N 147 
HIS CB  HB3  sing N N 148 
HIS CG  ND1  sing Y N 149 
HIS CG  CD2  doub Y N 150 
HIS ND1 CE1  doub Y N 151 
HIS ND1 HD1  sing N N 152 
HIS CD2 NE2  sing Y N 153 
HIS CD2 HD2  sing N N 154 
HIS CE1 NE2  sing Y N 155 
HIS CE1 HE1  sing N N 156 
HIS NE2 HE2  sing N N 157 
HIS OXT HXT  sing N N 158 
HOH O   H1   sing N N 159 
HOH O   H2   sing N N 160 
ILE N   CA   sing N N 161 
ILE N   H    sing N N 162 
ILE N   H2   sing N N 163 
ILE CA  C    sing N N 164 
ILE CA  CB   sing N N 165 
ILE CA  HA   sing N N 166 
ILE C   O    doub N N 167 
ILE C   OXT  sing N N 168 
ILE CB  CG1  sing N N 169 
ILE CB  CG2  sing N N 170 
ILE CB  HB   sing N N 171 
ILE CG1 CD1  sing N N 172 
ILE CG1 HG12 sing N N 173 
ILE CG1 HG13 sing N N 174 
ILE CG2 HG21 sing N N 175 
ILE CG2 HG22 sing N N 176 
ILE CG2 HG23 sing N N 177 
ILE CD1 HD11 sing N N 178 
ILE CD1 HD12 sing N N 179 
ILE CD1 HD13 sing N N 180 
ILE OXT HXT  sing N N 181 
KJJ C8  C9   sing N N 182 
KJJ C8  C7   sing N N 183 
KJJ C9  C10  sing N N 184 
KJJ C1  C2   sing N N 185 
KJJ O21 C20  doub N N 186 
KJJ C10 O11  sing N N 187 
KJJ O22 C20  sing N N 188 
KJJ C7  C2   doub Y N 189 
KJJ C7  C6   sing Y N 190 
KJJ C20 C19  sing N N 191 
KJJ C2  C3   sing Y N 192 
KJJ C35 C36  sing N N 193 
KJJ C35 C34  sing N N 194 
KJJ C38 C39  doub Y N 195 
KJJ C38 C37  sing Y N 196 
KJJ C39 C40  sing Y N 197 
KJJ O11 C6   sing N N 198 
KJJ C6  C5   doub Y N 199 
KJJ C36 C37  sing N N 200 
KJJ C36 C34  sing N N 201 
KJJ C19 C18  sing N N 202 
KJJ C19 O23  sing N N 203 
KJJ C3  C13  sing N N 204 
KJJ C3  C4   doub Y N 205 
KJJ C37 C42  doub Y N 206 
KJJ C34 C33  sing N N 207 
KJJ C13 C18  doub Y N 208 
KJJ C13 C14  sing Y N 209 
KJJ C18 C17  sing Y N 210 
KJJ C40 C41  doub Y N 211 
KJJ N31 C32  sing N N 212 
KJJ N31 C33  sing N N 213 
KJJ N31 C30  sing N N 214 
KJJ C32 C14  sing N N 215 
KJJ C14 C15  doub Y N 216 
KJJ C17 C28  sing N N 217 
KJJ C17 N16  doub Y N 218 
KJJ C15 N16  sing Y N 219 
KJJ C15 C29  sing N N 220 
KJJ O23 C24  sing N N 221 
KJJ C5  C4   sing Y N 222 
KJJ C5  F12  sing N N 223 
KJJ C29 C30  sing N N 224 
KJJ C42 C41  sing Y N 225 
KJJ C25 C24  sing N N 226 
KJJ C24 C26  sing N N 227 
KJJ C24 C27  sing N N 228 
KJJ C19 H1   sing N N 229 
KJJ C34 H2   sing N N 230 
KJJ C27 H3   sing N N 231 
KJJ C27 H4   sing N N 232 
KJJ C27 H5   sing N N 233 
KJJ C33 H6   sing N N 234 
KJJ C33 H7   sing N N 235 
KJJ C1  H8   sing N N 236 
KJJ C1  H9   sing N N 237 
KJJ C1  H10  sing N N 238 
KJJ C4  H11  sing N N 239 
KJJ C8  H12  sing N N 240 
KJJ C8  H13  sing N N 241 
KJJ C9  H14  sing N N 242 
KJJ C9  H15  sing N N 243 
KJJ C10 H16  sing N N 244 
KJJ C10 H17  sing N N 245 
KJJ O22 H18  sing N N 246 
KJJ C25 H19  sing N N 247 
KJJ C25 H20  sing N N 248 
KJJ C25 H21  sing N N 249 
KJJ C26 H22  sing N N 250 
KJJ C26 H23  sing N N 251 
KJJ C26 H24  sing N N 252 
KJJ C28 H25  sing N N 253 
KJJ C28 H26  sing N N 254 
KJJ C28 H27  sing N N 255 
KJJ C29 H28  sing N N 256 
KJJ C29 H29  sing N N 257 
KJJ C30 H30  sing N N 258 
KJJ C30 H31  sing N N 259 
KJJ C32 H33  sing N N 260 
KJJ C32 H34  sing N N 261 
KJJ C35 H35  sing N N 262 
KJJ C35 H36  sing N N 263 
KJJ C36 H37  sing N N 264 
KJJ C38 H38  sing N N 265 
KJJ C39 H39  sing N N 266 
KJJ C40 H40  sing N N 267 
KJJ C41 H41  sing N N 268 
KJJ C42 H42  sing N N 269 
LEU N   CA   sing N N 270 
LEU N   H    sing N N 271 
LEU N   H2   sing N N 272 
LEU CA  C    sing N N 273 
LEU CA  CB   sing N N 274 
LEU CA  HA   sing N N 275 
LEU C   O    doub N N 276 
LEU C   OXT  sing N N 277 
LEU CB  CG   sing N N 278 
LEU CB  HB2  sing N N 279 
LEU CB  HB3  sing N N 280 
LEU CG  CD1  sing N N 281 
LEU CG  CD2  sing N N 282 
LEU CG  HG   sing N N 283 
LEU CD1 HD11 sing N N 284 
LEU CD1 HD12 sing N N 285 
LEU CD1 HD13 sing N N 286 
LEU CD2 HD21 sing N N 287 
LEU CD2 HD22 sing N N 288 
LEU CD2 HD23 sing N N 289 
LEU OXT HXT  sing N N 290 
LYS N   CA   sing N N 291 
LYS N   H    sing N N 292 
LYS N   H2   sing N N 293 
LYS CA  C    sing N N 294 
LYS CA  CB   sing N N 295 
LYS CA  HA   sing N N 296 
LYS C   O    doub N N 297 
LYS C   OXT  sing N N 298 
LYS CB  CG   sing N N 299 
LYS CB  HB2  sing N N 300 
LYS CB  HB3  sing N N 301 
LYS CG  CD   sing N N 302 
LYS CG  HG2  sing N N 303 
LYS CG  HG3  sing N N 304 
LYS CD  CE   sing N N 305 
LYS CD  HD2  sing N N 306 
LYS CD  HD3  sing N N 307 
LYS CE  NZ   sing N N 308 
LYS CE  HE2  sing N N 309 
LYS CE  HE3  sing N N 310 
LYS NZ  HZ1  sing N N 311 
LYS NZ  HZ2  sing N N 312 
LYS NZ  HZ3  sing N N 313 
LYS OXT HXT  sing N N 314 
MET N   CA   sing N N 315 
MET N   H    sing N N 316 
MET N   H2   sing N N 317 
MET CA  C    sing N N 318 
MET CA  CB   sing N N 319 
MET CA  HA   sing N N 320 
MET C   O    doub N N 321 
MET C   OXT  sing N N 322 
MET CB  CG   sing N N 323 
MET CB  HB2  sing N N 324 
MET CB  HB3  sing N N 325 
MET CG  SD   sing N N 326 
MET CG  HG2  sing N N 327 
MET CG  HG3  sing N N 328 
MET SD  CE   sing N N 329 
MET CE  HE1  sing N N 330 
MET CE  HE2  sing N N 331 
MET CE  HE3  sing N N 332 
MET OXT HXT  sing N N 333 
PHE N   CA   sing N N 334 
PHE N   H    sing N N 335 
PHE N   H2   sing N N 336 
PHE CA  C    sing N N 337 
PHE CA  CB   sing N N 338 
PHE CA  HA   sing N N 339 
PHE C   O    doub N N 340 
PHE C   OXT  sing N N 341 
PHE CB  CG   sing N N 342 
PHE CB  HB2  sing N N 343 
PHE CB  HB3  sing N N 344 
PHE CG  CD1  doub Y N 345 
PHE CG  CD2  sing Y N 346 
PHE CD1 CE1  sing Y N 347 
PHE CD1 HD1  sing N N 348 
PHE CD2 CE2  doub Y N 349 
PHE CD2 HD2  sing N N 350 
PHE CE1 CZ   doub Y N 351 
PHE CE1 HE1  sing N N 352 
PHE CE2 CZ   sing Y N 353 
PHE CE2 HE2  sing N N 354 
PHE CZ  HZ   sing N N 355 
PHE OXT HXT  sing N N 356 
PRO N   CA   sing N N 357 
PRO N   CD   sing N N 358 
PRO N   H    sing N N 359 
PRO CA  C    sing N N 360 
PRO CA  CB   sing N N 361 
PRO CA  HA   sing N N 362 
PRO C   O    doub N N 363 
PRO C   OXT  sing N N 364 
PRO CB  CG   sing N N 365 
PRO CB  HB2  sing N N 366 
PRO CB  HB3  sing N N 367 
PRO CG  CD   sing N N 368 
PRO CG  HG2  sing N N 369 
PRO CG  HG3  sing N N 370 
PRO CD  HD2  sing N N 371 
PRO CD  HD3  sing N N 372 
PRO OXT HXT  sing N N 373 
SER N   CA   sing N N 374 
SER N   H    sing N N 375 
SER N   H2   sing N N 376 
SER CA  C    sing N N 377 
SER CA  CB   sing N N 378 
SER CA  HA   sing N N 379 
SER C   O    doub N N 380 
SER C   OXT  sing N N 381 
SER CB  OG   sing N N 382 
SER CB  HB2  sing N N 383 
SER CB  HB3  sing N N 384 
SER OG  HG   sing N N 385 
SER OXT HXT  sing N N 386 
SO4 S   O1   doub N N 387 
SO4 S   O2   doub N N 388 
SO4 S   O3   sing N N 389 
SO4 S   O4   sing N N 390 
THR N   CA   sing N N 391 
THR N   H    sing N N 392 
THR N   H2   sing N N 393 
THR CA  C    sing N N 394 
THR CA  CB   sing N N 395 
THR CA  HA   sing N N 396 
THR C   O    doub N N 397 
THR C   OXT  sing N N 398 
THR CB  OG1  sing N N 399 
THR CB  CG2  sing N N 400 
THR CB  HB   sing N N 401 
THR OG1 HG1  sing N N 402 
THR CG2 HG21 sing N N 403 
THR CG2 HG22 sing N N 404 
THR CG2 HG23 sing N N 405 
THR OXT HXT  sing N N 406 
TRP N   CA   sing N N 407 
TRP N   H    sing N N 408 
TRP N   H2   sing N N 409 
TRP CA  C    sing N N 410 
TRP CA  CB   sing N N 411 
TRP CA  HA   sing N N 412 
TRP C   O    doub N N 413 
TRP C   OXT  sing N N 414 
TRP CB  CG   sing N N 415 
TRP CB  HB2  sing N N 416 
TRP CB  HB3  sing N N 417 
TRP CG  CD1  doub Y N 418 
TRP CG  CD2  sing Y N 419 
TRP CD1 NE1  sing Y N 420 
TRP CD1 HD1  sing N N 421 
TRP CD2 CE2  doub Y N 422 
TRP CD2 CE3  sing Y N 423 
TRP NE1 CE2  sing Y N 424 
TRP NE1 HE1  sing N N 425 
TRP CE2 CZ2  sing Y N 426 
TRP CE3 CZ3  doub Y N 427 
TRP CE3 HE3  sing N N 428 
TRP CZ2 CH2  doub Y N 429 
TRP CZ2 HZ2  sing N N 430 
TRP CZ3 CH2  sing Y N 431 
TRP CZ3 HZ3  sing N N 432 
TRP CH2 HH2  sing N N 433 
TRP OXT HXT  sing N N 434 
TYR N   CA   sing N N 435 
TYR N   H    sing N N 436 
TYR N   H2   sing N N 437 
TYR CA  C    sing N N 438 
TYR CA  CB   sing N N 439 
TYR CA  HA   sing N N 440 
TYR C   O    doub N N 441 
TYR C   OXT  sing N N 442 
TYR CB  CG   sing N N 443 
TYR CB  HB2  sing N N 444 
TYR CB  HB3  sing N N 445 
TYR CG  CD1  doub Y N 446 
TYR CG  CD2  sing Y N 447 
TYR CD1 CE1  sing Y N 448 
TYR CD1 HD1  sing N N 449 
TYR CD2 CE2  doub Y N 450 
TYR CD2 HD2  sing N N 451 
TYR CE1 CZ   doub Y N 452 
TYR CE1 HE1  sing N N 453 
TYR CE2 CZ   sing Y N 454 
TYR CE2 HE2  sing N N 455 
TYR CZ  OH   sing N N 456 
TYR OH  HH   sing N N 457 
TYR OXT HXT  sing N N 458 
VAL N   CA   sing N N 459 
VAL N   H    sing N N 460 
VAL N   H2   sing N N 461 
VAL CA  C    sing N N 462 
VAL CA  CB   sing N N 463 
VAL CA  HA   sing N N 464 
VAL C   O    doub N N 465 
VAL C   OXT  sing N N 466 
VAL CB  CG1  sing N N 467 
VAL CB  CG2  sing N N 468 
VAL CB  HB   sing N N 469 
VAL CG1 HG11 sing N N 470 
VAL CG1 HG12 sing N N 471 
VAL CG1 HG13 sing N N 472 
VAL CG2 HG21 sing N N 473 
VAL CG2 HG22 sing N N 474 
VAL CG2 HG23 sing N N 475 
VAL OXT HXT  sing N N 476 
# 
_pdbx_entity_instance_feature.ordinal        1 
_pdbx_entity_instance_feature.comp_id        KJJ 
_pdbx_entity_instance_feature.asym_id        ? 
_pdbx_entity_instance_feature.seq_num        ? 
_pdbx_entity_instance_feature.auth_comp_id   KJJ 
_pdbx_entity_instance_feature.auth_asym_id   ? 
_pdbx_entity_instance_feature.auth_seq_num   ? 
_pdbx_entity_instance_feature.feature_type   'SUBJECT OF INVESTIGATION' 
_pdbx_entity_instance_feature.details        ? 
# 
_atom_sites.entry_id                    6NCJ 
_atom_sites.fract_transf_matrix[1][1]   0.01160680 
_atom_sites.fract_transf_matrix[1][2]   0.01012540 
_atom_sites.fract_transf_matrix[1][3]   -0.00423112 
_atom_sites.fract_transf_matrix[2][1]   0.01417859 
_atom_sites.fract_transf_matrix[2][2]   -0.00563095 
_atom_sites.fract_transf_matrix[2][3]   -0.00473253 
_atom_sites.fract_transf_matrix[3][1]   -0.00501142 
_atom_sites.fract_transf_matrix[3][2]   -0.00035357 
_atom_sites.fract_transf_matrix[3][3]   -0.01459346 
_atom_sites.fract_transf_vector[1]      -0.475738 
_atom_sites.fract_transf_vector[2]      0.093344 
_atom_sites.fract_transf_vector[3]      -0.042941 
# 
loop_
_atom_type.symbol 
C 
F 
N 
O 
S 
# 
loop_
_atom_site.group_PDB 
_atom_site.id 
_atom_site.type_symbol 
_atom_site.label_atom_id 
_atom_site.label_alt_id 
_atom_site.label_comp_id 
_atom_site.label_asym_id 
_atom_site.label_entity_id 
_atom_site.label_seq_id 
_atom_site.pdbx_PDB_ins_code 
_atom_site.Cartn_x 
_atom_site.Cartn_y 
_atom_site.Cartn_z 
_atom_site.occupancy 
_atom_site.B_iso_or_equiv 
_atom_site.pdbx_formal_charge 
_atom_site.auth_seq_id 
_atom_site.auth_comp_id 
_atom_site.auth_asym_id 
_atom_site.auth_atom_id 
_atom_site.pdbx_PDB_model_num 
ATOM   1    N N   . SER A 1 27  ? 6.666   -16.503 2.284   1.00 57.90  ? 56  SER A N   1 
ATOM   2    C CA  . SER A 1 27  ? 5.347   -17.088 2.034   1.00 57.36  ? 56  SER A CA  1 
ATOM   3    C C   . SER A 1 27  ? 4.226   -16.036 1.903   1.00 59.41  ? 56  SER A C   1 
ATOM   4    O O   . SER A 1 27  ? 4.388   -14.885 2.314   1.00 60.00  ? 56  SER A O   1 
ATOM   5    C CB  . SER A 1 27  ? 5.000   -18.122 3.101   1.00 61.62  ? 56  SER A CB  1 
ATOM   6    O OG  . SER A 1 27  ? 3.897   -18.912 2.684   1.00 72.28  ? 56  SER A OG  1 
ATOM   7    N N   . SER A 1 28  ? 3.088   -16.464 1.327   1.00 52.80  ? 57  SER A N   1 
ATOM   8    C CA  . SER A 1 28  ? 1.864   -15.723 1.014   1.00 50.70  ? 57  SER A CA  1 
ATOM   9    C C   . SER A 1 28  ? 1.318   -14.723 2.098   1.00 49.29  ? 57  SER A C   1 
ATOM   10   O O   . SER A 1 28  ? 0.924   -13.640 1.676   1.00 49.40  ? 57  SER A O   1 
ATOM   11   C CB  . SER A 1 28  ? 0.762   -16.708 0.620   1.00 54.39  ? 57  SER A CB  1 
ATOM   12   O OG  . SER A 1 28  ? -0.512  -16.119 0.427   1.00 61.10  ? 57  SER A OG  1 
ATOM   13   N N   . PRO A 1 29  ? 1.209   -15.009 3.429   1.00 40.74  ? 58  PRO A N   1 
ATOM   14   C CA  . PRO A 1 29  ? 0.585   -14.017 4.335   1.00 37.94  ? 58  PRO A CA  1 
ATOM   15   C C   . PRO A 1 29  ? 1.354   -12.720 4.638   1.00 33.49  ? 58  PRO A C   1 
ATOM   16   O O   . PRO A 1 29  ? 0.732   -11.765 5.096   1.00 30.35  ? 58  PRO A O   1 
ATOM   17   C CB  . PRO A 1 29  ? 0.360   -14.804 5.642   1.00 40.53  ? 58  PRO A CB  1 
ATOM   18   C CG  . PRO A 1 29  ? 0.612   -16.242 5.312   1.00 45.59  ? 58  PRO A CG  1 
ATOM   19   C CD  . PRO A 1 29  ? 1.568   -16.240 4.167   1.00 41.67  ? 58  PRO A CD  1 
ATOM   20   N N   . GLY A 1 30  ? 2.677   -12.711 4.461   1.00 25.55  ? 59  GLY A N   1 
ATOM   21   C CA  . GLY A 1 30  ? 3.491   -11.534 4.764   1.00 23.18  ? 59  GLY A CA  1 
ATOM   22   C C   . GLY A 1 30  ? 4.027   -10.772 3.570   1.00 22.27  ? 59  GLY A C   1 
ATOM   23   O O   . GLY A 1 30  ? 4.898   -9.920  3.752   1.00 18.84  ? 59  GLY A O   1 
ATOM   24   N N   . ILE A 1 31  ? 3.508   -11.047 2.344   1.00 20.86  ? 60  ILE A N   1 
ATOM   25   C CA  . ILE A 1 31  ? 3.978   -10.398 1.106   1.00 20.71  ? 60  ILE A CA  1 
ATOM   26   C C   . ILE A 1 31  ? 3.177   -9.137  0.757   1.00 19.92  ? 60  ILE A C   1 
ATOM   27   O O   . ILE A 1 31  ? 1.960   -9.188  0.590   1.00 18.47  ? 60  ILE A O   1 
ATOM   28   C CB  . ILE A 1 31  ? 4.071   -11.367 -0.126  1.00 24.83  ? 60  ILE A CB  1 
ATOM   29   C CG1 . ILE A 1 31  ? 4.971   -12.591 0.173   1.00 27.01  ? 60  ILE A CG1 1 
ATOM   30   C CG2 . ILE A 1 31  ? 4.595   -10.613 -1.378  1.00 24.95  ? 60  ILE A CG2 1 
ATOM   31   C CD1 . ILE A 1 31  ? 4.793   -13.803 -0.820  1.00 33.75  ? 60  ILE A CD1 1 
ATOM   32   N N   . TRP A 1 32  ? 3.887   -8.019  0.608   1.00 14.89  ? 61  TRP A N   1 
ATOM   33   C CA  . TRP A 1 32  ? 3.290   -6.739  0.243   1.00 14.19  ? 61  TRP A CA  1 
ATOM   34   C C   . TRP A 1 32  ? 3.965   -6.148  -1.003  1.00 19.60  ? 61  TRP A C   1 
ATOM   35   O O   . TRP A 1 32  ? 5.167   -6.325  -1.197  1.00 20.34  ? 61  TRP A O   1 
ATOM   36   C CB  . TRP A 1 32  ? 3.425   -5.769  1.423   1.00 12.24  ? 61  TRP A CB  1 
ATOM   37   C CG  . TRP A 1 32  ? 2.577   -6.140  2.602   1.00 11.50  ? 61  TRP A CG  1 
ATOM   38   C CD1 . TRP A 1 32  ? 2.826   -7.122  3.519   1.00 14.06  ? 61  TRP A CD1 1 
ATOM   39   C CD2 . TRP A 1 32  ? 1.311   -5.559  2.966   1.00 11.08  ? 61  TRP A CD2 1 
ATOM   40   N NE1 . TRP A 1 32  ? 1.837   -7.130  4.482   1.00 13.22  ? 61  TRP A NE1 1 
ATOM   41   C CE2 . TRP A 1 32  ? 0.879   -6.207  4.152   1.00 14.49  ? 61  TRP A CE2 1 
ATOM   42   C CE3 . TRP A 1 32  ? 0.537   -4.506  2.450   1.00 11.57  ? 61  TRP A CE3 1 
ATOM   43   C CZ2 . TRP A 1 32  ? -0.300  -5.851  4.817   1.00 13.65  ? 61  TRP A CZ2 1 
ATOM   44   C CZ3 . TRP A 1 32  ? -0.642  -4.166  3.102   1.00 13.70  ? 61  TRP A CZ3 1 
ATOM   45   C CH2 . TRP A 1 32  ? -1.051  -4.841  4.267   1.00 14.46  ? 61  TRP A CH2 1 
ATOM   46   N N   . GLN A 1 33  ? 3.191   -5.429  -1.811  1.00 17.14  ? 62  GLN A N   1 
ATOM   47   C CA  . GLN A 1 33  ? 3.651   -4.715  -2.993  1.00 17.98  ? 62  GLN A CA  1 
ATOM   48   C C   . GLN A 1 33  ? 3.471   -3.204  -2.764  1.00 21.59  ? 62  GLN A C   1 
ATOM   49   O O   . GLN A 1 33  ? 2.384   -2.738  -2.409  1.00 19.07  ? 62  GLN A O   1 
ATOM   50   C CB  . GLN A 1 33  ? 2.857   -5.157  -4.236  1.00 19.25  ? 62  GLN A CB  1 
ATOM   51   C CG  . GLN A 1 33  ? 3.154   -4.323  -5.486  1.00 32.94  ? 62  GLN A CG  1 
ATOM   52   C CD  . GLN A 1 33  ? 4.412   -4.766  -6.200  1.00 46.08  ? 62  GLN A CD  1 
ATOM   53   O OE1 . GLN A 1 33  ? 4.696   -5.963  -6.330  1.00 35.73  ? 62  GLN A OE1 1 
ATOM   54   N NE2 . GLN A 1 33  ? 5.187   -3.804  -6.692  1.00 40.96  ? 62  GLN A NE2 1 
ATOM   55   N N   . LEU A 1 34  ? 4.521   -2.446  -2.985  1.00 18.04  ? 63  LEU A N   1 
ATOM   56   C CA  . LEU A 1 34  ? 4.457   -1.005  -2.833  1.00 18.84  ? 63  LEU A CA  1 
ATOM   57   C C   . LEU A 1 34  ? 4.477   -0.400  -4.202  1.00 27.24  ? 63  LEU A C   1 
ATOM   58   O O   . LEU A 1 34  ? 5.182   -0.886  -5.098  1.00 28.65  ? 63  LEU A O   1 
ATOM   59   C CB  . LEU A 1 34  ? 5.651   -0.503  -2.044  1.00 19.87  ? 63  LEU A CB  1 
ATOM   60   C CG  . LEU A 1 34  ? 5.462   -0.285  -0.561  1.00 27.63  ? 63  LEU A CG  1 
ATOM   61   C CD1 . LEU A 1 34  ? 5.018   -1.587  0.168   1.00 27.07  ? 63  LEU A CD1 1 
ATOM   62   C CD2 . LEU A 1 34  ? 6.753   0.256   0.045   1.00 35.12  ? 63  LEU A CD2 1 
ATOM   63   N N   . ASP A 1 35  ? 3.699   0.647   -4.379  1.00 24.33  ? 64  ASP A N   1 
ATOM   64   C CA  . ASP A 1 35  ? 3.663   1.336   -5.651  1.00 26.19  ? 64  ASP A CA  1 
ATOM   65   C C   . ASP A 1 35  ? 3.327   2.787   -5.448  1.00 29.87  ? 64  ASP A C   1 
ATOM   66   O O   . ASP A 1 35  ? 2.772   3.179   -4.411  1.00 27.68  ? 64  ASP A O   1 
ATOM   67   C CB  . ASP A 1 35  ? 2.745   0.605   -6.672  1.00 30.01  ? 64  ASP A CB  1 
ATOM   68   C CG  . ASP A 1 35  ? 1.292   1.016   -6.717  1.00 48.49  ? 64  ASP A CG  1 
ATOM   69   O OD1 . ASP A 1 35  ? 1.006   2.123   -7.218  1.00 50.71  ? 64  ASP A OD1 1 
ATOM   70   O OD2 . ASP A 1 35  ? 0.433   0.205   -6.301  1.00 59.88  ? 64  ASP A OD2 1 
ATOM   71   N N   . CYS A 1 36  ? 3.695   3.590   -6.419  1.00 28.41  ? 65  CYS A N   1 
ATOM   72   C CA  A CYS A 1 36  ? 3.341   4.981   -6.334  0.60 29.79  ? 65  CYS A CA  1 
ATOM   73   C CA  B CYS A 1 36  ? 3.483   5.034   -6.395  0.40 28.66  ? 65  CYS A CA  1 
ATOM   74   C C   . CYS A 1 36  ? 2.697   5.435   -7.625  1.00 33.02  ? 65  CYS A C   1 
ATOM   75   O O   . CYS A 1 36  ? 2.956   4.884   -8.708  1.00 32.54  ? 65  CYS A O   1 
ATOM   76   C CB  A CYS A 1 36  ? 4.506   5.859   -5.897  0.60 31.24  ? 65  CYS A CB  1 
ATOM   77   C CB  B CYS A 1 36  ? 4.820   5.769   -6.330  0.40 29.13  ? 65  CYS A CB  1 
ATOM   78   S SG  A CYS A 1 36  ? 5.526   6.469   -7.248  0.60 35.92  ? 65  CYS A SG  1 
ATOM   79   S SG  B CYS A 1 36  ? 5.255   6.384   -4.682  0.40 33.21  ? 65  CYS A SG  1 
ATOM   80   N N   . THR A 1 37  ? 1.763   6.358   -7.475  1.00 28.15  ? 66  THR A N   1 
ATOM   81   C CA  . THR A 1 37  ? 0.990   6.865   -8.584  1.00 27.74  ? 66  THR A CA  1 
ATOM   82   C C   . THR A 1 37  ? 0.843   8.359   -8.388  1.00 32.40  ? 66  THR A C   1 
ATOM   83   O O   . THR A 1 37  ? 1.011   8.857   -7.276  1.00 30.42  ? 66  THR A O   1 
ATOM   84   C CB  . THR A 1 37  ? -0.293  6.036   -8.806  1.00 32.48  ? 66  THR A CB  1 
ATOM   85   O OG1 . THR A 1 37  ? -0.855  6.406   -10.063 1.00 35.55  ? 66  THR A OG1 1 
ATOM   86   C CG2 . THR A 1 37  ? -1.323  6.168   -7.662  1.00 27.70  ? 66  THR A CG2 1 
ATOM   87   N N   . HIS A 1 38  ? 0.628   9.085   -9.486  1.00 31.80  ? 67  HIS A N   1 
ATOM   88   C CA  . HIS A 1 38  ? 0.536   10.541  -9.459  1.00 33.03  ? 67  HIS A CA  1 
ATOM   89   C C   . HIS A 1 38  ? -0.869  11.017  -9.716  1.00 36.04  ? 67  HIS A C   1 
ATOM   90   O O   . HIS A 1 38  ? -1.582  10.433  -10.534 1.00 34.85  ? 67  HIS A O   1 
ATOM   91   C CB  . HIS A 1 38  ? 1.517   11.161  -10.466 1.00 34.56  ? 67  HIS A CB  1 
ATOM   92   C CG  . HIS A 1 38  ? 2.950   10.823  -10.182 1.00 38.47  ? 67  HIS A CG  1 
ATOM   93   N ND1 . HIS A 1 38  ? 3.450   9.560   -10.417 1.00 40.56  ? 67  HIS A ND1 1 
ATOM   94   C CD2 . HIS A 1 38  ? 3.943   11.597  -9.686  1.00 40.78  ? 67  HIS A CD2 1 
ATOM   95   C CE1 . HIS A 1 38  ? 4.724   9.600   -10.056 1.00 40.14  ? 67  HIS A CE1 1 
ATOM   96   N NE2 . HIS A 1 38  ? 5.064   10.804  -9.608  1.00 40.59  ? 67  HIS A NE2 1 
ATOM   97   N N   . LEU A 1 39  ? -1.275  12.070  -8.991  1.00 33.49  ? 68  LEU A N   1 
ATOM   98   C CA  . LEU A 1 39  ? -2.585  12.692  -9.112  1.00 34.30  ? 68  LEU A CA  1 
ATOM   99   C C   . LEU A 1 39  ? -2.542  14.115  -8.557  1.00 36.95  ? 68  LEU A C   1 
ATOM   100  O O   . LEU A 1 39  ? -2.010  14.330  -7.469  1.00 35.51  ? 68  LEU A O   1 
ATOM   101  C CB  . LEU A 1 39  ? -3.643  11.840  -8.384  1.00 35.12  ? 68  LEU A CB  1 
ATOM   102  C CG  . LEU A 1 39  ? -5.105  12.036  -8.769  1.00 40.15  ? 68  LEU A CG  1 
ATOM   103  C CD1 . LEU A 1 39  ? -5.385  11.517  -10.199 1.00 40.25  ? 68  LEU A CD1 1 
ATOM   104  C CD2 . LEU A 1 39  ? -5.994  11.295  -7.796  1.00 42.28  ? 68  LEU A CD2 1 
ATOM   105  N N   . GLU A 1 40  ? -3.075  15.098  -9.335  1.00 34.92  ? 69  GLU A N   1 
ATOM   106  C CA  . GLU A 1 40  ? -3.164  16.530  -8.978  1.00 34.29  ? 69  GLU A CA  1 
ATOM   107  C C   . GLU A 1 40  ? -1.835  17.114  -8.516  1.00 38.85  ? 69  GLU A C   1 
ATOM   108  O O   . GLU A 1 40  ? -1.791  17.802  -7.492  1.00 39.35  ? 69  GLU A O   1 
ATOM   109  C CB  . GLU A 1 40  ? -4.232  16.752  -7.883  1.00 35.56  ? 69  GLU A CB  1 
ATOM   110  C CG  . GLU A 1 40  ? -5.593  16.170  -8.195  1.00 40.17  ? 69  GLU A CG  1 
ATOM   111  C CD  . GLU A 1 40  ? -6.645  16.377  -7.126  1.00 49.49  ? 69  GLU A CD  1 
ATOM   112  O OE1 . GLU A 1 40  ? -7.749  15.821  -7.298  1.00 39.56  ? 69  GLU A OE1 1 
ATOM   113  O OE2 . GLU A 1 40  ? -6.387  17.097  -6.133  1.00 41.56  ? 69  GLU A OE2 1 
ATOM   114  N N   . GLY A 1 41  ? -0.754  16.763  -9.213  1.00 36.41  ? 70  GLY A N   1 
ATOM   115  C CA  . GLY A 1 41  ? 0.597   17.190  -8.858  1.00 36.21  ? 70  GLY A CA  1 
ATOM   116  C C   . GLY A 1 41  ? 1.096   16.650  -7.533  1.00 39.95  ? 70  GLY A C   1 
ATOM   117  O O   . GLY A 1 41  ? 2.002   17.232  -6.924  1.00 40.56  ? 70  GLY A O   1 
ATOM   118  N N   . LYS A 1 42  ? 0.496   15.535  -7.064  1.00 34.73  ? 71  LYS A N   1 
ATOM   119  C CA  . LYS A 1 42  ? 0.882   14.876  -5.815  1.00 33.49  ? 71  LYS A CA  1 
ATOM   120  C C   . LYS A 1 42  ? 1.123   13.391  -6.052  1.00 32.45  ? 71  LYS A C   1 
ATOM   121  O O   . LYS A 1 42  ? 0.803   12.865  -7.124  1.00 32.08  ? 71  LYS A O   1 
ATOM   122  C CB  . LYS A 1 42  ? -0.148  15.120  -4.694  1.00 36.35  ? 71  LYS A CB  1 
ATOM   123  C CG  . LYS A 1 42  ? 0.080   16.426  -3.949  1.00 48.59  ? 71  LYS A CG  1 
ATOM   124  C CD  . LYS A 1 42  ? -1.100  16.772  -3.060  1.00 59.32  ? 71  LYS A CD  1 
ATOM   125  C CE  . LYS A 1 42  ? -1.001  18.174  -2.511  1.00 70.08  ? 71  LYS A CE  1 
ATOM   126  N NZ  . LYS A 1 42  ? -2.087  18.459  -1.539  1.00 79.65  ? 71  LYS A NZ  1 
ATOM   127  N N   . VAL A 1 43  ? 1.742   12.734  -5.078  1.00 25.62  ? 72  VAL A N   1 
ATOM   128  C CA  . VAL A 1 43  ? 2.071   11.323  -5.162  1.00 23.44  ? 72  VAL A CA  1 
ATOM   129  C C   . VAL A 1 43  ? 1.251   10.557  -4.119  1.00 23.54  ? 72  VAL A C   1 
ATOM   130  O O   . VAL A 1 43  ? 1.109   10.999  -2.980  1.00 23.02  ? 72  VAL A O   1 
ATOM   131  C CB  . VAL A 1 43  ? 3.605   11.095  -4.994  1.00 28.26  ? 72  VAL A CB  1 
ATOM   132  C CG1 . VAL A 1 43  ? 3.957   9.612   -5.013  1.00 27.01  ? 72  VAL A CG1 1 
ATOM   133  C CG2 . VAL A 1 43  ? 4.398   11.842  -6.068  1.00 28.91  ? 72  VAL A CG2 1 
ATOM   134  N N   . ILE A 1 44  ? 0.715   9.423   -4.533  1.00 18.77  ? 73  ILE A N   1 
ATOM   135  C CA  . ILE A 1 44  ? -0.044  8.510   -3.695  1.00 18.64  ? 73  ILE A CA  1 
ATOM   136  C C   . ILE A 1 44  ? 0.797   7.251   -3.578  1.00 20.18  ? 73  ILE A C   1 
ATOM   137  O O   . ILE A 1 44  ? 1.067   6.579   -4.571  1.00 18.97  ? 73  ILE A O   1 
ATOM   138  C CB  . ILE A 1 44  ? -1.467  8.211   -4.235  1.00 21.39  ? 73  ILE A CB  1 
ATOM   139  C CG1 . ILE A 1 44  ? -2.289  9.521   -4.438  1.00 21.14  ? 73  ILE A CG1 1 
ATOM   140  C CG2 . ILE A 1 44  ? -2.199  7.197   -3.326  1.00 20.24  ? 73  ILE A CG2 1 
ATOM   141  C CD1 . ILE A 1 44  ? -3.575  9.332   -5.277  1.00 24.07  ? 73  ILE A CD1 1 
ATOM   142  N N   . LEU A 1 45  ? 1.224   6.962   -2.356  1.00 16.95  ? 74  LEU A N   1 
ATOM   143  C CA  . LEU A 1 45  ? 2.013   5.782   -2.027  1.00 16.95  ? 74  LEU A CA  1 
ATOM   144  C C   . LEU A 1 45  ? 1.023   4.714   -1.566  1.00 20.26  ? 74  LEU A C   1 
ATOM   145  O O   . LEU A 1 45  ? 0.255   4.948   -0.634  1.00 18.62  ? 74  LEU A O   1 
ATOM   146  C CB  . LEU A 1 45  ? 3.021   6.149   -0.920  1.00 17.35  ? 74  LEU A CB  1 
ATOM   147  C CG  . LEU A 1 45  ? 3.980   5.058   -0.432  1.00 22.80  ? 74  LEU A CG  1 
ATOM   148  C CD1 . LEU A 1 45  ? 4.757   4.431   -1.588  1.00 23.69  ? 74  LEU A CD1 1 
ATOM   149  C CD2 . LEU A 1 45  ? 4.944   5.638   0.573   1.00 23.66  ? 74  LEU A CD2 1 
ATOM   150  N N   . VAL A 1 46  ? 0.996   3.582   -2.271  1.00 17.30  ? 75  VAL A N   1 
ATOM   151  C CA  . VAL A 1 46  ? 0.054   2.482   -2.029  1.00 18.40  ? 75  VAL A CA  1 
ATOM   152  C C   . VAL A 1 46  ? 0.820   1.235   -1.596  1.00 22.98  ? 75  VAL A C   1 
ATOM   153  O O   . VAL A 1 46  ? 1.810   0.883   -2.238  1.00 23.64  ? 75  VAL A O   1 
ATOM   154  C CB  . VAL A 1 46  ? -0.784  2.177   -3.317  1.00 22.19  ? 75  VAL A CB  1 
ATOM   155  C CG1 . VAL A 1 46  ? -1.806  1.063   -3.079  1.00 21.21  ? 75  VAL A CG1 1 
ATOM   156  C CG2 . VAL A 1 46  ? -1.473  3.430   -3.867  1.00 22.20  ? 75  VAL A CG2 1 
ATOM   157  N N   . ALA A 1 47  ? 0.356   0.555   -0.529  1.00 17.56  ? 76  ALA A N   1 
ATOM   158  C CA  . ALA A 1 47  ? 0.879   -0.755  -0.146  1.00 15.81  ? 76  ALA A CA  1 
ATOM   159  C C   . ALA A 1 47  ? -0.286  -1.734  -0.366  1.00 20.00  ? 76  ALA A C   1 
ATOM   160  O O   . ALA A 1 47  ? -1.400  -1.479  0.104   1.00 18.45  ? 76  ALA A O   1 
ATOM   161  C CB  . ALA A 1 47  ? 1.321   -0.774  1.308   1.00 15.78  ? 76  ALA A CB  1 
ATOM   162  N N   . VAL A 1 48  ? -0.057  -2.792  -1.144  1.00 15.54  ? 77  VAL A N   1 
ATOM   163  C CA  . VAL A 1 48  ? -1.058  -3.816  -1.447  1.00 15.18  ? 77  VAL A CA  1 
ATOM   164  C C   . VAL A 1 48  ? -0.631  -5.141  -0.805  1.00 18.12  ? 77  VAL A C   1 
ATOM   165  O O   . VAL A 1 48  ? 0.494   -5.602  -1.038  1.00 16.70  ? 77  VAL A O   1 
ATOM   166  C CB  . VAL A 1 48  ? -1.326  -4.001  -2.976  1.00 20.17  ? 77  VAL A CB  1 
ATOM   167  C CG1 . VAL A 1 48  ? -2.496  -4.957  -3.224  1.00 18.85  ? 77  VAL A CG1 1 
ATOM   168  C CG2 . VAL A 1 48  ? -1.571  -2.670  -3.680  1.00 20.22  ? 77  VAL A CG2 1 
ATOM   169  N N   . HIS A 1 49  ? -1.519  -5.742  0.017   1.00 14.95  ? 78  HIS A N   1 
ATOM   170  C CA  . HIS A 1 49  ? -1.307  -7.084  0.578   1.00 14.62  ? 78  HIS A CA  1 
ATOM   171  C C   . HIS A 1 49  ? -1.680  -8.038  -0.573  1.00 18.86  ? 78  HIS A C   1 
ATOM   172  O O   . HIS A 1 49  ? -2.858  -8.196  -0.897  1.00 17.79  ? 78  HIS A O   1 
ATOM   173  C CB  . HIS A 1 49  ? -2.181  -7.341  1.809   1.00 14.35  ? 78  HIS A CB  1 
ATOM   174  C CG  . HIS A 1 49  ? -1.908  -8.678  2.435   1.00 17.40  ? 78  HIS A CG  1 
ATOM   175  N ND1 . HIS A 1 49  ? -2.818  -9.723  2.335   1.00 19.73  ? 78  HIS A ND1 1 
ATOM   176  C CD2 . HIS A 1 49  ? -0.836  -9.103  3.132   1.00 18.34  ? 78  HIS A CD2 1 
ATOM   177  C CE1 . HIS A 1 49  ? -2.277  -10.742 2.985   1.00 18.52  ? 78  HIS A CE1 1 
ATOM   178  N NE2 . HIS A 1 49  ? -1.087  -10.412 3.490   1.00 19.19  ? 78  HIS A NE2 1 
ATOM   179  N N   . VAL A 1 50  ? -0.660  -8.620  -1.216  1.00 19.06  ? 79  VAL A N   1 
ATOM   180  C CA  . VAL A 1 50  ? -0.765  -9.387  -2.466  1.00 21.07  ? 79  VAL A CA  1 
ATOM   181  C C   . VAL A 1 50  ? -1.845  -10.516 -2.420  1.00 25.69  ? 79  VAL A C   1 
ATOM   182  O O   . VAL A 1 50  ? -2.697  -10.548 -3.302  1.00 25.11  ? 79  VAL A O   1 
ATOM   183  C CB  . VAL A 1 50  ? 0.632   -9.901  -2.951  1.00 26.35  ? 79  VAL A CB  1 
ATOM   184  C CG1 . VAL A 1 50  ? 0.512   -10.821 -4.174  1.00 26.73  ? 79  VAL A CG1 1 
ATOM   185  C CG2 . VAL A 1 50  ? 1.559   -8.726  -3.281  1.00 25.97  ? 79  VAL A CG2 1 
ATOM   186  N N   . ALA A 1 51  ? -1.842  -11.370 -1.395  1.00 23.98  ? 80  ALA A N   1 
ATOM   187  C CA  . ALA A 1 51  ? -2.801  -12.482 -1.263  1.00 24.06  ? 80  ALA A CA  1 
ATOM   188  C C   . ALA A 1 51  ? -4.281  -12.053 -1.120  1.00 28.43  ? 80  ALA A C   1 
ATOM   189  O O   . ALA A 1 51  ? -5.167  -12.783 -1.566  1.00 28.89  ? 80  ALA A O   1 
ATOM   190  C CB  . ALA A 1 51  ? -2.395  -13.378 -0.098  1.00 24.59  ? 80  ALA A CB  1 
ATOM   191  N N   . SER A 1 52  ? -4.554  -10.863 -0.525  1.00 21.66  ? 81  SER A N   1 
ATOM   192  C CA  . SER A 1 52  ? -5.929  -10.413 -0.285  1.00 19.42  ? 81  SER A CA  1 
ATOM   193  C C   . SER A 1 52  ? -6.444  -9.294  -1.173  1.00 21.73  ? 81  SER A C   1 
ATOM   194  O O   . SER A 1 52  ? -7.658  -9.151  -1.346  1.00 21.96  ? 81  SER A O   1 
ATOM   195  C CB  . SER A 1 52  ? -6.071  -9.977  1.174   1.00 21.10  ? 81  SER A CB  1 
ATOM   196  O OG  . SER A 1 52  ? -5.241  -8.847  1.397   1.00 19.78  ? 81  SER A OG  1 
ATOM   197  N N   . GLY A 1 53  ? -5.540  -8.456  -1.640  1.00 17.68  ? 82  GLY A N   1 
ATOM   198  C CA  . GLY A 1 53  ? -5.872  -7.238  -2.365  1.00 16.59  ? 82  GLY A CA  1 
ATOM   199  C C   . GLY A 1 53  ? -6.138  -6.080  -1.405  1.00 17.78  ? 82  GLY A C   1 
ATOM   200  O O   . GLY A 1 53  ? -6.533  -5.005  -1.843  1.00 16.71  ? 82  GLY A O   1 
ATOM   201  N N   . TYR A 1 54  ? -5.948  -6.289  -0.074  1.00 15.31  ? 83  TYR A N   1 
ATOM   202  C CA  . TYR A 1 54  ? -6.137  -5.233  0.952   1.00 13.58  ? 83  TYR A CA  1 
ATOM   203  C C   . TYR A 1 54  ? -5.107  -4.130  0.736   1.00 16.51  ? 83  TYR A C   1 
ATOM   204  O O   . TYR A 1 54  ? -3.945  -4.432  0.476   1.00 16.28  ? 83  TYR A O   1 
ATOM   205  C CB  . TYR A 1 54  ? -5.993  -5.828  2.368   1.00 13.13  ? 83  TYR A CB  1 
ATOM   206  C CG  . TYR A 1 54  ? -5.938  -4.815  3.502   1.00 14.90  ? 83  TYR A CG  1 
ATOM   207  C CD1 . TYR A 1 54  ? -7.080  -4.488  4.225   1.00 17.30  ? 83  TYR A CD1 1 
ATOM   208  C CD2 . TYR A 1 54  ? -4.717  -4.273  3.926   1.00 16.00  ? 83  TYR A CD2 1 
ATOM   209  C CE1 . TYR A 1 54  ? -7.023  -3.631  5.328   1.00 17.89  ? 83  TYR A CE1 1 
ATOM   210  C CE2 . TYR A 1 54  ? -4.651  -3.388  5.006   1.00 16.70  ? 83  TYR A CE2 1 
ATOM   211  C CZ  . TYR A 1 54  ? -5.810  -3.074  5.705   1.00 21.70  ? 83  TYR A CZ  1 
ATOM   212  O OH  . TYR A 1 54  ? -5.754  -2.266  6.811   1.00 18.50  ? 83  TYR A OH  1 
ATOM   213  N N   . ILE A 1 55  ? -5.518  -2.861  0.849   1.00 14.15  ? 84  ILE A N   1 
ATOM   214  C CA  . ILE A 1 55  ? -4.572  -1.767  0.618   1.00 15.14  ? 84  ILE A CA  1 
ATOM   215  C C   . ILE A 1 55  ? -4.468  -0.762  1.774   1.00 17.81  ? 84  ILE A C   1 
ATOM   216  O O   . ILE A 1 55  ? -5.413  -0.573  2.563   1.00 15.47  ? 84  ILE A O   1 
ATOM   217  C CB  . ILE A 1 55  ? -4.861  -1.004  -0.726  1.00 19.70  ? 84  ILE A CB  1 
ATOM   218  C CG1 . ILE A 1 55  ? -6.158  -0.151  -0.628  1.00 21.82  ? 84  ILE A CG1 1 
ATOM   219  C CG2 . ILE A 1 55  ? -4.876  -1.954  -1.969  1.00 21.00  ? 84  ILE A CG2 1 
ATOM   220  C CD1 . ILE A 1 55  ? -6.423  0.820   -1.809  1.00 28.17  ? 84  ILE A CD1 1 
ATOM   221  N N   . GLU A 1 56  ? -3.310  -0.098  1.843   1.00 14.80  ? 85  GLU A N   1 
ATOM   222  C CA  . GLU A 1 56  ? -3.090  1.068   2.699   1.00 16.36  ? 85  GLU A CA  1 
ATOM   223  C C   . GLU A 1 56  ? -2.543  2.108   1.724   1.00 19.70  ? 85  GLU A C   1 
ATOM   224  O O   . GLU A 1 56  ? -1.825  1.738   0.801   1.00 18.40  ? 85  GLU A O   1 
ATOM   225  C CB  . GLU A 1 56  ? -2.088  0.796   3.822   1.00 18.53  ? 85  GLU A CB  1 
ATOM   226  C CG  . GLU A 1 56  ? -2.589  -0.212  4.840   1.00 24.61  ? 85  GLU A CG  1 
ATOM   227  C CD  . GLU A 1 56  ? -2.530  0.209   6.290   1.00 32.15  ? 85  GLU A CD  1 
ATOM   228  O OE1 . GLU A 1 56  ? -2.390  1.425   6.562   1.00 24.35  ? 85  GLU A OE1 1 
ATOM   229  O OE2 . GLU A 1 56  ? -2.634  -0.685  7.159   1.00 29.05  ? 85  GLU A OE2 1 
ATOM   230  N N   . ALA A 1 57  ? -2.919  3.371   1.870   1.00 16.82  ? 86  ALA A N   1 
ATOM   231  C CA  . ALA A 1 57  ? -2.449  4.404   0.953   1.00 17.59  ? 86  ALA A CA  1 
ATOM   232  C C   . ALA A 1 57  ? -2.352  5.725   1.661   1.00 22.18  ? 86  ALA A C   1 
ATOM   233  O O   . ALA A 1 57  ? -3.083  5.974   2.626   1.00 21.35  ? 86  ALA A O   1 
ATOM   234  C CB  . ALA A 1 57  ? -3.385  4.522   -0.254  1.00 18.52  ? 86  ALA A CB  1 
ATOM   235  N N   . GLU A 1 58  ? -1.419  6.568   1.200   1.00 18.00  ? 87  GLU A N   1 
ATOM   236  C CA  . GLU A 1 58  ? -1.241  7.910   1.730   1.00 17.35  ? 87  GLU A CA  1 
ATOM   237  C C   . GLU A 1 58  ? -0.764  8.860   0.632   1.00 19.46  ? 87  GLU A C   1 
ATOM   238  O O   . GLU A 1 58  ? -0.120  8.445   -0.338  1.00 17.45  ? 87  GLU A O   1 
ATOM   239  C CB  . GLU A 1 58  ? -0.267  7.917   2.923   1.00 19.17  ? 87  GLU A CB  1 
ATOM   240  C CG  . GLU A 1 58  ? -0.323  9.170   3.810   1.00 37.51  ? 87  GLU A CG  1 
ATOM   241  C CD  . GLU A 1 58  ? -1.652  9.823   4.170   1.00 50.17  ? 87  GLU A CD  1 
ATOM   242  O OE1 . GLU A 1 58  ? -2.164  9.563   5.284   1.00 48.76  ? 87  GLU A OE1 1 
ATOM   243  O OE2 . GLU A 1 58  ? -2.153  10.639  3.363   1.00 26.57  ? 87  GLU A OE2 1 
ATOM   244  N N   . VAL A 1 59  ? -1.067  10.128  0.819   1.00 16.79  ? 88  VAL A N   1 
ATOM   245  C CA  . VAL A 1 59  ? -0.647  11.202  -0.076  1.00 17.86  ? 88  VAL A CA  1 
ATOM   246  C C   . VAL A 1 59  ? 0.642   11.773  0.514   1.00 22.29  ? 88  VAL A C   1 
ATOM   247  O O   . VAL A 1 59  ? 0.679   12.148  1.685   1.00 21.12  ? 88  VAL A O   1 
ATOM   248  C CB  . VAL A 1 59  ? -1.747  12.294  -0.229  1.00 21.44  ? 88  VAL A CB  1 
ATOM   249  C CG1 . VAL A 1 59  ? -1.267  13.438  -1.124  1.00 21.60  ? 88  VAL A CG1 1 
ATOM   250  C CG2 . VAL A 1 59  ? -3.017  11.686  -0.794  1.00 21.11  ? 88  VAL A CG2 1 
ATOM   251  N N   . ILE A 1 60  ? 1.682   11.848  -0.313  1.00 21.46  ? 89  ILE A N   1 
ATOM   252  C CA  . ILE A 1 60  ? 2.995   12.377  0.077   1.00 21.73  ? 89  ILE A CA  1 
ATOM   253  C C   . ILE A 1 60  ? 3.447   13.468  -0.909  1.00 28.61  ? 89  ILE A C   1 
ATOM   254  O O   . ILE A 1 60  ? 3.002   13.443  -2.058  1.00 26.91  ? 89  ILE A O   1 
ATOM   255  C CB  . ILE A 1 60  ? 4.029   11.236  0.234   1.00 24.10  ? 89  ILE A CB  1 
ATOM   256  C CG1 . ILE A 1 60  ? 4.256   10.482  -1.089  1.00 22.85  ? 89  ILE A CG1 1 
ATOM   257  C CG2 . ILE A 1 60  ? 3.638   10.306  1.395   1.00 26.26  ? 89  ILE A CG2 1 
ATOM   258  C CD1 . ILE A 1 60  ? 5.446   9.483   -1.104  1.00 19.42  ? 89  ILE A CD1 1 
ATOM   259  N N   . PRO A 1 61  ? 4.332   14.418  -0.524  1.00 29.66  ? 90  PRO A N   1 
ATOM   260  C CA  . PRO A 1 61  ? 4.723   15.478  -1.479  1.00 29.98  ? 90  PRO A CA  1 
ATOM   261  C C   . PRO A 1 61  ? 5.440   14.961  -2.731  1.00 33.69  ? 90  PRO A C   1 
ATOM   262  O O   . PRO A 1 61  ? 5.127   15.399  -3.837  1.00 33.96  ? 90  PRO A O   1 
ATOM   263  C CB  . PRO A 1 61  ? 5.577   16.427  -0.630  1.00 32.18  ? 90  PRO A CB  1 
ATOM   264  C CG  . PRO A 1 61  ? 5.240   16.100  0.792   1.00 36.87  ? 90  PRO A CG  1 
ATOM   265  C CD  . PRO A 1 61  ? 4.959   14.636  0.796   1.00 32.38  ? 90  PRO A CD  1 
ATOM   266  N N   . ALA A 1 62  ? 6.349   13.985  -2.563  1.00 29.45  ? 91  ALA A N   1 
ATOM   267  C CA  . ALA A 1 62  ? 7.096   13.350  -3.643  1.00 28.80  ? 91  ALA A CA  1 
ATOM   268  C C   . ALA A 1 62  ? 7.592   11.976  -3.204  1.00 29.91  ? 91  ALA A C   1 
ATOM   269  O O   . ALA A 1 62  ? 7.735   11.726  -2.016  1.00 30.52  ? 91  ALA A O   1 
ATOM   270  C CB  . ALA A 1 62  ? 8.289   14.222  -4.045  1.00 30.03  ? 91  ALA A CB  1 
ATOM   271  N N   . GLU A 1 63  ? 7.869   11.103  -4.169  1.00 26.35  ? 92  GLU A N   1 
ATOM   272  C CA  . GLU A 1 63  ? 8.413   9.771   -3.967  1.00 27.47  ? 92  GLU A CA  1 
ATOM   273  C C   . GLU A 1 63  ? 9.880   9.913   -3.483  1.00 33.77  ? 92  GLU A C   1 
ATOM   274  O O   . GLU A 1 63  ? 10.744  10.320  -4.262  1.00 35.51  ? 92  GLU A O   1 
ATOM   275  C CB  . GLU A 1 63  ? 8.293   8.964   -5.288  1.00 29.08  ? 92  GLU A CB  1 
ATOM   276  C CG  . GLU A 1 63  ? 9.254   7.794   -5.484  1.00 39.52  ? 92  GLU A CG  1 
ATOM   277  C CD  . GLU A 1 63  ? 8.781   6.433   -5.016  1.00 63.08  ? 92  GLU A CD  1 
ATOM   278  O OE1 . GLU A 1 63  ? 8.931   5.453   -5.785  1.00 38.17  ? 92  GLU A OE1 1 
ATOM   279  O OE2 . GLU A 1 63  ? 8.280   6.342   -3.873  1.00 66.11  ? 92  GLU A OE2 1 
ATOM   280  N N   . THR A 1 64  ? 10.133  9.675   -2.178  1.00 28.37  ? 93  THR A N   1 
ATOM   281  C CA  . THR A 1 64  ? 11.495  9.765   -1.622  1.00 27.49  ? 93  THR A CA  1 
ATOM   282  C C   . THR A 1 64  ? 11.805  8.531   -0.779  1.00 28.29  ? 93  THR A C   1 
ATOM   283  O O   . THR A 1 64  ? 10.892  7.787   -0.408  1.00 25.01  ? 93  THR A O   1 
ATOM   284  C CB  . THR A 1 64  ? 11.734  11.047  -0.798  1.00 32.80  ? 93  THR A CB  1 
ATOM   285  O OG1 . THR A 1 64  ? 11.019  10.973  0.427   1.00 33.06  ? 93  THR A OG1 1 
ATOM   286  C CG2 . THR A 1 64  ? 11.422  12.352  -1.563  1.00 35.47  ? 93  THR A CG2 1 
ATOM   287  N N   . GLY A 1 65  ? 13.085  8.353   -0.464  1.00 24.46  ? 94  GLY A N   1 
ATOM   288  C CA  . GLY A 1 65  ? 13.548  7.268   0.391   1.00 23.47  ? 94  GLY A CA  1 
ATOM   289  C C   . GLY A 1 65  ? 12.983  7.452   1.786   1.00 24.12  ? 94  GLY A C   1 
ATOM   290  O O   . GLY A 1 65  ? 12.500  6.500   2.379   1.00 24.08  ? 94  GLY A O   1 
ATOM   291  N N   . GLN A 1 66  ? 12.968  8.694   2.282   1.00 19.25  ? 95  GLN A N   1 
ATOM   292  C CA  . GLN A 1 66  ? 12.466  9.019   3.609   1.00 19.81  ? 95  GLN A CA  1 
ATOM   293  C C   . GLN A 1 66  ? 10.987  8.757   3.792   1.00 24.39  ? 95  GLN A C   1 
ATOM   294  O O   . GLN A 1 66  ? 10.579  8.321   4.875   1.00 23.67  ? 95  GLN A O   1 
ATOM   295  C CB  . GLN A 1 66  ? 12.808  10.457  4.007   1.00 21.01  ? 95  GLN A CB  1 
ATOM   296  C CG  . GLN A 1 66  ? 14.312  10.640  4.266   1.00 40.69  ? 95  GLN A CG  1 
ATOM   297  C CD  . GLN A 1 66  ? 14.661  11.796  5.181   1.00 56.74  ? 95  GLN A CD  1 
ATOM   298  O OE1 . GLN A 1 66  ? 13.828  12.323  5.934   1.00 46.34  ? 95  GLN A OE1 1 
ATOM   299  N NE2 . GLN A 1 66  ? 15.925  12.204  5.150   1.00 53.68  ? 95  GLN A NE2 1 
ATOM   300  N N   . GLU A 1 67  ? 10.187  9.076   2.761   1.00 21.13  ? 96  GLU A N   1 
ATOM   301  C CA  . GLU A 1 67  ? 8.744   8.878   2.788   1.00 20.22  ? 96  GLU A CA  1 
ATOM   302  C C   . GLU A 1 67  ? 8.467   7.391   2.774   1.00 20.57  ? 96  GLU A C   1 
ATOM   303  O O   . GLU A 1 67  ? 7.646   6.932   3.565   1.00 20.40  ? 96  GLU A O   1 
ATOM   304  C CB  . GLU A 1 67  ? 8.054   9.561   1.592   1.00 21.36  ? 96  GLU A CB  1 
ATOM   305  C CG  . GLU A 1 67  ? 7.993   11.088  1.670   1.00 27.18  ? 96  GLU A CG  1 
ATOM   306  C CD  . GLU A 1 67  ? 7.223   11.722  2.815   1.00 45.23  ? 96  GLU A CD  1 
ATOM   307  O OE1 . GLU A 1 67  ? 6.337   11.053  3.393   1.00 32.44  ? 96  GLU A OE1 1 
ATOM   308  O OE2 . GLU A 1 67  ? 7.503   12.899  3.131   1.00 50.56  ? 96  GLU A OE2 1 
ATOM   309  N N   . THR A 1 68  ? 9.132   6.644   1.870   1.00 15.14  ? 97  THR A N   1 
ATOM   310  C CA  . THR A 1 68  ? 8.965   5.198   1.765   1.00 15.66  ? 97  THR A CA  1 
ATOM   311  C C   . THR A 1 68  ? 9.397   4.507   3.075   1.00 18.93  ? 97  THR A C   1 
ATOM   312  O O   . THR A 1 68  ? 8.697   3.606   3.518   1.00 18.27  ? 97  THR A O   1 
ATOM   313  C CB  . THR A 1 68  ? 9.712   4.628   0.559   1.00 19.73  ? 97  THR A CB  1 
ATOM   314  O OG1 . THR A 1 68  ? 9.237   5.262   -0.623  1.00 23.68  ? 97  THR A OG1 1 
ATOM   315  C CG2 . THR A 1 68  ? 9.558   3.125   0.441   1.00 15.61  ? 97  THR A CG2 1 
ATOM   316  N N   . ALA A 1 69  ? 10.516  4.946   3.685   1.00 15.58  ? 98  ALA A N   1 
ATOM   317  C CA  . ALA A 1 69  ? 11.030  4.376   4.940   1.00 16.16  ? 98  ALA A CA  1 
ATOM   318  C C   . ALA A 1 69  ? 10.017  4.559   6.071   1.00 18.09  ? 98  ALA A C   1 
ATOM   319  O O   . ALA A 1 69  ? 9.712   3.612   6.799   1.00 16.73  ? 98  ALA A O   1 
ATOM   320  C CB  . ALA A 1 69  ? 12.351  5.037   5.322   1.00 16.45  ? 98  ALA A CB  1 
ATOM   321  N N   . TYR A 1 70  ? 9.518   5.786   6.233   1.00 14.67  ? 99  TYR A N   1 
ATOM   322  C CA  . TYR A 1 70  ? 8.558   6.066   7.281   1.00 13.78  ? 99  TYR A CA  1 
ATOM   323  C C   . TYR A 1 70  ? 7.268   5.238   7.108   1.00 15.52  ? 99  TYR A C   1 
ATOM   324  O O   . TYR A 1 70  ? 6.734   4.727   8.096   1.00 14.32  ? 99  TYR A O   1 
ATOM   325  C CB  . TYR A 1 70  ? 8.235   7.571   7.317   1.00 14.90  ? 99  TYR A CB  1 
ATOM   326  C CG  . TYR A 1 70  ? 7.303   7.912   8.454   1.00 16.60  ? 99  TYR A CG  1 
ATOM   327  C CD1 . TYR A 1 70  ? 7.734   7.848   9.774   1.00 18.14  ? 99  TYR A CD1 1 
ATOM   328  C CD2 . TYR A 1 70  ? 5.972   8.266   8.213   1.00 17.96  ? 99  TYR A CD2 1 
ATOM   329  C CE1 . TYR A 1 70  ? 6.876   8.138   10.827  1.00 16.13  ? 99  TYR A CE1 1 
ATOM   330  C CE2 . TYR A 1 70  ? 5.113   8.581   9.260   1.00 17.77  ? 99  TYR A CE2 1 
ATOM   331  C CZ  . TYR A 1 70  ? 5.567   8.498   10.565  1.00 20.27  ? 99  TYR A CZ  1 
ATOM   332  O OH  . TYR A 1 70  ? 4.735   8.767   11.613  1.00 23.69  ? 99  TYR A OH  1 
ATOM   333  N N   . PHE A 1 71  ? 6.762   5.130   5.860   1.00 13.70  ? 100 PHE A N   1 
ATOM   334  C CA  A PHE A 1 71  ? 5.543   4.383   5.512   0.60 12.64  ? 100 PHE A CA  1 
ATOM   335  C CA  B PHE A 1 71  ? 5.517   4.395   5.677   0.40 13.72  ? 100 PHE A CA  1 
ATOM   336  C C   . PHE A 1 71  ? 5.713   2.897   5.828   1.00 15.45  ? 100 PHE A C   1 
ATOM   337  O O   . PHE A 1 71  ? 4.784   2.252   6.310   1.00 13.08  ? 100 PHE A O   1 
ATOM   338  C CB  A PHE A 1 71  ? 5.235   4.574   4.010   0.60 12.76  ? 100 PHE A CB  1 
ATOM   339  C CB  B PHE A 1 71  ? 4.761   4.783   4.395   0.40 15.56  ? 100 PHE A CB  1 
ATOM   340  C CG  A PHE A 1 71  ? 3.991   3.904   3.464   0.60 13.18  ? 100 PHE A CG  1 
ATOM   341  C CG  B PHE A 1 71  ? 3.965   6.045   4.654   0.40 17.06  ? 100 PHE A CG  1 
ATOM   342  C CD1 A PHE A 1 71  ? 2.758   4.550   3.501   0.60 16.24  ? 100 PHE A CD1 1 
ATOM   343  C CD1 B PHE A 1 71  ? 3.022   6.096   5.678   0.40 19.37  ? 100 PHE A CD1 1 
ATOM   344  C CD2 A PHE A 1 71  ? 4.077   2.695   2.777   0.60 14.52  ? 100 PHE A CD2 1 
ATOM   345  C CD2 B PHE A 1 71  ? 4.185   7.191   3.908   0.40 19.71  ? 100 PHE A CD2 1 
ATOM   346  C CE1 A PHE A 1 71  ? 1.610   3.941   2.965   0.60 15.55  ? 100 PHE A CE1 1 
ATOM   347  C CE1 B PHE A 1 71  ? 2.343   7.278   5.967   0.40 19.89  ? 100 PHE A CE1 1 
ATOM   348  C CE2 A PHE A 1 71  ? 2.947   2.114   2.207   0.60 15.45  ? 100 PHE A CE2 1 
ATOM   349  C CE2 B PHE A 1 71  ? 3.474   8.365   4.179   0.40 21.75  ? 100 PHE A CE2 1 
ATOM   350  C CZ  A PHE A 1 71  ? 1.715   2.718   2.346   0.60 14.04  ? 100 PHE A CZ  1 
ATOM   351  C CZ  B PHE A 1 71  ? 2.584   8.407   5.221   0.40 19.31  ? 100 PHE A CZ  1 
ATOM   352  N N   . LEU A 1 72  ? 6.912   2.358   5.525   1.00 13.16  ? 101 LEU A N   1 
ATOM   353  C CA  . LEU A 1 72  ? 7.236   0.948   5.761   1.00 13.83  ? 101 LEU A CA  1 
ATOM   354  C C   . LEU A 1 72  ? 7.269   0.674   7.257   1.00 15.33  ? 101 LEU A C   1 
ATOM   355  O O   . LEU A 1 72  ? 6.734   -0.341  7.700   1.00 15.16  ? 101 LEU A O   1 
ATOM   356  C CB  . LEU A 1 72  ? 8.585   0.534   5.137   1.00 14.68  ? 101 LEU A CB  1 
ATOM   357  C CG  . LEU A 1 72  ? 8.540   0.130   3.679   1.00 21.69  ? 101 LEU A CG  1 
ATOM   358  C CD1 . LEU A 1 72  ? 9.973   -0.085  3.128   1.00 20.60  ? 101 LEU A CD1 1 
ATOM   359  C CD2 . LEU A 1 72  ? 7.684   -1.165  3.487   1.00 24.21  ? 101 LEU A CD2 1 
ATOM   360  N N   . LEU A 1 73  ? 7.891   1.574   8.031   1.00 13.03  ? 102 LEU A N   1 
ATOM   361  C CA  A LEU A 1 73  ? 7.978   1.431   9.483   0.60 13.71  ? 102 LEU A CA  1 
ATOM   362  C CA  B LEU A 1 73  ? 7.963   1.447   9.494   0.40 12.64  ? 102 LEU A CA  1 
ATOM   363  C C   . LEU A 1 73  ? 6.560   1.388   10.074  1.00 15.26  ? 102 LEU A C   1 
ATOM   364  O O   . LEU A 1 73  ? 6.281   0.544   10.934  1.00 13.77  ? 102 LEU A O   1 
ATOM   365  C CB  A LEU A 1 73  ? 8.819   2.594   10.050  0.60 14.15  ? 102 LEU A CB  1 
ATOM   366  C CB  B LEU A 1 73  ? 8.723   2.621   10.136  0.40 12.39  ? 102 LEU A CB  1 
ATOM   367  C CG  A LEU A 1 73  ? 9.175   2.616   11.534  0.60 18.37  ? 102 LEU A CG  1 
ATOM   368  C CG  B LEU A 1 73  ? 10.242  2.631   10.039  0.40 15.47  ? 102 LEU A CG  1 
ATOM   369  C CD1 A LEU A 1 73  ? 9.935   1.354   11.970  0.60 17.90  ? 102 LEU A CD1 1 
ATOM   370  C CD1 B LEU A 1 73  ? 10.781  3.898   10.655  0.40 14.61  ? 102 LEU A CD1 1 
ATOM   371  C CD2 A LEU A 1 73  ? 10.017  3.841   11.838  0.60 18.87  ? 102 LEU A CD2 1 
ATOM   372  C CD2 B LEU A 1 73  ? 10.852  1.421   10.733  0.40 19.05  ? 102 LEU A CD2 1 
ATOM   373  N N   . LYS A 1 74  ? 5.660   2.276   9.592   1.00 11.55  ? 103 LYS A N   1 
ATOM   374  C CA  . LYS A 1 74  ? 4.266   2.300   10.052  1.00 11.43  ? 103 LYS A CA  1 
ATOM   375  C C   . LYS A 1 74  ? 3.557   1.009   9.693   1.00 14.21  ? 103 LYS A C   1 
ATOM   376  O O   . LYS A 1 74  ? 2.913   0.405   10.543  1.00 13.17  ? 103 LYS A O   1 
ATOM   377  C CB  . LYS A 1 74  ? 3.488   3.463   9.399   1.00 13.21  ? 103 LYS A CB  1 
ATOM   378  C CG  . LYS A 1 74  ? 3.725   4.816   10.040  1.00 21.00  ? 103 LYS A CG  1 
ATOM   379  C CD  . LYS A 1 74  ? 2.720   5.859   9.576   1.00 29.42  ? 103 LYS A CD  1 
ATOM   380  C CE  . LYS A 1 74  ? 1.382   5.748   10.271  1.00 45.13  ? 103 LYS A CE  1 
ATOM   381  N NZ  . LYS A 1 74  ? 0.542   6.945   10.015  1.00 57.96  ? 103 LYS A NZ  1 
ATOM   382  N N   . LEU A 1 75  ? 3.633   0.598   8.424   1.00 13.14  ? 104 LEU A N   1 
ATOM   383  C CA  . LEU A 1 75  ? 2.930   -0.601  7.949   1.00 12.89  ? 104 LEU A CA  1 
ATOM   384  C C   . LEU A 1 75  ? 3.318   -1.844  8.746   1.00 15.80  ? 104 LEU A C   1 
ATOM   385  O O   . LEU A 1 75  ? 2.435   -2.612  9.164   1.00 14.54  ? 104 LEU A O   1 
ATOM   386  C CB  . LEU A 1 75  ? 3.219   -0.806  6.441   1.00 13.58  ? 104 LEU A CB  1 
ATOM   387  C CG  . LEU A 1 75  ? 2.465   -1.963  5.756   1.00 18.66  ? 104 LEU A CG  1 
ATOM   388  C CD1 . LEU A 1 75  ? 0.973   -1.643  5.612   1.00 19.27  ? 104 LEU A CD1 1 
ATOM   389  C CD2 . LEU A 1 75  ? 3.085   -2.264  4.398   1.00 21.36  ? 104 LEU A CD2 1 
ATOM   390  N N   . ALA A 1 76  ? 4.648   -2.052  8.937   1.00 14.27  ? 105 ALA A N   1 
ATOM   391  C CA  . ALA A 1 76  ? 5.209   -3.209  9.669   1.00 14.42  ? 105 ALA A CA  1 
ATOM   392  C C   . ALA A 1 76  ? 4.779   -3.267  11.145  1.00 16.36  ? 105 ALA A C   1 
ATOM   393  O O   . ALA A 1 76  ? 4.708   -4.364  11.698  1.00 14.70  ? 105 ALA A O   1 
ATOM   394  C CB  . ALA A 1 76  ? 6.729   -3.224  9.563   1.00 15.29  ? 105 ALA A CB  1 
ATOM   395  N N   . GLY A 1 77  ? 4.477   -2.121  11.768  1.00 12.69  ? 106 GLY A N   1 
ATOM   396  C CA  . GLY A 1 77  ? 3.972   -2.130  13.146  1.00 12.41  ? 106 GLY A CA  1 
ATOM   397  C C   . GLY A 1 77  ? 2.491   -2.469  13.236  1.00 17.08  ? 106 GLY A C   1 
ATOM   398  O O   . GLY A 1 77  ? 1.973   -2.816  14.301  1.00 17.34  ? 106 GLY A O   1 
ATOM   399  N N   . ARG A 1 78  ? 1.790   -2.360  12.111  1.00 13.38  ? 107 ARG A N   1 
ATOM   400  C CA  . ARG A 1 78  ? 0.350   -2.577  12.033  1.00 13.35  ? 107 ARG A CA  1 
ATOM   401  C C   . ARG A 1 78  ? -0.072  -3.948  11.479  1.00 17.87  ? 107 ARG A C   1 
ATOM   402  O O   . ARG A 1 78  ? -1.128  -4.444  11.847  1.00 17.66  ? 107 ARG A O   1 
ATOM   403  C CB  . ARG A 1 78  ? -0.287  -1.429  11.217  1.00 13.23  ? 107 ARG A CB  1 
ATOM   404  C CG  . ARG A 1 78  ? -0.252  -0.131  12.040  1.00 18.36  ? 107 ARG A CG  1 
ATOM   405  C CD  . ARG A 1 78  ? -0.194  1.129   11.204  1.00 19.15  ? 107 ARG A CD  1 
ATOM   406  N NE  . ARG A 1 78  ? -0.199  2.332   12.044  0.80 13.36  ? 107 ARG A NE  1 
ATOM   407  C CZ  . ARG A 1 78  ? 0.847   2.769   12.739  0.80 21.17  ? 107 ARG A CZ  1 
ATOM   408  N NH1 . ARG A 1 78  ? 1.998   2.104   12.714  0.80 8.42   ? 107 ARG A NH1 1 
ATOM   409  N NH2 . ARG A 1 78  ? 0.741   3.848   13.494  0.80 13.10  ? 107 ARG A NH2 1 
ATOM   410  N N   . TRP A 1 79  ? 0.745   -4.538  10.591  1.00 14.84  ? 108 TRP A N   1 
ATOM   411  C CA  . TRP A 1 79  ? 0.482   -5.805  9.930   1.00 14.71  ? 108 TRP A CA  1 
ATOM   412  C C   . TRP A 1 79  ? 1.763   -6.622  9.887   1.00 18.01  ? 108 TRP A C   1 
ATOM   413  O O   . TRP A 1 79  ? 2.843   -6.037  9.935   1.00 15.54  ? 108 TRP A O   1 
ATOM   414  C CB  . TRP A 1 79  ? 0.022   -5.559  8.473   1.00 13.98  ? 108 TRP A CB  1 
ATOM   415  C CG  . TRP A 1 79  ? -1.348  -4.976  8.352   1.00 14.76  ? 108 TRP A CG  1 
ATOM   416  C CD1 . TRP A 1 79  ? -1.663  -3.678  8.080   1.00 17.63  ? 108 TRP A CD1 1 
ATOM   417  C CD2 . TRP A 1 79  ? -2.591  -5.652  8.605   1.00 14.87  ? 108 TRP A CD2 1 
ATOM   418  N NE1 . TRP A 1 79  ? -3.031  -3.500  8.142   1.00 17.70  ? 108 TRP A NE1 1 
ATOM   419  C CE2 . TRP A 1 79  ? -3.626  -4.710  8.414   1.00 19.58  ? 108 TRP A CE2 1 
ATOM   420  C CE3 . TRP A 1 79  ? -2.935  -6.990  8.889   1.00 16.34  ? 108 TRP A CE3 1 
ATOM   421  C CZ2 . TRP A 1 79  ? -4.987  -5.057  8.511   1.00 19.12  ? 108 TRP A CZ2 1 
ATOM   422  C CZ3 . TRP A 1 79  ? -4.281  -7.326  9.016   1.00 17.78  ? 108 TRP A CZ3 1 
ATOM   423  C CH2 . TRP A 1 79  ? -5.290  -6.377  8.774   1.00 18.33  ? 108 TRP A CH2 1 
ATOM   424  N N   . PRO A 1 80  ? 1.690   -7.962  9.740   1.00 18.62  ? 109 PRO A N   1 
ATOM   425  C CA  . PRO A 1 80  ? 2.939   -8.738  9.633   1.00 20.03  ? 109 PRO A CA  1 
ATOM   426  C C   . PRO A 1 80  ? 3.508   -8.516  8.231   1.00 25.75  ? 109 PRO A C   1 
ATOM   427  O O   . PRO A 1 80  ? 2.853   -8.848  7.238   1.00 31.04  ? 109 PRO A O   1 
ATOM   428  C CB  . PRO A 1 80  ? 2.497   -10.195 9.873   1.00 22.10  ? 109 PRO A CB  1 
ATOM   429  C CG  . PRO A 1 80  ? 1.061   -10.232 9.658   1.00 25.46  ? 109 PRO A CG  1 
ATOM   430  C CD  . PRO A 1 80  ? 0.494   -8.829  9.662   1.00 20.47  ? 109 PRO A CD  1 
ATOM   431  N N   . VAL A 1 81  ? 4.632   -7.804  8.146   1.00 18.20  ? 110 VAL A N   1 
ATOM   432  C CA  . VAL A 1 81  ? 5.259   -7.488  6.859   1.00 16.84  ? 110 VAL A CA  1 
ATOM   433  C C   . VAL A 1 81  ? 6.579   -8.276  6.823   1.00 20.81  ? 110 VAL A C   1 
ATOM   434  O O   . VAL A 1 81  ? 7.535   -7.929  7.524   1.00 19.53  ? 110 VAL A O   1 
ATOM   435  C CB  . VAL A 1 81  ? 5.454   -5.963  6.634   1.00 18.55  ? 110 VAL A CB  1 
ATOM   436  C CG1 . VAL A 1 81  ? 6.187   -5.701  5.318   1.00 17.63  ? 110 VAL A CG1 1 
ATOM   437  C CG2 . VAL A 1 81  ? 4.109   -5.216  6.652   1.00 17.51  ? 110 VAL A CG2 1 
ATOM   438  N N   . LYS A 1 82  ? 6.595   -9.351  6.047   1.00 17.30  ? 111 LYS A N   1 
ATOM   439  C CA  . LYS A 1 82  ? 7.764   -10.225 5.950   1.00 18.29  ? 111 LYS A CA  1 
ATOM   440  C C   . LYS A 1 82  ? 8.585   -9.880  4.708   1.00 21.45  ? 111 LYS A C   1 
ATOM   441  O O   . LYS A 1 82  ? 9.815   -9.824  4.775   1.00 19.92  ? 111 LYS A O   1 
ATOM   442  C CB  . LYS A 1 82  ? 7.301   -11.707 5.938   1.00 21.64  ? 111 LYS A CB  1 
ATOM   443  C CG  . LYS A 1 82  ? 8.440   -12.728 5.846   1.00 46.62  ? 111 LYS A CG  1 
ATOM   444  C CD  . LYS A 1 82  ? 7.989   -14.039 5.203   1.00 61.35  ? 111 LYS A CD  1 
ATOM   445  C CE  . LYS A 1 82  ? 8.994   -15.158 5.353   1.00 73.12  ? 111 LYS A CE  1 
ATOM   446  N NZ  . LYS A 1 82  ? 9.030   -15.691 6.741   1.00 81.64  ? 111 LYS A NZ  1 
ATOM   447  N N   . THR A 1 83  ? 7.905   -9.686  3.576   1.00 18.54  ? 112 THR A N   1 
ATOM   448  C CA  . THR A 1 83  ? 8.562   -9.395  2.312   1.00 19.45  ? 112 THR A CA  1 
ATOM   449  C C   . THR A 1 83  ? 7.881   -8.229  1.611   1.00 22.44  ? 112 THR A C   1 
ATOM   450  O O   . THR A 1 83  ? 6.652   -8.195  1.552   1.00 22.25  ? 112 THR A O   1 
ATOM   451  C CB  . THR A 1 83  ? 8.508   -10.669 1.432   1.00 26.98  ? 112 THR A CB  1 
ATOM   452  O OG1 . THR A 1 83  ? 9.274   -11.688 2.076   1.00 30.10  ? 112 THR A OG1 1 
ATOM   453  C CG2 . THR A 1 83  ? 9.038   -10.436 0.020   1.00 28.86  ? 112 THR A CG2 1 
ATOM   454  N N   . VAL A 1 84  ? 8.673   -7.316  1.030   1.00 18.80  ? 113 VAL A N   1 
ATOM   455  C CA  . VAL A 1 84  ? 8.165   -6.182  0.256   1.00 19.05  ? 113 VAL A CA  1 
ATOM   456  C C   . VAL A 1 84  ? 8.732   -6.147  -1.162  1.00 23.68  ? 113 VAL A C   1 
ATOM   457  O O   . VAL A 1 84  ? 9.938   -6.318  -1.359  1.00 23.97  ? 113 VAL A O   1 
ATOM   458  C CB  . VAL A 1 84  ? 8.297   -4.793  0.941   1.00 23.80  ? 113 VAL A CB  1 
ATOM   459  C CG1 . VAL A 1 84  ? 7.418   -4.705  2.176   1.00 23.43  ? 113 VAL A CG1 1 
ATOM   460  C CG2 . VAL A 1 84  ? 9.754   -4.456  1.279   1.00 24.42  ? 113 VAL A CG2 1 
ATOM   461  N N   . HIS A 1 85  ? 7.858   -5.882  -2.126  1.00 21.12  ? 114 HIS A N   1 
ATOM   462  C CA  . HIS A 1 85  ? 8.202   -5.675  -3.527  1.00 23.20  ? 114 HIS A CA  1 
ATOM   463  C C   . HIS A 1 85  ? 7.810   -4.249  -3.888  1.00 25.52  ? 114 HIS A C   1 
ATOM   464  O O   . HIS A 1 85  ? 6.930   -3.662  -3.243  1.00 23.74  ? 114 HIS A O   1 
ATOM   465  C CB  . HIS A 1 85  ? 7.454   -6.647  -4.449  1.00 25.60  ? 114 HIS A CB  1 
ATOM   466  C CG  . HIS A 1 85  ? 7.777   -8.090  -4.231  1.00 30.61  ? 114 HIS A CG  1 
ATOM   467  N ND1 . HIS A 1 85  ? 8.866   -8.683  -4.837  1.00 33.65  ? 114 HIS A ND1 1 
ATOM   468  C CD2 . HIS A 1 85  ? 7.113   -9.025  -3.515  1.00 33.02  ? 114 HIS A CD2 1 
ATOM   469  C CE1 . HIS A 1 85  ? 8.827   -9.958  -4.475  1.00 33.06  ? 114 HIS A CE1 1 
ATOM   470  N NE2 . HIS A 1 85  ? 7.806   -10.204 -3.662  1.00 33.12  ? 114 HIS A NE2 1 
ATOM   471  N N   . THR A 1 86  ? 8.460   -3.688  -4.908  1.00 22.28  ? 115 THR A N   1 
ATOM   472  C CA  . THR A 1 86  ? 8.157   -2.345  -5.402  1.00 22.17  ? 115 THR A CA  1 
ATOM   473  C C   . THR A 1 86  ? 8.096   -2.320  -6.932  1.00 26.82  ? 115 THR A C   1 
ATOM   474  O O   . THR A 1 86  ? 8.630   -3.208  -7.580  1.00 25.98  ? 115 THR A O   1 
ATOM   475  C CB  . THR A 1 86  ? 9.168   -1.324  -4.877  1.00 23.90  ? 115 THR A CB  1 
ATOM   476  O OG1 . THR A 1 86  ? 8.784   -0.036  -5.380  1.00 23.61  ? 115 THR A OG1 1 
ATOM   477  C CG2 . THR A 1 86  ? 10.610  -1.637  -5.333  1.00 24.59  ? 115 THR A CG2 1 
ATOM   478  N N   . ASP A 1 87  ? 7.484   -1.272  -7.497  1.00 24.64  ? 116 ASP A N   1 
ATOM   479  C CA  . ASP A 1 87  ? 7.450   -1.010  -8.939  1.00 23.84  ? 116 ASP A CA  1 
ATOM   480  C C   . ASP A 1 87  ? 8.660   -0.090  -9.289  1.00 24.70  ? 116 ASP A C   1 
ATOM   481  O O   . ASP A 1 87  ? 8.905   0.206   -10.466 1.00 25.42  ? 116 ASP A O   1 
ATOM   482  C CB  . ASP A 1 87  ? 6.113   -0.320  -9.307  1.00 25.80  ? 116 ASP A CB  1 
ATOM   483  C CG  . ASP A 1 87  ? 5.807   1.005   -8.618  1.00 35.95  ? 116 ASP A CG  1 
ATOM   484  O OD1 . ASP A 1 87  ? 6.568   1.399   -7.694  1.00 36.24  ? 116 ASP A OD1 1 
ATOM   485  O OD2 . ASP A 1 87  ? 4.804   1.642   -8.988  1.00 44.87  ? 116 ASP A OD2 1 
ATOM   486  N N   . ASN A 1 88  ? 9.397   0.367   -8.250  1.00 19.28  ? 117 ASN A N   1 
ATOM   487  C CA  . ASN A 1 88  ? 10.538  1.286   -8.401  1.00 19.89  ? 117 ASN A CA  1 
ATOM   488  C C   . ASN A 1 88  ? 11.722  0.892   -7.524  1.00 23.85  ? 117 ASN A C   1 
ATOM   489  O O   . ASN A 1 88  ? 11.877  1.389   -6.399  1.00 24.54  ? 117 ASN A O   1 
ATOM   490  C CB  . ASN A 1 88  ? 10.092  2.738   -8.148  1.00 20.53  ? 117 ASN A CB  1 
ATOM   491  C CG  . ASN A 1 88  ? 11.092  3.794   -8.561  1.00 43.28  ? 117 ASN A CG  1 
ATOM   492  O OD1 . ASN A 1 88  ? 12.210  3.512   -8.987  1.00 38.68  ? 117 ASN A OD1 1 
ATOM   493  N ND2 . ASN A 1 88  ? 10.703  5.047   -8.458  1.00 36.46  ? 117 ASN A ND2 1 
ATOM   494  N N   . GLY A 1 89  ? 12.557  0.013   -8.070  1.00 20.07  ? 118 GLY A N   1 
ATOM   495  C CA  . GLY A 1 89  ? 13.746  -0.525  -7.414  1.00 20.12  ? 118 GLY A CA  1 
ATOM   496  C C   . GLY A 1 89  ? 14.725  0.507   -6.889  1.00 22.37  ? 118 GLY A C   1 
ATOM   497  O O   . GLY A 1 89  ? 15.310  0.310   -5.819  1.00 21.52  ? 118 GLY A O   1 
ATOM   498  N N   . SER A 1 90  ? 14.872  1.641   -7.600  1.00 18.53  ? 119 SER A N   1 
ATOM   499  C CA  . SER A 1 90  ? 15.781  2.708   -7.174  1.00 18.82  ? 119 SER A CA  1 
ATOM   500  C C   . SER A 1 90  ? 15.326  3.332   -5.846  1.00 24.68  ? 119 SER A C   1 
ATOM   501  O O   . SER A 1 90  ? 16.154  3.771   -5.049  1.00 24.44  ? 119 SER A O   1 
ATOM   502  C CB  . SER A 1 90  ? 15.921  3.784   -8.251  1.00 18.83  ? 119 SER A CB  1 
ATOM   503  O OG  . SER A 1 90  ? 14.688  4.417   -8.533  1.00 21.17  ? 119 SER A OG  1 
ATOM   504  N N   . ASN A 1 91  ? 14.020  3.307   -5.583  1.00 23.18  ? 120 ASN A N   1 
ATOM   505  C CA  . ASN A 1 91  ? 13.509  3.851   -4.325  1.00 24.35  ? 120 ASN A CA  1 
ATOM   506  C C   . ASN A 1 91  ? 13.900  2.954   -3.108  1.00 30.89  ? 120 ASN A C   1 
ATOM   507  O O   . ASN A 1 91  ? 14.087  3.483   -2.022  1.00 32.82  ? 120 ASN A O   1 
ATOM   508  C CB  . ASN A 1 91  ? 12.008  4.131   -4.442  1.00 24.54  ? 120 ASN A CB  1 
ATOM   509  C CG  . ASN A 1 91  ? 11.391  4.583   -3.161  1.00 39.00  ? 120 ASN A CG  1 
ATOM   510  O OD1 . ASN A 1 91  ? 10.835  3.779   -2.430  1.00 29.42  ? 120 ASN A OD1 1 
ATOM   511  N ND2 . ASN A 1 91  ? 11.495  5.865   -2.857  1.00 32.91  ? 120 ASN A ND2 1 
ATOM   512  N N   . PHE A 1 92  ? 14.137  1.645   -3.325  1.00 29.25  ? 121 PHE A N   1 
ATOM   513  C CA  . PHE A 1 92  ? 14.536  0.670   -2.299  1.00 30.35  ? 121 PHE A CA  1 
ATOM   514  C C   . PHE A 1 92  ? 16.053  0.600   -2.033  1.00 36.98  ? 121 PHE A C   1 
ATOM   515  O O   . PHE A 1 92  ? 16.485  -0.041  -1.075  1.00 37.18  ? 121 PHE A O   1 
ATOM   516  C CB  . PHE A 1 92  ? 13.983  -0.716  -2.660  1.00 32.45  ? 121 PHE A CB  1 
ATOM   517  C CG  . PHE A 1 92  ? 12.579  -1.025  -2.177  1.00 34.21  ? 121 PHE A CG  1 
ATOM   518  C CD1 . PHE A 1 92  ? 11.739  -0.012  -1.720  1.00 37.06  ? 121 PHE A CD1 1 
ATOM   519  C CD2 . PHE A 1 92  ? 12.095  -2.331  -2.184  1.00 37.07  ? 121 PHE A CD2 1 
ATOM   520  C CE1 . PHE A 1 92  ? 10.444  -0.301  -1.267  1.00 38.31  ? 121 PHE A CE1 1 
ATOM   521  C CE2 . PHE A 1 92  ? 10.791  -2.614  -1.761  1.00 40.40  ? 121 PHE A CE2 1 
ATOM   522  C CZ  . PHE A 1 92  ? 9.981   -1.599  -1.288  1.00 38.48  ? 121 PHE A CZ  1 
ATOM   523  N N   . THR A 1 93  ? 16.848  1.273   -2.875  1.00 33.20  ? 122 THR A N   1 
ATOM   524  C CA  . THR A 1 93  ? 18.302  1.361   -2.797  1.00 32.21  ? 122 THR A CA  1 
ATOM   525  C C   . THR A 1 93  ? 18.708  2.346   -1.679  1.00 34.35  ? 122 THR A C   1 
ATOM   526  O O   . THR A 1 93  ? 19.785  2.206   -1.077  1.00 34.23  ? 122 THR A O   1 
ATOM   527  C CB  . THR A 1 93  ? 18.828  1.755   -4.201  1.00 41.57  ? 122 THR A CB  1 
ATOM   528  O OG1 . THR A 1 93  ? 18.472  0.731   -5.142  1.00 38.33  ? 122 THR A OG1 1 
ATOM   529  C CG2 . THR A 1 93  ? 20.306  1.954   -4.229  1.00 41.83  ? 122 THR A CG2 1 
ATOM   530  N N   . SER A 1 94  ? 17.841  3.335   -1.403  1.00 28.44  ? 123 SER A N   1 
ATOM   531  C CA  . SER A 1 94  ? 18.020  4.356   -0.366  1.00 28.39  ? 123 SER A CA  1 
ATOM   532  C C   . SER A 1 94  ? 18.419  3.710   0.993   1.00 29.92  ? 123 SER A C   1 
ATOM   533  O O   . SER A 1 94  ? 17.826  2.694   1.383   1.00 26.92  ? 123 SER A O   1 
ATOM   534  C CB  . SER A 1 94  ? 16.714  5.133   -0.201  1.00 33.82  ? 123 SER A CB  1 
ATOM   535  O OG  . SER A 1 94  ? 16.717  5.946   0.960   1.00 45.33  ? 123 SER A OG  1 
ATOM   536  N N   . THR A 1 95  ? 19.409  4.302   1.693   1.00 26.07  ? 124 THR A N   1 
ATOM   537  C CA  . THR A 1 95  ? 19.874  3.788   2.988   1.00 26.54  ? 124 THR A CA  1 
ATOM   538  C C   . THR A 1 95  ? 18.815  3.985   4.090   1.00 27.84  ? 124 THR A C   1 
ATOM   539  O O   . THR A 1 95  ? 18.832  3.260   5.080   1.00 27.84  ? 124 THR A O   1 
ATOM   540  C CB  . THR A 1 95  ? 21.263  4.328   3.391   1.00 36.64  ? 124 THR A CB  1 
ATOM   541  O OG1 . THR A 1 95  ? 21.171  5.712   3.722   1.00 41.17  ? 124 THR A OG1 1 
ATOM   542  C CG2 . THR A 1 95  ? 22.342  4.060   2.347   1.00 33.60  ? 124 THR A CG2 1 
ATOM   543  N N   . THR A 1 96  ? 17.907  4.957   3.910   1.00 23.37  ? 125 THR A N   1 
ATOM   544  C CA  . THR A 1 96  ? 16.793  5.223   4.833   1.00 22.93  ? 125 THR A CA  1 
ATOM   545  C C   . THR A 1 96  ? 15.767  4.077   4.729   1.00 23.43  ? 125 THR A C   1 
ATOM   546  O O   . THR A 1 96  ? 15.306  3.578   5.753   1.00 20.81  ? 125 THR A O   1 
ATOM   547  C CB  . THR A 1 96  ? 16.205  6.631   4.612   1.00 32.54  ? 125 THR A CB  1 
ATOM   548  O OG1 . THR A 1 96  ? 15.595  6.692   3.330   1.00 38.84  ? 125 THR A OG1 1 
ATOM   549  C CG2 . THR A 1 96  ? 17.260  7.715   4.687   1.00 29.27  ? 125 THR A CG2 1 
ATOM   550  N N   . VAL A 1 97  ? 15.473  3.612   3.487   1.00 19.97  ? 126 VAL A N   1 
ATOM   551  C CA  . VAL A 1 97  ? 14.571  2.476   3.221   1.00 19.51  ? 126 VAL A CA  1 
ATOM   552  C C   . VAL A 1 97  ? 15.245  1.205   3.748   1.00 23.27  ? 126 VAL A C   1 
ATOM   553  O O   . VAL A 1 97  ? 14.582  0.379   4.381   1.00 20.75  ? 126 VAL A O   1 
ATOM   554  C CB  . VAL A 1 97  ? 14.159  2.338   1.726   1.00 21.87  ? 126 VAL A CB  1 
ATOM   555  C CG1 . VAL A 1 97  ? 13.383  1.049   1.483   1.00 21.42  ? 126 VAL A CG1 1 
ATOM   556  C CG2 . VAL A 1 97  ? 13.338  3.545   1.272   1.00 21.32  ? 126 VAL A CG2 1 
ATOM   557  N N   . LYS A 1 98  ? 16.575  1.073   3.519   1.00 20.78  ? 127 LYS A N   1 
ATOM   558  C CA  . LYS A 1 98  ? 17.337  -0.076  4.025   1.00 21.37  ? 127 LYS A CA  1 
ATOM   559  C C   . LYS A 1 98  ? 17.255  -0.153  5.556   1.00 21.66  ? 127 LYS A C   1 
ATOM   560  O O   . LYS A 1 98  ? 17.041  -1.244  6.084   1.00 21.20  ? 127 LYS A O   1 
ATOM   561  C CB  . LYS A 1 98  ? 18.814  -0.045  3.547   1.00 25.30  ? 127 LYS A CB  1 
ATOM   562  C CG  . LYS A 1 98  ? 18.988  -0.316  2.039   1.00 40.45  ? 127 LYS A CG  1 
ATOM   563  C CD  . LYS A 1 98  ? 18.687  -1.776  1.648   1.00 53.47  ? 127 LYS A CD  1 
ATOM   564  C CE  . LYS A 1 98  ? 18.843  -2.076  0.169   1.00 61.35  ? 127 LYS A CE  1 
ATOM   565  N NZ  . LYS A 1 98  ? 20.267  -2.070  -0.263  1.00 68.19  ? 127 LYS A NZ  1 
ATOM   566  N N   . ALA A 1 99  ? 17.364  0.996   6.249   1.00 18.25  ? 128 ALA A N   1 
ATOM   567  C CA  . ALA A 1 99  ? 17.255  1.034   7.719   1.00 18.51  ? 128 ALA A CA  1 
ATOM   568  C C   . ALA A 1 99  ? 15.863  0.611   8.186   1.00 21.19  ? 128 ALA A C   1 
ATOM   569  O O   . ALA A 1 99  ? 15.755  -0.170  9.143   1.00 20.40  ? 128 ALA A O   1 
ATOM   570  C CB  . ALA A 1 99  ? 17.619  2.408   8.261   1.00 18.47  ? 128 ALA A CB  1 
ATOM   571  N N   . ALA A 1 100 ? 14.792  1.079   7.489   1.00 18.12  ? 129 ALA A N   1 
ATOM   572  C CA  . ALA A 1 100 ? 13.419  0.694   7.863   1.00 16.09  ? 129 ALA A CA  1 
ATOM   573  C C   . ALA A 1 100 ? 13.255  -0.815  7.722   1.00 17.42  ? 129 ALA A C   1 
ATOM   574  O O   . ALA A 1 100 ? 12.754  -1.438  8.637   1.00 15.30  ? 129 ALA A O   1 
ATOM   575  C CB  . ALA A 1 100 ? 12.377  1.430   7.002   1.00 16.21  ? 129 ALA A CB  1 
ATOM   576  N N   . CYS A 1 101 ? 13.695  -1.410  6.593   1.00 16.47  ? 130 CYS A N   1 
ATOM   577  C CA  . CYS A 1 101 ? 13.575  -2.861  6.387   1.00 17.10  ? 130 CYS A CA  1 
ATOM   578  C C   . CYS A 1 101 ? 14.425  -3.657  7.402   1.00 19.23  ? 130 CYS A C   1 
ATOM   579  O O   . CYS A 1 101 ? 13.952  -4.675  7.907   1.00 17.93  ? 130 CYS A O   1 
ATOM   580  C CB  . CYS A 1 101 ? 13.910  -3.250  4.949   1.00 18.71  ? 130 CYS A CB  1 
ATOM   581  S SG  . CYS A 1 101 ? 12.816  -2.510  3.703   1.00 23.55  ? 130 CYS A SG  1 
ATOM   582  N N   . TRP A 1 102 ? 15.649  -3.189  7.701   1.00 17.39  ? 131 TRP A N   1 
ATOM   583  C CA  . TRP A 1 102 ? 16.528  -3.846  8.690   1.00 19.33  ? 131 TRP A CA  1 
ATOM   584  C C   . TRP A 1 102 ? 15.897  -3.774  10.095  1.00 19.55  ? 131 TRP A C   1 
ATOM   585  O O   . TRP A 1 102 ? 15.849  -4.770  10.795  1.00 18.22  ? 131 TRP A O   1 
ATOM   586  C CB  . TRP A 1 102 ? 17.915  -3.180  8.716   1.00 19.34  ? 131 TRP A CB  1 
ATOM   587  C CG  . TRP A 1 102 ? 18.708  -3.489  9.963   1.00 21.57  ? 131 TRP A CG  1 
ATOM   588  C CD1 . TRP A 1 102 ? 19.445  -4.612  10.201  1.00 24.48  ? 131 TRP A CD1 1 
ATOM   589  C CD2 . TRP A 1 102 ? 18.838  -2.666  11.139  1.00 21.52  ? 131 TRP A CD2 1 
ATOM   590  N NE1 . TRP A 1 102 ? 20.020  -4.544  11.449  1.00 24.31  ? 131 TRP A NE1 1 
ATOM   591  C CE2 . TRP A 1 102 ? 19.658  -3.367  12.051  1.00 25.73  ? 131 TRP A CE2 1 
ATOM   592  C CE3 . TRP A 1 102 ? 18.319  -1.414  11.520  1.00 22.48  ? 131 TRP A CE3 1 
ATOM   593  C CZ2 . TRP A 1 102 ? 19.998  -2.847  13.312  1.00 24.84  ? 131 TRP A CZ2 1 
ATOM   594  C CZ3 . TRP A 1 102 ? 18.597  -0.935  12.793  1.00 24.24  ? 131 TRP A CZ3 1 
ATOM   595  C CH2 . TRP A 1 102 ? 19.444  -1.636  13.667  1.00 25.03  ? 131 TRP A CH2 1 
ATOM   596  N N   . TRP A 1 103 ? 15.395  -2.604  10.490  1.00 16.69  ? 132 TRP A N   1 
ATOM   597  C CA  . TRP A 1 103 ? 14.828  -2.466  11.828  1.00 15.97  ? 132 TRP A CA  1 
ATOM   598  C C   . TRP A 1 103 ? 13.558  -3.298  12.005  1.00 19.20  ? 132 TRP A C   1 
ATOM   599  O O   . TRP A 1 103 ? 13.400  -3.976  13.027  1.00 16.36  ? 132 TRP A O   1 
ATOM   600  C CB  . TRP A 1 103 ? 14.627  -0.990  12.206  1.00 14.45  ? 132 TRP A CB  1 
ATOM   601  C CG  . TRP A 1 103 ? 14.359  -0.822  13.668  1.00 15.13  ? 132 TRP A CG  1 
ATOM   602  C CD1 . TRP A 1 103 ? 15.282  -0.627  14.658  1.00 17.83  ? 132 TRP A CD1 1 
ATOM   603  C CD2 . TRP A 1 103 ? 13.085  -0.926  14.317  1.00 14.89  ? 132 TRP A CD2 1 
ATOM   604  N NE1 . TRP A 1 103 ? 14.650  -0.554  15.881  1.00 17.90  ? 132 TRP A NE1 1 
ATOM   605  C CE2 . TRP A 1 103 ? 13.302  -0.741  15.701  1.00 18.98  ? 132 TRP A CE2 1 
ATOM   606  C CE3 . TRP A 1 103 ? 11.768  -1.125  13.855  1.00 15.81  ? 132 TRP A CE3 1 
ATOM   607  C CZ2 . TRP A 1 103 ? 12.262  -0.804  16.633  1.00 17.96  ? 132 TRP A CZ2 1 
ATOM   608  C CZ3 . TRP A 1 103 ? 10.735  -1.158  14.774  1.00 17.14  ? 132 TRP A CZ3 1 
ATOM   609  C CH2 . TRP A 1 103 ? 10.985  -1.018  16.148  1.00 18.18  ? 132 TRP A CH2 1 
ATOM   610  N N   . ALA A 1 104 ? 12.690  -3.293  10.991  1.00 16.54  ? 133 ALA A N   1 
ATOM   611  C CA  . ALA A 1 104 ? 11.441  -4.045  11.055  1.00 17.91  ? 133 ALA A CA  1 
ATOM   612  C C   . ALA A 1 104 ? 11.569  -5.531  10.667  1.00 22.10  ? 133 ALA A C   1 
ATOM   613  O O   . ALA A 1 104 ? 10.608  -6.283  10.834  1.00 22.14  ? 133 ALA A O   1 
ATOM   614  C CB  . ALA A 1 104 ? 10.378  -3.340  10.213  1.00 18.84  ? 133 ALA A CB  1 
ATOM   615  N N   . GLY A 1 105 ? 12.758  -5.957  10.222  1.00 19.35  ? 134 GLY A N   1 
ATOM   616  C CA  . GLY A 1 105 ? 12.984  -7.348  9.818   1.00 18.72  ? 134 GLY A CA  1 
ATOM   617  C C   . GLY A 1 105 ? 12.219  -7.726  8.559   1.00 23.10  ? 134 GLY A C   1 
ATOM   618  O O   . GLY A 1 105 ? 11.703  -8.842  8.449   1.00 24.01  ? 134 GLY A O   1 
ATOM   619  N N   . ILE A 1 106 ? 12.159  -6.794  7.584   1.00 18.55  ? 135 ILE A N   1 
ATOM   620  C CA  . ILE A 1 106 ? 11.508  -6.986  6.302   1.00 18.50  ? 135 ILE A CA  1 
ATOM   621  C C   . ILE A 1 106 ? 12.582  -7.400  5.279   1.00 24.85  ? 135 ILE A C   1 
ATOM   622  O O   . ILE A 1 106 ? 13.624  -6.760  5.188   1.00 23.49  ? 135 ILE A O   1 
ATOM   623  C CB  . ILE A 1 106 ? 10.801  -5.675  5.831   1.00 21.17  ? 135 ILE A CB  1 
ATOM   624  C CG1 . ILE A 1 106 ? 9.789   -5.128  6.858   1.00 20.03  ? 135 ILE A CG1 1 
ATOM   625  C CG2 . ILE A 1 106 ? 10.143  -5.872  4.459   1.00 22.97  ? 135 ILE A CG2 1 
ATOM   626  C CD1 . ILE A 1 106 ? 9.478   -3.625  6.647   1.00 16.89  ? 135 ILE A CD1 1 
ATOM   627  N N   . LYS A 1 107 ? 12.291  -8.411  4.472   1.00 25.14  ? 136 LYS A N   1 
ATOM   628  C CA  . LYS A 1 107 ? 13.168  -8.813  3.373   1.00 26.42  ? 136 LYS A CA  1 
ATOM   629  C C   . LYS A 1 107 ? 12.755  -8.024  2.108   1.00 32.21  ? 136 LYS A C   1 
ATOM   630  O O   . LYS A 1 107 ? 11.584  -8.047  1.718   1.00 29.39  ? 136 LYS A O   1 
ATOM   631  C CB  . LYS A 1 107 ? 13.020  -10.315 3.108   1.00 29.81  ? 136 LYS A CB  1 
ATOM   632  C CG  . LYS A 1 107 ? 13.605  -11.202 4.207   1.00 49.67  ? 136 LYS A CG  1 
ATOM   633  C CD  . LYS A 1 107 ? 12.971  -12.594 4.240   1.00 64.28  ? 136 LYS A CD  1 
ATOM   634  C CE  . LYS A 1 107 ? 13.618  -13.590 3.303   1.00 74.95  ? 136 LYS A CE  1 
ATOM   635  N NZ  . LYS A 1 107 ? 13.039  -14.952 3.468   1.00 84.45  ? 136 LYS A NZ  1 
ATOM   636  N N   . GLN A 1 108 ? 13.699  -7.312  1.475   1.00 32.21  ? 137 GLN A N   1 
ATOM   637  C CA  . GLN A 1 108 ? 13.416  -6.629  0.201   1.00 33.70  ? 137 GLN A CA  1 
ATOM   638  C C   . GLN A 1 108 ? 13.554  -7.681  -0.904  1.00 41.41  ? 137 GLN A C   1 
ATOM   639  O O   . GLN A 1 108 ? 14.553  -8.414  -0.918  1.00 41.14  ? 137 GLN A O   1 
ATOM   640  C CB  . GLN A 1 108 ? 14.427  -5.503  -0.058  1.00 35.00  ? 137 GLN A CB  1 
ATOM   641  C CG  . GLN A 1 108 ? 14.112  -4.169  0.602   1.00 38.98  ? 137 GLN A CG  1 
ATOM   642  C CD  . GLN A 1 108 ? 15.026  -3.065  0.105   1.00 57.35  ? 137 GLN A CD  1 
ATOM   643  O OE1 . GLN A 1 108 ? 15.687  -3.171  -0.940  1.00 55.27  ? 137 GLN A OE1 1 
ATOM   644  N NE2 . GLN A 1 108 ? 15.076  -1.965  0.833   1.00 46.00  ? 137 GLN A NE2 1 
ATOM   645  N N   . GLU A 1 109 ? 12.552  -7.814  -1.786  1.00 40.78  ? 138 GLU A N   1 
ATOM   646  C CA  . GLU A 1 109 ? 12.649  -8.786  -2.875  1.00 43.01  ? 138 GLU A CA  1 
ATOM   647  C C   . GLU A 1 109 ? 12.504  -8.116  -4.241  1.00 51.63  ? 138 GLU A C   1 
ATOM   648  O O   . GLU A 1 109 ? 11.579  -7.332  -4.432  1.00 52.15  ? 138 GLU A O   1 
ATOM   649  C CB  . GLU A 1 109 ? 11.697  -9.974  -2.690  1.00 44.66  ? 138 GLU A CB  1 
ATOM   650  C CG  . GLU A 1 109 ? 12.187  -10.980 -1.658  1.00 59.25  ? 138 GLU A CG  1 
ATOM   651  C CD  . GLU A 1 109 ? 12.877  -12.216 -2.201  1.00 94.12  ? 138 GLU A CD  1 
ATOM   652  O OE1 . GLU A 1 109 ? 14.122  -12.193 -2.340  1.00 93.94  ? 138 GLU A OE1 1 
ATOM   653  O OE2 . GLU A 1 109 ? 12.172  -13.215 -2.469  1.00 97.50  ? 138 GLU A OE2 1 
ATOM   654  N N   . ASP A 1 110 ? 13.451  -8.394  -5.170  1.00 50.57  ? 139 ASP A N   1 
ATOM   655  C CA  . ASP A 1 110 ? 13.508  -7.808  -6.523  1.00 51.64  ? 139 ASP A CA  1 
ATOM   656  C C   . ASP A 1 110 ? 12.377  -8.263  -7.437  1.00 56.78  ? 139 ASP A C   1 
ATOM   657  O O   . ASP A 1 110 ? 11.958  -9.420  -7.373  1.00 56.35  ? 139 ASP A O   1 
ATOM   658  C CB  . ASP A 1 110 ? 14.876  -8.055  -7.185  1.00 53.92  ? 139 ASP A CB  1 
ATOM   659  C CG  . ASP A 1 110 ? 16.081  -7.447  -6.475  1.00 67.82  ? 139 ASP A CG  1 
ATOM   660  O OD1 . ASP A 1 110 ? 15.883  -6.700  -5.479  1.00 67.85  ? 139 ASP A OD1 1 
ATOM   661  O OD2 . ASP A 1 110 ? 17.221  -7.713  -6.914  1.00 76.54  ? 139 ASP A OD2 1 
ATOM   662  N N   . GLY A 1 111 ? 11.915  -7.347  -8.287  1.00 53.95  ? 140 GLY A N   1 
ATOM   663  C CA  . GLY A 1 111 ? 10.816  -7.586  -9.212  1.00 54.39  ? 140 GLY A CA  1 
ATOM   664  C C   . GLY A 1 111 ? 9.466   -7.396  -8.546  1.00 60.37  ? 140 GLY A C   1 
ATOM   665  O O   . GLY A 1 111 ? 9.396   -6.936  -7.401  1.00 59.58  ? 140 GLY A O   1 
ATOM   666  N N   . ILE A 1 112 ? 8.377   -7.743  -9.260  1.00 58.36  ? 141 ILE A N   1 
ATOM   667  C CA  . ILE A 1 112 ? 7.012   -7.610  -8.736  1.00 93.24  ? 141 ILE A CA  1 
ATOM   668  C C   . ILE A 1 112 ? 6.344   -8.981  -8.534  1.00 121.40 ? 141 ILE A C   1 
ATOM   669  O O   . ILE A 1 112 ? 6.912   -10.014 -8.887  1.00 83.16  ? 141 ILE A O   1 
ATOM   670  C CB  . ILE A 1 112 ? 6.130   -6.625  -9.569  1.00 96.38  ? 141 ILE A CB  1 
ATOM   671  C CG1 . ILE A 1 112 ? 5.785   -7.170  -10.971 1.00 96.90  ? 141 ILE A CG1 1 
ATOM   672  C CG2 . ILE A 1 112 ? 6.755   -5.229  -9.648  1.00 96.84  ? 141 ILE A CG2 1 
ATOM   673  C CD1 . ILE A 1 112 ? 4.318   -7.506  -11.140 1.00 104.65 ? 141 ILE A CD1 1 
ATOM   674  N N   . VAL A 1 121 ? -1.507  -5.715  -13.338 1.00 71.43  ? 150 VAL A N   1 
ATOM   675  C CA  . VAL A 1 121 ? -1.990  -5.882  -11.964 1.00 71.34  ? 150 VAL A CA  1 
ATOM   676  C C   . VAL A 1 121 ? -1.918  -4.528  -11.231 1.00 74.27  ? 150 VAL A C   1 
ATOM   677  O O   . VAL A 1 121 ? -2.961  -3.990  -10.844 1.00 74.18  ? 150 VAL A O   1 
ATOM   678  C CB  . VAL A 1 121 ? -1.248  -7.017  -11.185 1.00 75.48  ? 150 VAL A CB  1 
ATOM   679  C CG1 . VAL A 1 121 ? -1.823  -7.192  -9.779  1.00 75.41  ? 150 VAL A CG1 1 
ATOM   680  C CG2 . VAL A 1 121 ? -1.284  -8.343  -11.948 1.00 75.24  ? 150 VAL A CG2 1 
ATOM   681  N N   . ILE A 1 122 ? -0.684  -3.991  -11.062 1.00 69.36  ? 151 ILE A N   1 
ATOM   682  C CA  . ILE A 1 122 ? -0.367  -2.709  -10.413 1.00 68.23  ? 151 ILE A CA  1 
ATOM   683  C C   . ILE A 1 122 ? -1.096  -1.570  -11.138 1.00 68.09  ? 151 ILE A C   1 
ATOM   684  O O   . ILE A 1 122 ? -1.722  -0.738  -10.481 1.00 66.87  ? 151 ILE A O   1 
ATOM   685  C CB  . ILE A 1 122 ? 1.182   -2.484  -10.332 1.00 71.67  ? 151 ILE A CB  1 
ATOM   686  C CG1 . ILE A 1 122 ? 1.859   -3.556  -9.451  1.00 72.45  ? 151 ILE A CG1 1 
ATOM   687  C CG2 . ILE A 1 122 ? 1.545   -1.072  -9.837  1.00 72.65  ? 151 ILE A CG2 1 
ATOM   688  C CD1 . ILE A 1 122 ? 3.210   -4.018  -9.959  1.00 80.94  ? 151 ILE A CD1 1 
ATOM   689  N N   . GLU A 1 123 ? -1.045  -1.569  -12.490 1.00 62.44  ? 152 GLU A N   1 
ATOM   690  C CA  . GLU A 1 123 ? -1.710  -0.575  -13.337 1.00 60.88  ? 152 GLU A CA  1 
ATOM   691  C C   . GLU A 1 123 ? -3.224  -0.608  -13.101 1.00 61.37  ? 152 GLU A C   1 
ATOM   692  O O   . GLU A 1 123 ? -3.834  0.452   -12.969 1.00 59.74  ? 152 GLU A O   1 
ATOM   693  C CB  . GLU A 1 123 ? -1.381  -0.806  -14.822 1.00 62.15  ? 152 GLU A CB  1 
ATOM   694  N N   . SER A 1 124 ? -3.803  -1.827  -12.996 1.00 56.72  ? 153 SER A N   1 
ATOM   695  C CA  . SER A 1 124 ? -5.226  -2.067  -12.744 1.00 56.11  ? 153 SER A CA  1 
ATOM   696  C C   . SER A 1 124 ? -5.650  -1.609  -11.345 1.00 57.40  ? 153 SER A C   1 
ATOM   697  O O   . SER A 1 124 ? -6.740  -1.051  -11.204 1.00 56.85  ? 153 SER A O   1 
ATOM   698  C CB  . SER A 1 124 ? -5.578  -3.536  -12.962 1.00 60.30  ? 153 SER A CB  1 
ATOM   699  O OG  . SER A 1 124 ? -5.687  -3.825  -14.345 1.00 70.44  ? 153 SER A OG  1 
ATOM   700  N N   . MET A 1 125 ? -4.788  -1.826  -10.319 1.00 51.65  ? 154 MET A N   1 
ATOM   701  C CA  . MET A 1 125 ? -5.048  -1.379  -8.941  1.00 50.14  ? 154 MET A CA  1 
ATOM   702  C C   . MET A 1 125 ? -5.031  0.154   -8.929  1.00 49.27  ? 154 MET A C   1 
ATOM   703  O O   . MET A 1 125 ? -5.952  0.767   -8.396  1.00 47.31  ? 154 MET A O   1 
ATOM   704  C CB  . MET A 1 125 ? -4.031  -1.985  -7.947  1.00 52.75  ? 154 MET A CB  1 
ATOM   705  C CG  . MET A 1 125 ? -4.270  -1.617  -6.472  1.00 57.02  ? 154 MET A CG  1 
ATOM   706  S SD  . MET A 1 125 ? -5.913  -2.025  -5.801  1.00 62.33  ? 154 MET A SD  1 
ATOM   707  C CE  . MET A 1 125 ? -5.796  -3.841  -5.670  1.00 58.83  ? 154 MET A CE  1 
ATOM   708  N N   . ASN A 1 126 ? -4.033  0.762   -9.597  1.00 45.11  ? 155 ASN A N   1 
ATOM   709  C CA  . ASN A 1 126 ? -3.902  2.219   -9.719  1.00 44.75  ? 155 ASN A CA  1 
ATOM   710  C C   . ASN A 1 126 ? -5.063  2.825   -10.495 1.00 47.56  ? 155 ASN A C   1 
ATOM   711  O O   . ASN A 1 126 ? -5.507  3.918   -10.152 1.00 46.36  ? 155 ASN A O   1 
ATOM   712  C CB  . ASN A 1 126 ? -2.556  2.612   -10.345 1.00 44.05  ? 155 ASN A CB  1 
ATOM   713  C CG  . ASN A 1 126 ? -1.344  2.322   -9.484  1.00 59.19  ? 155 ASN A CG  1 
ATOM   714  O OD1 . ASN A 1 126 ? -0.201  2.443   -9.940  1.00 48.16  ? 155 ASN A OD1 1 
ATOM   715  N ND2 . ASN A 1 126 ? -1.556  1.926   -8.227  1.00 50.10  ? 155 ASN A ND2 1 
ATOM   716  N N   . LYS A 1 127 ? -5.569  2.100   -11.514 1.00 44.63  ? 156 LYS A N   1 
ATOM   717  C CA  . LYS A 1 127 ? -6.719  2.504   -12.327 1.00 44.52  ? 156 LYS A CA  1 
ATOM   718  C C   . LYS A 1 127 ? -8.000  2.430   -11.473 1.00 46.18  ? 156 LYS A C   1 
ATOM   719  O O   . LYS A 1 127 ? -8.764  3.393   -11.472 1.00 45.47  ? 156 LYS A O   1 
ATOM   720  C CB  . LYS A 1 127 ? -6.855  1.621   -13.587 1.00 47.57  ? 156 LYS A CB  1 
ATOM   721  N N   . GLU A 1 128 ? -8.208  1.308   -10.734 1.00 40.53  ? 157 GLU A N   1 
ATOM   722  C CA  . GLU A 1 128 ? -9.361  1.105   -9.850  1.00 39.98  ? 157 GLU A CA  1 
ATOM   723  C C   . GLU A 1 128 ? -9.362  2.133   -8.699  1.00 41.22  ? 157 GLU A C   1 
ATOM   724  O O   . GLU A 1 128 ? -10.415 2.683   -8.383  1.00 41.02  ? 157 GLU A O   1 
ATOM   725  C CB  . GLU A 1 128 ? -9.362  -0.324  -9.276  1.00 41.93  ? 157 GLU A CB  1 
ATOM   726  C CG  . GLU A 1 128 ? -10.708 -0.753  -8.709  1.00 57.65  ? 157 GLU A CG  1 
ATOM   727  C CD  . GLU A 1 128 ? -10.695 -1.942  -7.765  1.00 90.84  ? 157 GLU A CD  1 
ATOM   728  O OE1 . GLU A 1 128 ? -9.875  -2.868  -7.967  1.00 92.36  ? 157 GLU A OE1 1 
ATOM   729  O OE2 . GLU A 1 128 ? -11.526 -1.954  -6.828  1.00 90.01  ? 157 GLU A OE2 1 
ATOM   730  N N   . LEU A 1 129 ? -8.184  2.404   -8.099  1.00 34.69  ? 158 LEU A N   1 
ATOM   731  C CA  . LEU A 1 129 ? -8.076  3.365   -7.011  1.00 33.65  ? 158 LEU A CA  1 
ATOM   732  C C   . LEU A 1 129 ? -8.377  4.758   -7.507  1.00 35.15  ? 158 LEU A C   1 
ATOM   733  O O   . LEU A 1 129 ? -9.149  5.448   -6.855  1.00 34.20  ? 158 LEU A O   1 
ATOM   734  C CB  . LEU A 1 129 ? -6.708  3.286   -6.295  1.00 34.14  ? 158 LEU A CB  1 
ATOM   735  C CG  . LEU A 1 129 ? -6.550  4.080   -4.981  1.00 38.64  ? 158 LEU A CG  1 
ATOM   736  C CD1 . LEU A 1 129 ? -7.484  3.554   -3.883  1.00 38.62  ? 158 LEU A CD1 1 
ATOM   737  C CD2 . LEU A 1 129 ? -5.123  4.031   -4.494  1.00 40.79  ? 158 LEU A CD2 1 
ATOM   738  N N   . LYS A 1 130 ? -7.834  5.157   -8.695  1.00 30.87  ? 159 LYS A N   1 
ATOM   739  C CA  . LYS A 1 130 ? -8.107  6.476   -9.290  1.00 30.55  ? 159 LYS A CA  1 
ATOM   740  C C   . LYS A 1 130 ? -9.565  6.570   -9.713  1.00 32.95  ? 159 LYS A C   1 
ATOM   741  O O   . LYS A 1 130 ? -10.150 7.659   -9.665  1.00 31.90  ? 159 LYS A O   1 
ATOM   742  C CB  . LYS A 1 130 ? -7.215  6.730   -10.514 1.00 34.16  ? 159 LYS A CB  1 
ATOM   743  C CG  . LYS A 1 130 ? -5.829  7.247   -10.179 1.00 42.78  ? 159 LYS A CG  1 
ATOM   744  C CD  . LYS A 1 130 ? -4.949  7.213   -11.411 1.00 45.48  ? 159 LYS A CD  1 
ATOM   745  C CE  . LYS A 1 130 ? -3.618  7.857   -11.159 1.00 48.87  ? 159 LYS A CE  1 
ATOM   746  N NZ  . LYS A 1 130 ? -2.653  7.528   -12.239 1.00 53.98  ? 159 LYS A NZ  1 
ATOM   747  N N   . LYS A 1 131 ? -10.145 5.427   -10.142 1.00 30.26  ? 160 LYS A N   1 
ATOM   748  C CA  . LYS A 1 131 ? -11.554 5.357   -10.520 1.00 30.72  ? 160 LYS A CA  1 
ATOM   749  C C   . LYS A 1 131 ? -12.355 5.682   -9.262  1.00 32.39  ? 160 LYS A C   1 
ATOM   750  O O   . LYS A 1 131 ? -13.132 6.630   -9.292  1.00 32.18  ? 160 LYS A O   1 
ATOM   751  C CB  . LYS A 1 131 ? -11.947 3.969   -11.068 1.00 33.19  ? 160 LYS A CB  1 
ATOM   752  C CG  . LYS A 1 131 ? -13.285 3.997   -11.813 1.00 47.17  ? 160 LYS A CG  1 
ATOM   753  C CD  . LYS A 1 131 ? -13.950 2.638   -11.917 1.00 55.68  ? 160 LYS A CD  1 
ATOM   754  C CE  . LYS A 1 131 ? -15.302 2.768   -12.579 1.00 72.72  ? 160 LYS A CE  1 
ATOM   755  N NZ  . LYS A 1 131 ? -16.020 1.467   -12.652 1.00 84.87  ? 160 LYS A NZ  1 
ATOM   756  N N   . ILE A 1 132 ? -12.095 4.969   -8.137  1.00 28.23  ? 161 ILE A N   1 
ATOM   757  C CA  . ILE A 1 132 ? -12.803 5.270   -6.884  1.00 27.63  ? 161 ILE A CA  1 
ATOM   758  C C   . ILE A 1 132 ? -12.564 6.733   -6.461  1.00 31.09  ? 161 ILE A C   1 
ATOM   759  O O   . ILE A 1 132 ? -13.537 7.426   -6.158  1.00 32.54  ? 161 ILE A O   1 
ATOM   760  C CB  . ILE A 1 132 ? -12.556 4.263   -5.732  1.00 30.28  ? 161 ILE A CB  1 
ATOM   761  C CG1 . ILE A 1 132 ? -12.909 2.808   -6.157  1.00 29.29  ? 161 ILE A CG1 1 
ATOM   762  C CG2 . ILE A 1 132 ? -13.370 4.686   -4.492  1.00 30.22  ? 161 ILE A CG2 1 
ATOM   763  C CD1 . ILE A 1 132 ? -12.268 1.700   -5.296  1.00 36.99  ? 161 ILE A CD1 1 
ATOM   764  N N   . ILE A 1 133 ? -11.303 7.219   -6.511  1.00 26.50  ? 162 ILE A N   1 
ATOM   765  C CA  . ILE A 1 133 ? -10.960 8.603   -6.128  1.00 27.14  ? 162 ILE A CA  1 
ATOM   766  C C   . ILE A 1 133 ? -11.801 9.654   -6.910  1.00 33.61  ? 162 ILE A C   1 
ATOM   767  O O   . ILE A 1 133 ? -12.406 10.529  -6.281  1.00 33.23  ? 162 ILE A O   1 
ATOM   768  C CB  . ILE A 1 133 ? -9.418  8.898   -6.185  1.00 29.69  ? 162 ILE A CB  1 
ATOM   769  C CG1 . ILE A 1 133 ? -8.650  8.027   -5.150  1.00 29.37  ? 162 ILE A CG1 1 
ATOM   770  C CG2 . ILE A 1 133 ? -9.141  10.388  -5.929  1.00 29.79  ? 162 ILE A CG2 1 
ATOM   771  C CD1 . ILE A 1 133 ? -7.142  7.880   -5.373  1.00 28.29  ? 162 ILE A CD1 1 
ATOM   772  N N   . GLY A 1 134 ? -11.850 9.542   -8.241  1.00 32.09  ? 163 GLY A N   1 
ATOM   773  C CA  . GLY A 1 134 ? -12.611 10.453  -9.101  1.00 32.09  ? 163 GLY A CA  1 
ATOM   774  C C   . GLY A 1 134 ? -14.091 10.517  -8.777  1.00 38.09  ? 163 GLY A C   1 
ATOM   775  O O   . GLY A 1 134 ? -14.690 11.595  -8.795  1.00 38.18  ? 163 GLY A O   1 
ATOM   776  N N   . GLN A 1 135 ? -14.670 9.359   -8.423  1.00 35.53  ? 164 GLN A N   1 
ATOM   777  C CA  . GLN A 1 135 ? -16.074 9.196   -8.047  1.00 35.39  ? 164 GLN A CA  1 
ATOM   778  C C   . GLN A 1 135 ? -16.431 9.934   -6.749  1.00 40.98  ? 164 GLN A C   1 
ATOM   779  O O   . GLN A 1 135 ? -17.573 10.365  -6.599  1.00 42.19  ? 164 GLN A O   1 
ATOM   780  C CB  . GLN A 1 135 ? -16.409 7.696   -7.906  1.00 36.27  ? 164 GLN A CB  1 
ATOM   781  C CG  . GLN A 1 135 ? -16.512 6.969   -9.244  1.00 46.05  ? 164 GLN A CG  1 
ATOM   782  C CD  . GLN A 1 135 ? -16.646 5.466   -9.129  1.00 64.04  ? 164 GLN A CD  1 
ATOM   783  O OE1 . GLN A 1 135 ? -16.353 4.847   -8.097  1.00 62.79  ? 164 GLN A OE1 1 
ATOM   784  N NE2 . GLN A 1 135 ? -17.068 4.837   -10.210 1.00 50.87  ? 164 GLN A NE2 1 
ATOM   785  N N   . VAL A 1 136 ? -15.456 10.072  -5.814  1.00 35.37  ? 165 VAL A N   1 
ATOM   786  C CA  . VAL A 1 136 ? -15.667 10.698  -4.506  1.00 33.30  ? 165 VAL A CA  1 
ATOM   787  C C   . VAL A 1 136 ? -15.035 12.072  -4.372  1.00 35.86  ? 165 VAL A C   1 
ATOM   788  O O   . VAL A 1 136 ? -15.337 12.754  -3.403  1.00 34.79  ? 165 VAL A O   1 
ATOM   789  C CB  . VAL A 1 136 ? -15.207 9.764   -3.336  1.00 36.13  ? 165 VAL A CB  1 
ATOM   790  C CG1 . VAL A 1 136 ? -15.768 8.362   -3.502  1.00 35.97  ? 165 VAL A CG1 1 
ATOM   791  C CG2 . VAL A 1 136 ? -13.679 9.714   -3.202  1.00 35.38  ? 165 VAL A CG2 1 
ATOM   792  N N   . ARG A 1 137 ? -14.136 12.460  -5.302  1.00 33.41  ? 166 ARG A N   1 
ATOM   793  C CA  . ARG A 1 137 ? -13.323 13.679  -5.256  1.00 34.32  ? 166 ARG A CA  1 
ATOM   794  C C   . ARG A 1 137 ? -14.088 14.937  -4.857  1.00 41.59  ? 166 ARG A C   1 
ATOM   795  O O   . ARG A 1 137 ? -13.579 15.696  -4.028  1.00 40.94  ? 166 ARG A O   1 
ATOM   796  C CB  . ARG A 1 137 ? -12.533 13.904  -6.568  1.00 33.45  ? 166 ARG A CB  1 
ATOM   797  C CG  . ARG A 1 137 ? -11.391 14.939  -6.468  1.00 39.04  ? 166 ARG A CG  1 
ATOM   798  C CD  . ARG A 1 137 ? -10.356 14.595  -5.402  1.00 35.66  ? 166 ARG A CD  1 
ATOM   799  N NE  . ARG A 1 137 ? -9.412  15.685  -5.138  1.00 29.19  ? 166 ARG A NE  1 
ATOM   800  C CZ  . ARG A 1 137 ? -9.614  16.676  -4.274  1.00 40.35  ? 166 ARG A CZ  1 
ATOM   801  N NH1 . ARG A 1 137 ? -8.686  17.601  -4.091  1.00 30.93  ? 166 ARG A NH1 1 
ATOM   802  N NH2 . ARG A 1 137 ? -10.747 16.751  -3.589  1.00 29.94  ? 166 ARG A NH2 1 
ATOM   803  N N   . ASP A 1 138 ? -15.310 15.125  -5.397  1.00 40.50  ? 167 ASP A N   1 
ATOM   804  C CA  . ASP A 1 138 ? -16.175 16.282  -5.144  1.00 40.75  ? 167 ASP A CA  1 
ATOM   805  C C   . ASP A 1 138 ? -16.689 16.363  -3.701  1.00 41.59  ? 167 ASP A C   1 
ATOM   806  O O   . ASP A 1 138 ? -17.036 17.453  -3.237  1.00 40.94  ? 167 ASP A O   1 
ATOM   807  C CB  . ASP A 1 138 ? -17.347 16.321  -6.164  1.00 43.67  ? 167 ASP A CB  1 
ATOM   808  C CG  . ASP A 1 138 ? -18.341 15.165  -6.071  1.00 61.87  ? 167 ASP A CG  1 
ATOM   809  O OD1 . ASP A 1 138 ? -19.532 15.426  -5.779  1.00 63.64  ? 167 ASP A OD1 1 
ATOM   810  O OD2 . ASP A 1 138 ? -17.931 14.002  -6.304  1.00 70.14  ? 167 ASP A OD2 1 
ATOM   811  N N   . GLN A 1 139 ? -16.717 15.220  -2.987  1.00 36.14  ? 168 GLN A N   1 
ATOM   812  C CA  . GLN A 1 139 ? -17.193 15.145  -1.601  1.00 34.25  ? 168 GLN A CA  1 
ATOM   813  C C   . GLN A 1 139 ? -16.203 15.723  -0.594  1.00 34.44  ? 168 GLN A C   1 
ATOM   814  O O   . GLN A 1 139 ? -16.554 15.914  0.571   1.00 32.40  ? 168 GLN A O   1 
ATOM   815  C CB  . GLN A 1 139 ? -17.536 13.701  -1.222  1.00 35.65  ? 168 GLN A CB  1 
ATOM   816  C CG  . GLN A 1 139 ? -18.651 13.068  -2.042  1.00 51.74  ? 168 GLN A CG  1 
ATOM   817  C CD  . GLN A 1 139 ? -19.045 11.728  -1.467  1.00 68.06  ? 168 GLN A CD  1 
ATOM   818  O OE1 . GLN A 1 139 ? -19.281 11.571  -0.253  1.00 62.85  ? 168 GLN A OE1 1 
ATOM   819  N NE2 . GLN A 1 139 ? -19.127 10.732  -2.331  1.00 56.35  ? 168 GLN A NE2 1 
ATOM   820  N N   . ALA A 1 140 ? -14.962 15.974  -1.014  1.00 31.73  ? 169 ALA A N   1 
ATOM   821  C CA  . ALA A 1 140 ? -13.950 16.496  -0.092  1.00 31.14  ? 169 ALA A CA  1 
ATOM   822  C C   . ALA A 1 140 ? -13.115 17.586  -0.705  1.00 32.35  ? 169 ALA A C   1 
ATOM   823  O O   . ALA A 1 140 ? -12.884 17.574  -1.909  1.00 31.41  ? 169 ALA A O   1 
ATOM   824  C CB  . ALA A 1 140 ? -13.041 15.365  0.369   1.00 31.78  ? 169 ALA A CB  1 
ATOM   825  N N   . GLU A 1 141 ? -12.600 18.488  0.140   1.00 28.54  ? 170 GLU A N   1 
ATOM   826  C CA  . GLU A 1 141 ? -11.688 19.548  -0.268  1.00 28.07  ? 170 GLU A CA  1 
ATOM   827  C C   . GLU A 1 141 ? -10.309 18.935  -0.574  1.00 32.44  ? 170 GLU A C   1 
ATOM   828  O O   . GLU A 1 141 ? -9.798  19.097  -1.686  1.00 34.00  ? 170 GLU A O   1 
ATOM   829  C CB  . GLU A 1 141 ? -11.562 20.611  0.846   1.00 29.17  ? 170 GLU A CB  1 
ATOM   830  C CG  . GLU A 1 141 ? -10.562 21.716  0.509   1.00 38.91  ? 170 GLU A CG  1 
ATOM   831  C CD  . GLU A 1 141 ? -10.126 22.650  1.619   1.00 55.58  ? 170 GLU A CD  1 
ATOM   832  O OE1 . GLU A 1 141 ? -10.786 22.690  2.681   1.00 42.77  ? 170 GLU A OE1 1 
ATOM   833  O OE2 . GLU A 1 141 ? -9.113  23.356  1.416   1.00 55.83  ? 170 GLU A OE2 1 
ATOM   834  N N   . HIS A 1 142 ? -9.721  18.208  0.403   1.00 26.54  ? 171 HIS A N   1 
ATOM   835  C CA  . HIS A 1 142 ? -8.358  17.654  0.271   1.00 24.74  ? 171 HIS A CA  1 
ATOM   836  C C   . HIS A 1 142 ? -8.292  16.343  -0.445  1.00 25.54  ? 171 HIS A C   1 
ATOM   837  O O   . HIS A 1 142 ? -9.134  15.463  -0.216  1.00 24.12  ? 171 HIS A O   1 
ATOM   838  C CB  . HIS A 1 142 ? -7.672  17.531  1.636   1.00 24.58  ? 171 HIS A CB  1 
ATOM   839  C CG  . HIS A 1 142 ? -7.721  18.779  2.454   0.80 27.34  ? 171 HIS A CG  1 
ATOM   840  N ND1 . HIS A 1 142 ? -7.039  19.915  2.076   0.80 28.78  ? 171 HIS A ND1 1 
ATOM   841  C CD2 . HIS A 1 142 ? -8.351  19.017  3.624   0.80 28.04  ? 171 HIS A CD2 1 
ATOM   842  C CE1 . HIS A 1 142 ? -7.294  20.809  3.011   0.80 27.39  ? 171 HIS A CE1 1 
ATOM   843  N NE2 . HIS A 1 142 ? -8.091  20.318  3.953   0.80 27.45  ? 171 HIS A NE2 1 
ATOM   844  N N   . LEU A 1 143 ? -7.247  16.178  -1.279  1.00 21.00  ? 172 LEU A N   1 
ATOM   845  C CA  . LEU A 1 143 ? -7.019  14.935  -2.009  1.00 21.21  ? 172 LEU A CA  1 
ATOM   846  C C   . LEU A 1 143 ? -6.846  13.758  -1.022  1.00 22.14  ? 172 LEU A C   1 
ATOM   847  O O   . LEU A 1 143 ? -7.371  12.674  -1.276  1.00 21.18  ? 172 LEU A O   1 
ATOM   848  C CB  . LEU A 1 143 ? -5.783  15.046  -2.925  1.00 21.54  ? 172 LEU A CB  1 
ATOM   849  C CG  . LEU A 1 143 ? -5.351  13.754  -3.657  1.00 26.39  ? 172 LEU A CG  1 
ATOM   850  C CD1 . LEU A 1 143 ? -6.419  13.246  -4.593  1.00 26.05  ? 172 LEU A CD1 1 
ATOM   851  C CD2 . LEU A 1 143 ? -4.019  13.936  -4.381  1.00 26.94  ? 172 LEU A CD2 1 
ATOM   852  N N   . LYS A 1 144 ? -6.123  13.993  0.096   1.00 17.92  ? 173 LYS A N   1 
ATOM   853  C CA  . LYS A 1 144 ? -5.823  12.969  1.102   1.00 17.22  ? 173 LYS A CA  1 
ATOM   854  C C   . LYS A 1 144 ? -7.112  12.388  1.695   1.00 21.01  ? 173 LYS A C   1 
ATOM   855  O O   . LYS A 1 144 ? -7.183  11.178  1.923   1.00 18.66  ? 173 LYS A O   1 
ATOM   856  C CB  . LYS A 1 144 ? -4.855  13.494  2.180   1.00 17.90  ? 173 LYS A CB  1 
ATOM   857  C CG  . LYS A 1 144 ? -5.388  14.654  3.019   1.00 25.96  ? 173 LYS A CG  1 
ATOM   858  C CD  . LYS A 1 144 ? -4.370  15.114  4.017   1.00 35.16  ? 173 LYS A CD  1 
ATOM   859  C CE  . LYS A 1 144 ? -4.924  16.237  4.840   1.00 49.36  ? 173 LYS A CE  1 
ATOM   860  N NZ  . LYS A 1 144 ? -3.845  16.955  5.560   1.00 63.07  ? 173 LYS A NZ  1 
ATOM   861  N N   . THR A 1 145 ? -8.147  13.251  1.876   1.00 18.36  ? 174 THR A N   1 
ATOM   862  C CA  . THR A 1 145 ? -9.467  12.836  2.374   1.00 18.37  ? 174 THR A CA  1 
ATOM   863  C C   . THR A 1 145 ? -10.115 11.908  1.368   1.00 20.30  ? 174 THR A C   1 
ATOM   864  O O   . THR A 1 145 ? -10.559 10.832  1.755   1.00 19.57  ? 174 THR A O   1 
ATOM   865  C CB  . THR A 1 145 ? -10.332 14.053  2.681   1.00 20.83  ? 174 THR A CB  1 
ATOM   866  O OG1 . THR A 1 145 ? -9.562  14.929  3.508   1.00 17.65  ? 174 THR A OG1 1 
ATOM   867  C CG2 . THR A 1 145 ? -11.685 13.679  3.357   1.00 14.55  ? 174 THR A CG2 1 
ATOM   868  N N   . ALA A 1 146 ? -10.100 12.278  0.071   1.00 19.04  ? 175 ALA A N   1 
ATOM   869  C CA  . ALA A 1 146 ? -10.655 11.436  -1.014  1.00 18.52  ? 175 ALA A CA  1 
ATOM   870  C C   . ALA A 1 146 ? -9.895  10.111  -1.130  1.00 18.50  ? 175 ALA A C   1 
ATOM   871  O O   . ALA A 1 146 ? -10.505 9.081   -1.393  1.00 17.51  ? 175 ALA A O   1 
ATOM   872  C CB  . ALA A 1 146 ? -10.602 12.184  -2.348  1.00 19.38  ? 175 ALA A CB  1 
ATOM   873  N N   . VAL A 1 147 ? -8.554  10.125  -0.907  1.00 15.04  ? 176 VAL A N   1 
ATOM   874  C CA  . VAL A 1 147 ? -7.765  8.877   -0.967  1.00 13.33  ? 176 VAL A CA  1 
ATOM   875  C C   . VAL A 1 147 ? -8.206  7.945   0.172   1.00 14.55  ? 176 VAL A C   1 
ATOM   876  O O   . VAL A 1 147 ? -8.376  6.759   -0.057  1.00 14.42  ? 176 VAL A O   1 
ATOM   877  C CB  . VAL A 1 147 ? -6.229  9.162   -0.966  1.00 16.77  ? 176 VAL A CB  1 
ATOM   878  C CG1 . VAL A 1 147 ? -5.405  7.894   -0.684  1.00 15.47  ? 176 VAL A CG1 1 
ATOM   879  C CG2 . VAL A 1 147 ? -5.807  9.797   -2.304  1.00 16.96  ? 176 VAL A CG2 1 
ATOM   880  N N   . GLN A 1 148 ? -8.393  8.479   1.392   1.00 12.82  ? 177 GLN A N   1 
ATOM   881  C CA  . GLN A 1 148 ? -8.802  7.627   2.529   1.00 12.01  ? 177 GLN A CA  1 
ATOM   882  C C   . GLN A 1 148 ? -10.214 7.055   2.351   1.00 13.96  ? 177 GLN A C   1 
ATOM   883  O O   . GLN A 1 148 ? -10.464 5.899   2.716   1.00 12.76  ? 177 GLN A O   1 
ATOM   884  C CB  . GLN A 1 148 ? -8.619  8.361   3.876   1.00 12.43  ? 177 GLN A CB  1 
ATOM   885  C CG  . GLN A 1 148 ? -7.168  8.807   4.135   1.00 13.98  ? 177 GLN A CG  1 
ATOM   886  C CD  . GLN A 1 148 ? -6.096  7.743   3.860   1.00 21.41  ? 177 GLN A CD  1 
ATOM   887  O OE1 . GLN A 1 148 ? -6.319  6.527   3.911   1.00 15.88  ? 177 GLN A OE1 1 
ATOM   888  N NE2 . GLN A 1 148 ? -4.898  8.178   3.551   1.00 15.49  ? 177 GLN A NE2 1 
ATOM   889  N N   . MET A 1 149 ? -11.121 7.852   1.747   1.00 13.00  ? 178 MET A N   1 
ATOM   890  C CA  . MET A 1 149 ? -12.476 7.390   1.395   1.00 13.61  ? 178 MET A CA  1 
ATOM   891  C C   . MET A 1 149 ? -12.351 6.268   0.393   1.00 15.23  ? 178 MET A C   1 
ATOM   892  O O   . MET A 1 149 ? -13.001 5.239   0.536   1.00 13.43  ? 178 MET A O   1 
ATOM   893  C CB  . MET A 1 149 ? -13.298 8.546   0.798   1.00 16.40  ? 178 MET A CB  1 
ATOM   894  C CG  . MET A 1 149 ? -13.662 9.618   1.808   1.00 20.36  ? 178 MET A CG  1 
ATOM   895  S SD  . MET A 1 149 ? -14.257 11.140  1.012   1.00 25.41  ? 178 MET A SD  1 
ATOM   896  C CE  . MET A 1 149 ? -15.813 10.585  0.425   1.00 21.99  ? 178 MET A CE  1 
ATOM   897  N N   . ALA A 1 150 ? -11.438 6.424   -0.596  1.00 15.20  ? 179 ALA A N   1 
ATOM   898  C CA  . ALA A 1 150 ? -11.191 5.390   -1.605  1.00 14.37  ? 179 ALA A CA  1 
ATOM   899  C C   . ALA A 1 150 ? -10.616 4.102   -1.012  1.00 15.77  ? 179 ALA A C   1 
ATOM   900  O O   . ALA A 1 150 ? -11.013 3.009   -1.420  1.00 15.77  ? 179 ALA A O   1 
ATOM   901  C CB  . ALA A 1 150 ? -10.281 5.930   -2.692  1.00 15.32  ? 179 ALA A CB  1 
ATOM   902  N N   . VAL A 1 151 ? -9.697  4.224   -0.028  1.00 12.18  ? 180 VAL A N   1 
ATOM   903  C CA  . VAL A 1 151 ? -9.106  3.060   0.658   1.00 11.01  ? 180 VAL A CA  1 
ATOM   904  C C   . VAL A 1 151 ? -10.255 2.322   1.396   1.00 13.29  ? 180 VAL A C   1 
ATOM   905  O O   . VAL A 1 151 ? -10.365 1.103   1.303   1.00 12.19  ? 180 VAL A O   1 
ATOM   906  C CB  . VAL A 1 151 ? -7.974  3.486   1.652   1.00 13.61  ? 180 VAL A CB  1 
ATOM   907  C CG1 . VAL A 1 151 ? -7.603  2.336   2.611   1.00 11.88  ? 180 VAL A CG1 1 
ATOM   908  C CG2 . VAL A 1 151 ? -6.736  3.970   0.891   1.00 13.17  ? 180 VAL A CG2 1 
ATOM   909  N N   . PHE A 1 152 ? -11.092 3.085   2.107   1.00 11.12  ? 181 PHE A N   1 
ATOM   910  C CA  . PHE A 1 152 ? -12.246 2.530   2.849   1.00 11.33  ? 181 PHE A CA  1 
ATOM   911  C C   . PHE A 1 152 ? -13.143 1.743   1.876   1.00 15.18  ? 181 PHE A C   1 
ATOM   912  O O   . PHE A 1 152 ? -13.422 0.580   2.139   1.00 15.16  ? 181 PHE A O   1 
ATOM   913  C CB  . PHE A 1 152 ? -13.039 3.662   3.520   1.00 12.47  ? 181 PHE A CB  1 
ATOM   914  C CG  . PHE A 1 152 ? -14.238 3.202   4.325   1.00 13.93  ? 181 PHE A CG  1 
ATOM   915  C CD1 . PHE A 1 152 ? -14.233 3.279   5.712   1.00 15.55  ? 181 PHE A CD1 1 
ATOM   916  C CD2 . PHE A 1 152 ? -15.406 2.763   3.688   1.00 15.81  ? 181 PHE A CD2 1 
ATOM   917  C CE1 . PHE A 1 152 ? -15.363 2.908   6.458   1.00 16.65  ? 181 PHE A CE1 1 
ATOM   918  C CE2 . PHE A 1 152 ? -16.531 2.377   4.435   1.00 18.11  ? 181 PHE A CE2 1 
ATOM   919  C CZ  . PHE A 1 152 ? -16.501 2.462   5.814   1.00 15.91  ? 181 PHE A CZ  1 
ATOM   920  N N   . ILE A 1 153 ? -13.545 2.360   0.742   1.00 13.87  ? 182 ILE A N   1 
ATOM   921  C CA  . ILE A 1 153 ? -14.418 1.711   -0.260  1.00 14.31  ? 182 ILE A CA  1 
ATOM   922  C C   . ILE A 1 153 ? -13.804 0.429   -0.782  1.00 17.50  ? 182 ILE A C   1 
ATOM   923  O O   . ILE A 1 153 ? -14.467 -0.614  -0.782  1.00 15.74  ? 182 ILE A O   1 
ATOM   924  C CB  . ILE A 1 153 ? -14.858 2.679   -1.412  1.00 17.79  ? 182 ILE A CB  1 
ATOM   925  C CG1 . ILE A 1 153 ? -15.807 3.763   -0.852  1.00 18.53  ? 182 ILE A CG1 1 
ATOM   926  C CG2 . ILE A 1 153 ? -15.557 1.902   -2.588  1.00 18.35  ? 182 ILE A CG2 1 
ATOM   927  C CD1 . ILE A 1 153 ? -15.859 5.072   -1.642  1.00 24.39  ? 182 ILE A CD1 1 
ATOM   928  N N   . HIS A 1 154 ? -12.527 0.485   -1.176  1.00 16.02  ? 183 HIS A N   1 
ATOM   929  C CA  . HIS A 1 154 ? -11.842 -0.690  -1.708  1.00 16.51  ? 183 HIS A CA  1 
ATOM   930  C C   . HIS A 1 154 ? -11.788 -1.849  -0.711  1.00 20.17  ? 183 HIS A C   1 
ATOM   931  O O   . HIS A 1 154 ? -12.098 -2.978  -1.097  1.00 20.81  ? 183 HIS A O   1 
ATOM   932  C CB  . HIS A 1 154 ? -10.424 -0.335  -2.201  1.00 17.86  ? 183 HIS A CB  1 
ATOM   933  C CG  . HIS A 1 154 ? -9.645  -1.542  -2.623  1.00 22.11  ? 183 HIS A CG  1 
ATOM   934  N ND1 . HIS A 1 154 ? -9.833  -2.120  -3.881  1.00 24.33  ? 183 HIS A ND1 1 
ATOM   935  C CD2 . HIS A 1 154 ? -8.817  -2.329  -1.898  1.00 23.44  ? 183 HIS A CD2 1 
ATOM   936  C CE1 . HIS A 1 154 ? -9.070  -3.199  -3.895  1.00 23.69  ? 183 HIS A CE1 1 
ATOM   937  N NE2 . HIS A 1 154 ? -8.425  -3.359  -2.728  1.00 23.77  ? 183 HIS A NE2 1 
ATOM   938  N N   . ASN A 1 155 ? -11.365 -1.592  0.544   1.00 16.10  ? 184 ASN A N   1 
ATOM   939  C CA  . ASN A 1 155 ? -11.185 -2.668  1.536   1.00 14.36  ? 184 ASN A CA  1 
ATOM   940  C C   . ASN A 1 155 ? -12.482 -3.291  2.019   1.00 17.65  ? 184 ASN A C   1 
ATOM   941  O O   . ASN A 1 155 ? -12.457 -4.433  2.440   1.00 17.89  ? 184 ASN A O   1 
ATOM   942  C CB  . ASN A 1 155 ? -10.331 -2.196  2.728   1.00 11.44  ? 184 ASN A CB  1 
ATOM   943  C CG  . ASN A 1 155 ? -8.887  -1.924  2.372   1.00 19.83  ? 184 ASN A CG  1 
ATOM   944  O OD1 . ASN A 1 155 ? -8.360  -2.470  1.407   1.00 16.40  ? 184 ASN A OD1 1 
ATOM   945  N ND2 . ASN A 1 155 ? -8.205  -1.082  3.148   1.00 10.48  ? 184 ASN A ND2 1 
ATOM   946  N N   . HIS A 1 156 ? -13.591 -2.543  1.974   1.00 16.85  ? 185 HIS A N   1 
ATOM   947  C CA  . HIS A 1 156 ? -14.924 -2.999  2.418   1.00 18.51  ? 185 HIS A CA  1 
ATOM   948  C C   . HIS A 1 156 ? -15.750 -3.664  1.305   1.00 24.18  ? 185 HIS A C   1 
ATOM   949  O O   . HIS A 1 156 ? -16.721 -4.352  1.616   1.00 22.61  ? 185 HIS A O   1 
ATOM   950  C CB  . HIS A 1 156 ? -15.731 -1.810  2.957   1.00 18.74  ? 185 HIS A CB  1 
ATOM   951  C CG  . HIS A 1 156 ? -15.332 -1.397  4.334   1.00 22.63  ? 185 HIS A CG  1 
ATOM   952  N ND1 . HIS A 1 156 ? -14.347 -0.441  4.543   1.00 24.25  ? 185 HIS A ND1 1 
ATOM   953  C CD2 . HIS A 1 156 ? -15.808 -1.810  5.535   1.00 24.40  ? 185 HIS A CD2 1 
ATOM   954  C CE1 . HIS A 1 156 ? -14.242 -0.317  5.855   1.00 24.08  ? 185 HIS A CE1 1 
ATOM   955  N NE2 . HIS A 1 156 ? -15.105 -1.113  6.499   1.00 24.62  ? 185 HIS A NE2 1 
ATOM   956  N N   . LYS A 1 157 ? -15.403 -3.415  0.028   1.00 22.27  ? 186 LYS A N   1 
ATOM   957  C CA  . LYS A 1 157 ? -16.140 -3.921  -1.134  1.00 23.91  ? 186 LYS A CA  1 
ATOM   958  C C   . LYS A 1 157 ? -16.184 -5.438  -1.205  1.00 26.17  ? 186 LYS A C   1 
ATOM   959  O O   . LYS A 1 157 ? -15.143 -6.085  -1.251  1.00 23.97  ? 186 LYS A O   1 
ATOM   960  C CB  . LYS A 1 157 ? -15.569 -3.335  -2.448  1.00 28.00  ? 186 LYS A CB  1 
ATOM   961  C CG  . LYS A 1 157 ? -16.490 -3.491  -3.665  1.00 45.61  ? 186 LYS A CG  1 
ATOM   962  C CD  . LYS A 1 157 ? -15.979 -2.706  -4.871  1.00 59.27  ? 186 LYS A CD  1 
ATOM   963  C CE  . LYS A 1 157 ? -16.456 -1.269  -4.911  1.00 68.09  ? 186 LYS A CE  1 
ATOM   964  N NZ  . LYS A 1 157 ? -15.779 -0.495  -5.990  1.00 75.17  ? 186 LYS A NZ  1 
ATOM   965  N N   . ARG A 1 158 ? -17.399 -6.002  -1.228  0.70 24.05  ? 187 ARG A N   1 
ATOM   966  C CA  . ARG A 1 158 ? -17.564 -7.447  -1.341  0.70 24.79  ? 187 ARG A CA  1 
ATOM   967  C C   . ARG A 1 158 ? -17.516 -7.860  -2.802  0.70 28.66  ? 187 ARG A C   1 
ATOM   968  O O   . ARG A 1 158 ? -18.231 -7.289  -3.624  0.70 28.94  ? 187 ARG A O   1 
ATOM   969  C CB  . ARG A 1 158 ? -18.828 -7.929  -0.619  1.00 28.65  ? 187 ARG A CB  1 
ATOM   970  C CG  . ARG A 1 158 ? -18.580 -8.080  0.876   1.00 45.12  ? 187 ARG A CG  1 
ATOM   971  C CD  . ARG A 1 158 ? -19.681 -8.863  1.556   1.00 63.02  ? 187 ARG A CD  1 
ATOM   972  N NE  . ARG A 1 158 ? -19.372 -9.121  2.963   1.00 70.38  ? 187 ARG A NE  1 
ATOM   973  C CZ  . ARG A 1 158 ? -19.807 -8.368  3.966   1.00 82.92  ? 187 ARG A CZ  1 
ATOM   974  N NH1 . ARG A 1 158 ? -19.481 -8.667  5.217   1.00 73.23  ? 187 ARG A NH1 1 
ATOM   975  N NH2 . ARG A 1 158 ? -20.571 -7.310  3.729   1.00 64.82  ? 187 ARG A NH2 1 
ATOM   976  N N   . LYS A 1 159 ? -16.590 -8.779  -3.129  0.70 25.39  ? 188 LYS A N   1 
ATOM   977  C CA  . LYS A 1 159 ? -16.318 -9.291  -4.472  0.70 65.00  ? 188 LYS A CA  1 
ATOM   978  C C   . LYS A 1 159 ? -16.780 -10.740 -4.635  0.70 91.62  ? 188 LYS A C   1 
ATOM   979  O O   . LYS A 1 159 ? -16.286 -11.637 -3.952  0.70 50.16  ? 188 LYS A O   1 
ATOM   980  C CB  . LYS A 1 159 ? -14.819 -9.160  -4.799  1.00 67.69  ? 188 LYS A CB  1 
ATOM   981  N N   . GLY A 1 163 ? -22.570 -13.032 -1.449  1.00 55.22  ? 192 GLY A N   1 
ATOM   982  C CA  . GLY A 1 163 ? -21.904 -14.003 -0.583  1.00 54.47  ? 192 GLY A CA  1 
ATOM   983  C C   . GLY A 1 163 ? -20.384 -13.943 -0.576  1.00 56.31  ? 192 GLY A C   1 
ATOM   984  O O   . GLY A 1 163 ? -19.741 -14.702 0.158   1.00 56.76  ? 192 GLY A O   1 
ATOM   985  N N   . GLY A 1 164 ? -19.813 -13.045 -1.386  0.70 49.51  ? 193 GLY A N   1 
ATOM   986  C CA  . GLY A 1 164 ? -18.369 -12.856 -1.499  0.70 47.54  ? 193 GLY A CA  1 
ATOM   987  C C   . GLY A 1 164 ? -17.730 -12.150 -0.315  0.70 46.55  ? 193 GLY A C   1 
ATOM   988  O O   . GLY A 1 164 ? -18.424 -11.561 0.518   0.70 45.32  ? 193 GLY A O   1 
ATOM   989  N N   . TYR A 1 165 ? -16.394 -12.214 -0.227  1.00 39.72  ? 194 TYR A N   1 
ATOM   990  C CA  . TYR A 1 165 ? -15.655 -11.576 0.864   1.00 37.73  ? 194 TYR A CA  1 
ATOM   991  C C   . TYR A 1 165 ? -14.966 -10.295 0.415   1.00 33.89  ? 194 TYR A C   1 
ATOM   992  O O   . TYR A 1 165 ? -14.620 -10.165 -0.761  1.00 32.15  ? 194 TYR A O   1 
ATOM   993  C CB  . TYR A 1 165 ? -14.622 -12.545 1.473   1.00 39.45  ? 194 TYR A CB  1 
ATOM   994  C CG  . TYR A 1 165 ? -15.233 -13.777 2.105   0.70 42.28  ? 194 TYR A CG  1 
ATOM   995  C CD1 . TYR A 1 165 ? -15.784 -13.728 3.383   0.70 44.36  ? 194 TYR A CD1 1 
ATOM   996  C CD2 . TYR A 1 165 ? -15.245 -14.996 1.434   0.70 43.43  ? 194 TYR A CD2 1 
ATOM   997  C CE1 . TYR A 1 165 ? -16.349 -14.861 3.971   0.70 45.65  ? 194 TYR A CE1 1 
ATOM   998  C CE2 . TYR A 1 165 ? -15.797 -16.138 2.017   0.70 44.63  ? 194 TYR A CE2 1 
ATOM   999  C CZ  . TYR A 1 165 ? -16.346 -16.065 3.287   0.70 52.58  ? 194 TYR A CZ  1 
ATOM   1000 O OH  . TYR A 1 165 ? -16.895 -17.187 3.864   0.50 53.42  ? 194 TYR A OH  1 
ATOM   1001 N N   . SER A 1 166 ? -14.760 -9.356  1.354   1.00 25.44  ? 195 SER A N   1 
ATOM   1002 C CA  . SER A 1 166 ? -14.021 -8.125  1.059   1.00 22.61  ? 195 SER A CA  1 
ATOM   1003 C C   . SER A 1 166 ? -12.535 -8.385  1.270   1.00 23.75  ? 195 SER A C   1 
ATOM   1004 O O   . SER A 1 166 ? -12.178 -9.380  1.911   1.00 22.28  ? 195 SER A O   1 
ATOM   1005 C CB  . SER A 1 166 ? -14.492 -6.981  1.954   1.00 21.81  ? 195 SER A CB  1 
ATOM   1006 O OG  . SER A 1 166 ? -14.123 -7.226  3.297   1.00 24.55  ? 195 SER A OG  1 
ATOM   1007 N N   . ALA A 1 167 ? -11.661 -7.488  0.735   1.00 20.64  ? 196 ALA A N   1 
ATOM   1008 C CA  . ALA A 1 167 ? -10.205 -7.549  0.923   1.00 19.19  ? 196 ALA A CA  1 
ATOM   1009 C C   . ALA A 1 167 ? -9.880  -7.507  2.427   1.00 19.81  ? 196 ALA A C   1 
ATOM   1010 O O   . ALA A 1 167 ? -8.981  -8.232  2.876   1.00 18.46  ? 196 ALA A O   1 
ATOM   1011 C CB  . ALA A 1 167 ? -9.527  -6.382  0.206   1.00 19.75  ? 196 ALA A CB  1 
ATOM   1012 N N   . GLY A 1 168 ? -10.644 -6.701  3.187   1.00 16.16  ? 197 GLY A N   1 
ATOM   1013 C CA  . GLY A 1 168 ? -10.505 -6.584  4.642   1.00 16.45  ? 197 GLY A CA  1 
ATOM   1014 C C   . GLY A 1 168 ? -10.764 -7.891  5.370   1.00 21.93  ? 197 GLY A C   1 
ATOM   1015 O O   . GLY A 1 168 ? -10.010 -8.281  6.279   1.00 18.66  ? 197 GLY A O   1 
ATOM   1016 N N   . GLU A 1 169 ? -11.808 -8.618  4.921   1.00 19.52  ? 198 GLU A N   1 
ATOM   1017 C CA  . GLU A 1 169 ? -12.107 -9.945  5.463   1.00 19.59  ? 198 GLU A CA  1 
ATOM   1018 C C   . GLU A 1 169 ? -11.040 -10.948 5.046   1.00 21.17  ? 198 GLU A C   1 
ATOM   1019 O O   . GLU A 1 169 ? -10.603 -11.727 5.890   1.00 20.81  ? 198 GLU A O   1 
ATOM   1020 C CB  . GLU A 1 169 ? -13.504 -10.429 5.036   1.00 20.97  ? 198 GLU A CB  1 
ATOM   1021 C CG  . GLU A 1 169 ? -14.622 -9.634  5.692   1.00 28.03  ? 198 GLU A CG  1 
ATOM   1022 C CD  . GLU A 1 169 ? -16.025 -9.893  5.170   1.00 47.21  ? 198 GLU A CD  1 
ATOM   1023 O OE1 . GLU A 1 169 ? -16.176 -10.230 3.974   1.00 38.75  ? 198 GLU A OE1 1 
ATOM   1024 O OE2 . GLU A 1 169 ? -16.981 -9.725  5.960   1.00 38.78  ? 198 GLU A OE2 1 
ATOM   1025 N N   . ARG A 1 170 ? -10.576 -10.901 3.775   1.00 18.48  ? 199 ARG A N   1 
ATOM   1026 C CA  . ARG A 1 170 ? -9.559  -11.850 3.282   1.00 18.35  ? 199 ARG A CA  1 
ATOM   1027 C C   . ARG A 1 170 ? -8.217  -11.727 4.001   1.00 22.39  ? 199 ARG A C   1 
ATOM   1028 O O   . ARG A 1 170 ? -7.635  -12.759 4.367   1.00 21.09  ? 199 ARG A O   1 
ATOM   1029 C CB  . ARG A 1 170 ? -9.369  -11.781 1.752   1.00 21.64  ? 199 ARG A CB  1 
ATOM   1030 C CG  . ARG A 1 170 ? -10.631 -12.112 0.946   1.00 36.03  ? 199 ARG A CG  1 
ATOM   1031 C CD  . ARG A 1 170 ? -10.390 -12.227 -0.552  1.00 45.97  ? 199 ARG A CD  1 
ATOM   1032 N NE  . ARG A 1 170 ? -9.961  -10.967 -1.164  1.00 52.61  ? 199 ARG A NE  1 
ATOM   1033 C CZ  . ARG A 1 170 ? -10.754 -10.141 -1.842  1.00 63.15  ? 199 ARG A CZ  1 
ATOM   1034 N NH1 . ARG A 1 170 ? -12.037 -10.437 -2.022  1.00 45.12  ? 199 ARG A NH1 1 
ATOM   1035 N NH2 . ARG A 1 170 ? -10.268 -9.022  -2.360  1.00 49.14  ? 199 ARG A NH2 1 
ATOM   1036 N N   . ILE A 1 171 ? -7.720  -10.478 4.238   1.00 16.88  ? 200 ILE A N   1 
ATOM   1037 C CA  . ILE A 1 171 ? -6.420  -10.342 4.928   1.00 16.43  ? 200 ILE A CA  1 
ATOM   1038 C C   . ILE A 1 171 ? -6.471  -10.935 6.361   1.00 19.91  ? 200 ILE A C   1 
ATOM   1039 O O   . ILE A 1 171 ? -5.580  -11.696 6.748   1.00 18.54  ? 200 ILE A O   1 
ATOM   1040 C CB  . ILE A 1 171 ? -5.867  -8.879  4.888   1.00 18.58  ? 200 ILE A CB  1 
ATOM   1041 C CG1 . ILE A 1 171 ? -4.398  -8.846  5.382   1.00 18.80  ? 200 ILE A CG1 1 
ATOM   1042 C CG2 . ILE A 1 171 ? -6.761  -7.881  5.660   1.00 16.92  ? 200 ILE A CG2 1 
ATOM   1043 C CD1 . ILE A 1 171 ? -3.640  -7.431  5.241   1.00 14.42  ? 200 ILE A CD1 1 
ATOM   1044 N N   . VAL A 1 172 ? -7.524  -10.599 7.124   1.00 18.86  ? 201 VAL A N   1 
ATOM   1045 C CA  . VAL A 1 172 ? -7.705  -11.084 8.496   1.00 20.84  ? 201 VAL A CA  1 
ATOM   1046 C C   . VAL A 1 172 ? -7.798  -12.644 8.472   1.00 26.29  ? 201 VAL A C   1 
ATOM   1047 O O   . VAL A 1 172 ? -7.107  -13.300 9.250   1.00 25.32  ? 201 VAL A O   1 
ATOM   1048 C CB  . VAL A 1 172 ? -8.923  -10.387 9.170   1.00 25.27  ? 201 VAL A CB  1 
ATOM   1049 C CG1 . VAL A 1 172 ? -9.281  -11.057 10.495  1.00 25.99  ? 201 VAL A CG1 1 
ATOM   1050 C CG2 . VAL A 1 172 ? -8.639  -8.897  9.400   1.00 24.46  ? 201 VAL A CG2 1 
ATOM   1051 N N   . ASP A 1 173 ? -8.577  -13.206 7.527   1.00 25.18  ? 202 ASP A N   1 
ATOM   1052 C CA  . ASP A 1 173 ? -8.729  -14.666 7.337   1.00 26.76  ? 202 ASP A CA  1 
ATOM   1053 C C   . ASP A 1 173 ? -7.373  -15.336 7.053   1.00 31.08  ? 202 ASP A C   1 
ATOM   1054 O O   . ASP A 1 173 ? -7.005  -16.273 7.759   1.00 31.12  ? 202 ASP A O   1 
ATOM   1055 C CB  . ASP A 1 173 ? -9.736  -14.970 6.206   1.00 29.39  ? 202 ASP A CB  1 
ATOM   1056 C CG  . ASP A 1 173 ? -11.216 -14.961 6.597   1.00 48.89  ? 202 ASP A CG  1 
ATOM   1057 O OD1 . ASP A 1 173 ? -12.079 -15.101 5.679   1.00 49.78  ? 202 ASP A OD1 1 
ATOM   1058 O OD2 . ASP A 1 173 ? -11.518 -14.818 7.815   1.00 54.36  ? 202 ASP A OD2 1 
ATOM   1059 N N   . ILE A 1 174 ? -6.602  -14.800 6.079   1.00 26.87  ? 203 ILE A N   1 
ATOM   1060 C CA  . ILE A 1 174 ? -5.270  -15.301 5.689   1.00 25.55  ? 203 ILE A CA  1 
ATOM   1061 C C   . ILE A 1 174 ? -4.279  -15.285 6.874   1.00 28.81  ? 203 ILE A C   1 
ATOM   1062 O O   . ILE A 1 174 ? -3.643  -16.307 7.154   1.00 27.78  ? 203 ILE A O   1 
ATOM   1063 C CB  . ILE A 1 174 ? -4.744  -14.549 4.424   1.00 28.02  ? 203 ILE A CB  1 
ATOM   1064 C CG1 . ILE A 1 174 ? -5.534  -14.986 3.174   1.00 27.89  ? 203 ILE A CG1 1 
ATOM   1065 C CG2 . ILE A 1 174 ? -3.222  -14.726 4.211   1.00 28.92  ? 203 ILE A CG2 1 
ATOM   1066 C CD1 . ILE A 1 174 ? -5.473  -14.012 1.987   1.00 30.05  ? 203 ILE A CD1 1 
ATOM   1067 N N   . ILE A 1 175 ? -4.175  -14.154 7.585   1.00 24.64  ? 204 ILE A N   1 
ATOM   1068 C CA  . ILE A 1 175 ? -3.266  -14.023 8.726   1.00 24.60  ? 204 ILE A CA  1 
ATOM   1069 C C   . ILE A 1 175 ? -3.686  -14.907 9.927   1.00 30.22  ? 204 ILE A C   1 
ATOM   1070 O O   . ILE A 1 175 ? -2.798  -15.492 10.557  1.00 29.46  ? 204 ILE A O   1 
ATOM   1071 C CB  . ILE A 1 175 ? -3.049  -12.534 9.119   1.00 27.24  ? 204 ILE A CB  1 
ATOM   1072 C CG1 . ILE A 1 175 ? -2.402  -11.779 7.939   1.00 27.96  ? 204 ILE A CG1 1 
ATOM   1073 C CG2 . ILE A 1 175 ? -2.191  -12.391 10.405  1.00 27.82  ? 204 ILE A CG2 1 
ATOM   1074 C CD1 . ILE A 1 175 ? -2.483  -10.370 8.022   1.00 37.56  ? 204 ILE A CD1 1 
ATOM   1075 N N   . ALA A 1 176 ? -5.001  -14.990 10.260  1.00 27.65  ? 205 ALA A N   1 
ATOM   1076 C CA  . ALA A 1 176 ? -5.449  -15.825 11.391  1.00 29.35  ? 205 ALA A CA  1 
ATOM   1077 C C   . ALA A 1 176 ? -5.168  -17.318 11.164  1.00 38.60  ? 205 ALA A C   1 
ATOM   1078 O O   . ALA A 1 176 ? -4.772  -18.013 12.105  1.00 38.74  ? 205 ALA A O   1 
ATOM   1079 C CB  . ALA A 1 176 ? -6.913  -15.608 11.679  1.00 29.96  ? 205 ALA A CB  1 
ATOM   1080 N N   . THR A 1 177 ? -5.321  -17.784 9.910   1.00 38.20  ? 206 THR A N   1 
ATOM   1081 C CA  . THR A 1 177 ? -5.032  -19.152 9.476   1.00 39.83  ? 206 THR A CA  1 
ATOM   1082 C C   . THR A 1 177 ? -3.544  -19.476 9.731   1.00 47.28  ? 206 THR A C   1 
ATOM   1083 O O   . THR A 1 177 ? -3.231  -20.559 10.231  1.00 48.02  ? 206 THR A O   1 
ATOM   1084 C CB  . THR A 1 177 ? -5.472  -19.308 8.013   1.00 50.38  ? 206 THR A CB  1 
ATOM   1085 O OG1 . THR A 1 177 ? -6.886  -19.099 7.954   1.00 48.65  ? 206 THR A OG1 1 
ATOM   1086 C CG2 . THR A 1 177 ? -5.131  -20.670 7.423   1.00 52.88  ? 206 THR A CG2 1 
ATOM   1087 N N   . ASP A 1 178 ? -2.645  -18.511 9.452   1.00 45.37  ? 207 ASP A N   1 
ATOM   1088 C CA  . ASP A 1 178 ? -1.199  -18.669 9.639   1.00 45.70  ? 207 ASP A CA  1 
ATOM   1089 C C   . ASP A 1 178 ? -0.772  -18.629 11.116  1.00 50.61  ? 207 ASP A C   1 
ATOM   1090 O O   . ASP A 1 178 ? 0.346   -19.048 11.430  1.00 51.06  ? 207 ASP A O   1 
ATOM   1091 C CB  . ASP A 1 178 ? -0.414  -17.655 8.785   1.00 47.50  ? 207 ASP A CB  1 
ATOM   1092 N N   . ILE A 1 179 ? -1.658  -18.150 12.021  1.00 46.99  ? 208 ILE A N   1 
ATOM   1093 C CA  . ILE A 1 179 ? -1.406  -18.098 13.465  1.00 63.96  ? 208 ILE A CA  1 
ATOM   1094 C C   . ILE A 1 179 ? -1.732  -19.468 14.049  1.00 104.80 ? 208 ILE A C   1 
ATOM   1095 O O   . ILE A 1 179 ? -0.872  -20.082 14.671  1.00 78.51  ? 208 ILE A O   1 
ATOM   1096 C CB  . ILE A 1 179 ? -2.192  -16.952 14.180  1.00 66.92  ? 208 ILE A CB  1 
ATOM   1097 C CG1 . ILE A 1 179 ? -1.737  -15.558 13.686  1.00 67.06  ? 208 ILE A CG1 1 
ATOM   1098 C CG2 . ILE A 1 179 ? -2.056  -17.051 15.714  1.00 67.67  ? 208 ILE A CG2 1 
ATOM   1099 C CD1 . ILE A 1 179 ? -2.780  -14.451 13.840  1.00 71.54  ? 208 ILE A CD1 1 
HETATM 1100 C C1  . EDO B 2 .   ? 0.285   -6.424  13.999  1.00 51.24  ? 301 EDO A C1  1 
HETATM 1101 O O1  . EDO B 2 .   ? 1.635   -6.682  14.364  1.00 51.13  ? 301 EDO A O1  1 
HETATM 1102 C C2  . EDO B 2 .   ? -0.303  -7.610  13.168  1.00 52.04  ? 301 EDO A C2  1 
HETATM 1103 O O2  . EDO B 2 .   ? -1.720  -7.487  13.043  1.00 52.22  ? 301 EDO A O2  1 
HETATM 1104 C C1  . EDO C 2 .   ? 7.187   3.252   -4.121  1.00 32.09  ? 302 EDO A C1  1 
HETATM 1105 O O1  . EDO C 2 .   ? 7.423   2.877   -5.467  1.00 32.07  ? 302 EDO A O1  1 
HETATM 1106 C C2  . EDO C 2 .   ? 7.869   2.271   -3.147  1.00 33.25  ? 302 EDO A C2  1 
HETATM 1107 O O2  . EDO C 2 .   ? 9.169   1.944   -3.594  1.00 32.16  ? 302 EDO A O2  1 
HETATM 1108 C C1  . EDO D 2 .   ? 0.208   3.654   7.255   1.00 38.59  ? 303 EDO A C1  1 
HETATM 1109 O O1  . EDO D 2 .   ? 0.950   2.636   6.592   1.00 35.56  ? 303 EDO A O1  1 
HETATM 1110 C C2  . EDO D 2 .   ? -0.307  4.783   6.297   1.00 37.64  ? 303 EDO A C2  1 
HETATM 1111 O O2  . EDO D 2 .   ? -1.537  4.439   5.647   1.00 35.67  ? 303 EDO A O2  1 
HETATM 1112 C C1  . EDO E 2 .   ? 8.648   11.906  6.150   1.00 59.65  ? 304 EDO A C1  1 
HETATM 1113 O O1  . EDO E 2 .   ? 9.231   12.831  7.045   1.00 59.08  ? 304 EDO A O1  1 
HETATM 1114 C C2  . EDO E 2 .   ? 7.502   11.139  6.845   1.00 60.68  ? 304 EDO A C2  1 
HETATM 1115 O O2  . EDO E 2 .   ? 6.458   12.005  7.285   1.00 61.68  ? 304 EDO A O2  1 
HETATM 1116 C C13 . KJJ F 3 .   ? 16.374  7.550   9.512   1.00 26.42  ? 305 KJJ A C13 1 
HETATM 1117 C C18 . KJJ F 3 .   ? 15.690  8.768   9.687   1.00 24.57  ? 305 KJJ A C18 1 
HETATM 1118 C C17 . KJJ F 3 .   ? 16.250  9.949   9.158   1.00 25.13  ? 305 KJJ A C17 1 
HETATM 1119 C C15 . KJJ F 3 .   ? 18.088  8.724   8.272   1.00 27.63  ? 305 KJJ A C15 1 
HETATM 1120 C C19 . KJJ F 3 .   ? 14.387  8.808   10.476  1.00 23.81  ? 305 KJJ A C19 1 
HETATM 1121 C C20 . KJJ F 3 .   ? 14.647  9.458   11.814  1.00 25.02  ? 305 KJJ A C20 1 
HETATM 1122 C C24 . KJJ F 3 .   ? 12.520  8.976   8.800   1.00 21.64  ? 305 KJJ A C24 1 
HETATM 1123 C C34 . KJJ F 3 .   ? 21.889  5.001   7.725   1.00 33.40  ? 305 KJJ A C34 1 
HETATM 1124 C C27 . KJJ F 3 .   ? 13.256  8.733   7.474   1.00 22.20  ? 305 KJJ A C27 1 
HETATM 1125 C C33 . KJJ F 3 .   ? 20.349  5.029   7.798   1.00 31.14  ? 305 KJJ A C33 1 
HETATM 1126 C C1  . KJJ F 3 .   ? 16.957  6.492   12.310  1.00 24.64  ? 305 KJJ A C1  1 
HETATM 1127 C C2  . KJJ F 3 .   ? 16.019  5.789   11.343  1.00 25.73  ? 305 KJJ A C2  1 
HETATM 1128 C C3  . KJJ F 3 .   ? 15.798  6.275   10.048  1.00 25.35  ? 305 KJJ A C3  1 
HETATM 1129 C C4  . KJJ F 3 .   ? 14.931  5.603   9.174   1.00 25.19  ? 305 KJJ A C4  1 
HETATM 1130 C C5  . KJJ F 3 .   ? 14.276  4.449   9.577   1.00 25.80  ? 305 KJJ A C5  1 
HETATM 1131 C C6  . KJJ F 3 .   ? 14.480  3.959   10.869  1.00 25.00  ? 305 KJJ A C6  1 
HETATM 1132 C C7  . KJJ F 3 .   ? 15.363  4.616   11.751  1.00 25.43  ? 305 KJJ A C7  1 
HETATM 1133 C C8  . KJJ F 3 .   ? 15.602  4.082   13.163  1.00 24.75  ? 305 KJJ A C8  1 
HETATM 1134 C C9  . KJJ F 3 .   ? 15.148  2.624   13.282  1.00 24.39  ? 305 KJJ A C9  1 
HETATM 1135 C C10 . KJJ F 3 .   ? 13.765  2.470   12.635  1.00 23.50  ? 305 KJJ A C10 1 
HETATM 1136 O O11 . KJJ F 3 .   ? 13.851  2.846   11.229  1.00 24.48  ? 305 KJJ A O11 1 
HETATM 1137 F F12 . KJJ F 3 .   ? 13.460  3.832   8.725   1.00 23.91  ? 305 KJJ A F12 1 
HETATM 1138 C C14 . KJJ F 3 .   ? 17.609  7.514   8.839   1.00 27.17  ? 305 KJJ A C14 1 
HETATM 1139 N N16 . KJJ F 3 .   ? 17.394  9.872   8.445   1.00 24.12  ? 305 KJJ A N16 1 
HETATM 1140 O O21 . KJJ F 3 .   ? 15.766  9.432   12.310  1.00 26.53  ? 305 KJJ A O21 1 
HETATM 1141 O O22 . KJJ F 3 .   ? 13.662  10.081  12.430  1.00 24.55  ? 305 KJJ A O22 1 
HETATM 1142 O O23 . KJJ F 3 .   ? 13.353  9.559   9.821   1.00 22.52  ? 305 KJJ A O23 1 
HETATM 1143 C C25 . KJJ F 3 .   ? 11.831  7.674   9.241   1.00 20.64  ? 305 KJJ A C25 1 
HETATM 1144 C C26 . KJJ F 3 .   ? 11.450  10.050  8.551   1.00 22.75  ? 305 KJJ A C26 1 
HETATM 1145 C C28 . KJJ F 3 .   ? 15.630  11.342  9.247   1.00 24.78  ? 305 KJJ A C28 1 
HETATM 1146 C C29 . KJJ F 3 .   ? 19.417  8.797   7.512   1.00 28.91  ? 305 KJJ A C29 1 
HETATM 1147 C C30 . KJJ F 3 .   ? 19.981  7.412   7.142   1.00 27.82  ? 305 KJJ A C30 1 
HETATM 1148 N N31 . KJJ F 3 .   ? 19.800  6.366   8.188   1.00 29.09  ? 305 KJJ A N31 1 
HETATM 1149 C C32 . KJJ F 3 .   ? 18.383  6.216   8.643   1.00 27.22  ? 305 KJJ A C32 1 
HETATM 1150 C C35 . KJJ F 3 .   ? 22.644  4.672   9.018   1.00 32.42  ? 305 KJJ A C35 1 
HETATM 1151 C C36 . KJJ F 3 .   ? 22.642  3.673   7.850   1.00 32.82  ? 305 KJJ A C36 1 
HETATM 1152 C C37 . KJJ F 3 .   ? 21.887  2.361   8.009   1.00 31.05  ? 305 KJJ A C37 1 
HETATM 1153 C C38 . KJJ F 3 .   ? 21.583  1.829   9.275   1.00 31.17  ? 305 KJJ A C38 1 
HETATM 1154 C C39 . KJJ F 3 .   ? 20.882  0.618   9.391   1.00 29.37  ? 305 KJJ A C39 1 
HETATM 1155 C C40 . KJJ F 3 .   ? 20.514  -0.091  8.242   1.00 27.80  ? 305 KJJ A C40 1 
HETATM 1156 C C41 . KJJ F 3 .   ? 20.822  0.436   6.978   1.00 29.32  ? 305 KJJ A C41 1 
HETATM 1157 C C42 . KJJ F 3 .   ? 21.508  1.656   6.864   1.00 29.50  ? 305 KJJ A C42 1 
HETATM 1158 S S   . SO4 G 4 .   ? -5.319  19.540  -1.192  1.00 45.80  ? 306 SO4 A S   1 
HETATM 1159 O O1  . SO4 G 4 .   ? -4.745  18.996  0.053   1.00 42.95  ? 306 SO4 A O1  1 
HETATM 1160 O O2  . SO4 G 4 .   ? -6.409  20.463  -0.862  1.00 44.25  ? 306 SO4 A O2  1 
HETATM 1161 O O3  . SO4 G 4 .   ? -5.820  18.494  -2.086  1.00 42.63  ? 306 SO4 A O3  1 
HETATM 1162 O O4  . SO4 G 4 .   ? -4.269  20.272  -1.905  1.00 49.33  ? 306 SO4 A O4  1 
HETATM 1163 S S   . SO4 H 4 .   ? 12.611  -17.278 6.841   1.00 56.44  ? 307 SO4 A S   1 
HETATM 1164 O O1  . SO4 H 4 .   ? 12.021  -16.584 7.995   1.00 54.56  ? 307 SO4 A O1  1 
HETATM 1165 O O2  . SO4 H 4 .   ? 14.052  -17.008 6.747   1.00 54.12  ? 307 SO4 A O2  1 
HETATM 1166 O O3  . SO4 H 4 .   ? 12.374  -18.713 7.003   1.00 57.87  ? 307 SO4 A O3  1 
HETATM 1167 O O4  . SO4 H 4 .   ? 11.978  -16.829 5.603   1.00 57.93  ? 307 SO4 A O4  1 
HETATM 1168 O O   . HOH I 5 .   ? 10.762  -5.251  -5.849  1.00 26.49  ? 401 HOH A O   1 
HETATM 1169 O O   . HOH I 5 .   ? 4.738   -14.689 4.933   1.00 48.70  ? 402 HOH A O   1 
HETATM 1170 O O   . HOH I 5 .   ? -12.513 -5.609  -1.166  1.00 19.25  ? 403 HOH A O   1 
HETATM 1171 O O   . HOH I 5 .   ? -8.289  14.481  -9.539  1.00 61.20  ? 404 HOH A O   1 
HETATM 1172 O O   . HOH I 5 .   ? 0.198   -11.367 0.482   1.00 25.56  ? 405 HOH A O   1 
HETATM 1173 O O   . HOH I 5 .   ? 10.788  11.819  -6.470  1.00 46.40  ? 406 HOH A O   1 
HETATM 1174 O O   . HOH I 5 .   ? -3.329  0.094   9.623   0.50 23.45  ? 407 HOH A O   1 
HETATM 1175 O O   . HOH I 5 .   ? 8.104   7.562   -1.483  1.00 29.38  ? 408 HOH A O   1 
HETATM 1176 O O   . HOH I 5 .   ? -15.696 13.968  -7.993  1.00 60.08  ? 409 HOH A O   1 
HETATM 1177 O O   . HOH I 5 .   ? 14.156  6.709   -7.203  1.00 52.99  ? 410 HOH A O   1 
HETATM 1178 O O   . HOH I 5 .   ? -4.273  16.334  0.209   1.00 30.29  ? 411 HOH A O   1 
HETATM 1179 O O   . HOH I 5 .   ? -9.491  4.843   5.016   1.00 11.68  ? 412 HOH A O   1 
HETATM 1180 O O   . HOH I 5 .   ? -8.838  5.128   -13.557 1.00 58.37  ? 413 HOH A O   1 
HETATM 1181 O O   . HOH I 5 .   ? -15.248 -5.590  5.147   1.00 36.18  ? 414 HOH A O   1 
HETATM 1182 O O   . HOH I 5 .   ? -1.209  10.073  7.778   0.60 56.00  ? 415 HOH A O   1 
HETATM 1183 O O   . HOH I 5 .   ? 21.880  0.511   -0.694  1.00 54.92  ? 416 HOH A O   1 
HETATM 1184 O O   . HOH I 5 .   ? 10.992  13.189  2.008   1.00 58.28  ? 417 HOH A O   1 
HETATM 1185 O O   . HOH I 5 .   ? -17.443 -8.797  8.480   1.00 51.12  ? 418 HOH A O   1 
HETATM 1186 O O   . HOH I 5 .   ? -1.066  13.447  3.332   1.00 40.36  ? 419 HOH A O   1 
HETATM 1187 O O   . HOH I 5 .   ? 17.414  6.087   -4.341  1.00 40.90  ? 420 HOH A O   1 
HETATM 1188 O O   . HOH I 5 .   ? 8.140   -0.674  -12.936 1.00 39.86  ? 421 HOH A O   1 
HETATM 1189 O O   . HOH I 5 .   ? 4.379   11.978  5.059   1.00 51.01  ? 422 HOH A O   1 
HETATM 1190 O O   . HOH I 5 .   ? 8.071   -6.629  9.876   1.00 21.24  ? 423 HOH A O   1 
HETATM 1191 O O   . HOH I 5 .   ? -8.333  21.956  6.130   1.00 34.34  ? 424 HOH A O   1 
HETATM 1192 O O   . HOH I 5 .   ? -4.494  18.257  -4.531  1.00 47.88  ? 425 HOH A O   1 
HETATM 1193 O O   . HOH I 5 .   ? 6.285   8.833   4.995   0.60 56.22  ? 426 HOH A O   1 
HETATM 1194 O O   . HOH I 5 .   ? -2.875  -18.316 5.446   1.00 49.67  ? 427 HOH A O   1 
HETATM 1195 O O   . HOH I 5 .   ? -17.199 -0.812  -0.370  1.00 31.03  ? 428 HOH A O   1 
HETATM 1196 O O   . HOH I 5 .   ? -11.256 -6.618  -3.329  1.00 47.80  ? 429 HOH A O   1 
HETATM 1197 O O   . HOH I 5 .   ? 16.419  -2.091  -4.974  1.00 33.42  ? 430 HOH A O   1 
HETATM 1198 O O   . HOH I 5 .   ? 5.643   -6.840  10.859  1.00 18.62  ? 431 HOH A O   1 
HETATM 1199 O O   . HOH I 5 .   ? 18.597  12.198  7.488   1.00 38.39  ? 432 HOH A O   1 
HETATM 1200 O O   . HOH I 5 .   ? 11.252  -11.128 6.899   1.00 32.61  ? 433 HOH A O   1 
HETATM 1201 O O   . HOH I 5 .   ? -7.607  -3.649  -9.431  1.00 76.87  ? 434 HOH A O   1 
HETATM 1202 O O   . HOH I 5 .   ? 15.215  -10.477 -4.500  1.00 46.24  ? 435 HOH A O   1 
HETATM 1203 O O   . HOH I 5 .   ? 13.322  7.265   -4.490  1.00 38.80  ? 436 HOH A O   1 
HETATM 1204 O O   . HOH I 5 .   ? 16.280  -8.756  1.332   1.00 55.92  ? 437 HOH A O   1 
HETATM 1205 O O   . HOH I 5 .   ? 18.555  9.704   11.735  1.00 29.69  ? 438 HOH A O   1 
HETATM 1206 O O   . HOH I 5 .   ? 17.752  -3.700  4.780   1.00 43.22  ? 439 HOH A O   1 
HETATM 1207 O O   . HOH I 5 .   ? -17.436 4.305   -5.478  1.00 44.69  ? 440 HOH A O   1 
HETATM 1208 O O   . HOH I 5 .   ? 14.889  -4.063  -3.574  1.00 52.72  ? 441 HOH A O   1 
HETATM 1209 O O   . HOH I 5 .   ? 21.014  6.104   0.045   1.00 40.41  ? 442 HOH A O   1 
HETATM 1210 O O   . HOH I 5 .   ? -3.452  -8.468  -5.231  1.00 46.49  ? 443 HOH A O   1 
HETATM 1211 O O   . HOH I 5 .   ? -3.981  15.042  -12.149 1.00 58.71  ? 444 HOH A O   1 
HETATM 1212 O O   . HOH I 5 .   ? -19.343 -11.480 6.265   1.00 60.68  ? 445 HOH A O   1 
HETATM 1213 O O   . HOH I 5 .   ? 10.186  -8.808  12.335  1.00 40.94  ? 446 HOH A O   1 
HETATM 1214 O O   . HOH I 5 .   ? -0.393  14.564  -11.215 1.00 48.84  ? 447 HOH A O   1 
HETATM 1215 O O   . HOH I 5 .   ? -19.803 13.702  1.810   1.00 47.67  ? 448 HOH A O   1 
HETATM 1216 O O   . HOH I 5 .   ? -8.520  10.140  -10.174 1.00 52.42  ? 449 HOH A O   1 
HETATM 1217 O O   . HOH I 5 .   ? -13.981 8.290   -11.682 1.00 44.20  ? 450 HOH A O   1 
HETATM 1218 O O   . HOH I 5 .   ? -16.402 -2.827  8.647   1.00 52.99  ? 451 HOH A O   1 
HETATM 1219 O O   . HOH I 5 .   ? -3.373  18.737  3.142   1.00 63.95  ? 452 HOH A O   1 
HETATM 1220 O O   . HOH I 5 .   ? -2.350  2.916   9.214   0.50 39.97  ? 453 HOH A O   1 
HETATM 1221 O O   . HOH I 5 .   ? -10.596 24.113  5.383   1.00 43.58  ? 454 HOH A O   1 
HETATM 1222 O O   . HOH I 5 .   ? 4.042   12.231  9.151   1.00 69.53  ? 455 HOH A O   1 
HETATM 1223 O O   . HOH I 5 .   ? -20.081 -4.492  -1.110  1.00 49.44  ? 456 HOH A O   1 
HETATM 1224 O O   . HOH I 5 .   ? 17.404  -5.104  -3.317  1.00 61.78  ? 457 HOH A O   1 
HETATM 1225 O O   . HOH I 5 .   ? 4.617   -8.894  -5.358  1.00 49.54  ? 458 HOH A O   1 
HETATM 1226 O O   . HOH I 5 .   ? 19.583  7.841   2.134   1.00 62.28  ? 459 HOH A O   1 
HETATM 1227 O O   . HOH I 5 .   ? -1.088  17.760  4.309   1.00 47.89  ? 460 HOH A O   1 
HETATM 1228 O O   . HOH I 5 .   ? 15.441  9.979   -1.748  1.00 34.67  ? 461 HOH A O   1 
HETATM 1229 O O   . HOH I 5 .   ? 8.009   -13.070 -2.320  1.00 61.56  ? 462 HOH A O   1 
HETATM 1230 O O   . HOH I 5 .   ? 20.714  7.743   10.941  1.00 46.11  ? 463 HOH A O   1 
HETATM 1231 O O   . HOH I 5 .   ? 23.784  7.400   4.650   1.00 54.93  ? 464 HOH A O   1 
HETATM 1232 O O   . HOH I 5 .   ? 9.152   -7.557  -12.446 1.00 49.11  ? 465 HOH A O   1 
HETATM 1233 O O   . HOH I 5 .   ? 3.074   14.539  -8.895  1.00 62.24  ? 466 HOH A O   1 
HETATM 1234 O O   . HOH I 5 .   ? 16.424  -6.929  3.346   1.00 52.65  ? 467 HOH A O   1 
HETATM 1235 O O   . HOH I 5 .   ? -7.345  -12.166 -4.034  1.00 74.50  ? 468 HOH A O   1 
HETATM 1236 O O   . HOH I 5 .   ? -14.038 17.351  -7.574  1.00 51.80  ? 469 HOH A O   1 
HETATM 1237 O O   . HOH I 5 .   ? 15.500  10.498  0.923   1.00 32.74  ? 470 HOH A O   1 
HETATM 1238 O O   . HOH I 5 .   ? 6.657   3.541   -11.146 1.00 53.04  ? 471 HOH A O   1 
HETATM 1239 O O   . HOH I 5 .   ? 15.437  7.464   -2.797  1.00 51.77  ? 472 HOH A O   1 
HETATM 1240 O O   . HOH I 5 .   ? -9.813  7.616   -13.081 1.00 53.06  ? 473 HOH A O   1 
HETATM 1241 O O   . HOH I 5 .   ? 12.636  7.794   -9.191  1.00 58.04  ? 474 HOH A O   1 
HETATM 1242 O O   . HOH I 5 .   ? 1.321   15.831  0.735   1.00 45.88  ? 475 HOH A O   1 
HETATM 1243 O O   . HOH I 5 .   ? -9.817  12.299  -9.190  1.00 49.19  ? 476 HOH A O   1 
HETATM 1244 O O   . HOH I 5 .   ? 1.532   -3.869  -13.856 1.00 67.40  ? 477 HOH A O   1 
HETATM 1245 O O   . HOH I 5 .   ? 0.727   -22.352 10.042  1.00 58.15  ? 478 HOH A O   1 
HETATM 1246 O O   . HOH I 5 .   ? 7.974   12.045  -7.736  1.00 38.19  ? 479 HOH A O   1 
HETATM 1247 O O   . HOH I 5 .   ? 3.392   -13.058 8.084   1.00 50.71  ? 480 HOH A O   1 
HETATM 1248 O O   . HOH I 5 .   ? 18.138  -7.677  -10.531 1.00 49.84  ? 481 HOH A O   1 
HETATM 1249 O O   . HOH I 5 .   ? -0.792  -15.039 -3.225  1.00 50.51  ? 482 HOH A O   1 
HETATM 1250 O O   . HOH I 5 .   ? -16.214 19.687  -0.205  1.00 66.17  ? 483 HOH A O   1 
HETATM 1251 O O   . HOH I 5 .   ? 8.840   -12.603 -6.485  1.00 53.77  ? 484 HOH A O   1 
HETATM 1252 O O   . HOH I 5 .   ? 15.112  -10.306 7.020   1.00 55.11  ? 485 HOH A O   1 
HETATM 1253 O O   . HOH I 5 .   ? -1.439  15.936  1.487   1.00 41.45  ? 486 HOH A O   1 
HETATM 1254 O O   . HOH I 5 .   ? 0.238   -11.036 13.323  1.00 44.85  ? 487 HOH A O   1 
HETATM 1255 O O   . HOH I 5 .   ? 1.427   -13.612 -2.575  1.00 61.72  ? 488 HOH A O   1 
HETATM 1256 O O   . HOH I 5 .   ? 16.718  7.597   -6.822  1.00 41.19  ? 489 HOH A O   1 
HETATM 1257 O O   . HOH I 5 .   ? -9.750  -18.463 10.920  1.00 60.00  ? 490 HOH A O   1 
HETATM 1258 O O   . HOH I 5 .   ? -11.724 10.443  -12.621 1.00 69.68  ? 491 HOH A O   1 
HETATM 1259 O O   . HOH I 5 .   ? -7.511  14.401  -12.381 1.00 56.15  ? 492 HOH A O   1 
# 
